data_1O0K
# 
_entry.id   1O0K 
# 
_audit_conform.dict_name       mmcif_pdbx.dic 
_audit_conform.dict_version    5.389 
_audit_conform.dict_location   http://mmcif.pdb.org/dictionaries/ascii/mmcif_pdbx.dic 
# 
loop_
_database_2.database_id 
_database_2.database_code 
_database_2.pdbx_database_accession 
_database_2.pdbx_DOI 
PDB   1O0K         pdb_00001o0k 10.2210/pdb1o0k/pdb 
NDB   DD0055       ?            ?                   
RCSB  RCSB018423   ?            ?                   
WWPDB D_1000018423 ?            ?                   
# 
loop_
_pdbx_audit_revision_history.ordinal 
_pdbx_audit_revision_history.data_content_type 
_pdbx_audit_revision_history.major_revision 
_pdbx_audit_revision_history.minor_revision 
_pdbx_audit_revision_history.revision_date 
1 'Structure model' 1 0 2003-04-15 
2 'Structure model' 1 1 2008-04-29 
3 'Structure model' 1 2 2011-07-13 
4 'Structure model' 1 3 2024-02-14 
5 'Structure model' 1 4 2024-04-03 
# 
_pdbx_audit_revision_details.ordinal             1 
_pdbx_audit_revision_details.revision_ordinal    1 
_pdbx_audit_revision_details.data_content_type   'Structure model' 
_pdbx_audit_revision_details.provider            repository 
_pdbx_audit_revision_details.type                'Initial release' 
_pdbx_audit_revision_details.description         ? 
_pdbx_audit_revision_details.details             ? 
# 
loop_
_pdbx_audit_revision_group.ordinal 
_pdbx_audit_revision_group.revision_ordinal 
_pdbx_audit_revision_group.data_content_type 
_pdbx_audit_revision_group.group 
1 2 'Structure model' 'Version format compliance' 
2 3 'Structure model' 'Version format compliance' 
3 4 'Structure model' 'Data collection'           
4 4 'Structure model' 'Database references'       
5 4 'Structure model' 'Derived calculations'      
6 5 'Structure model' 'Refinement description'    
# 
loop_
_pdbx_audit_revision_category.ordinal 
_pdbx_audit_revision_category.revision_ordinal 
_pdbx_audit_revision_category.data_content_type 
_pdbx_audit_revision_category.category 
1 4 'Structure model' chem_comp_atom                
2 4 'Structure model' chem_comp_bond                
3 4 'Structure model' database_2                    
4 4 'Structure model' pdbx_struct_conn_angle        
5 4 'Structure model' struct_conn                   
6 4 'Structure model' struct_site                   
7 5 'Structure model' pdbx_initial_refinement_model 
# 
loop_
_pdbx_audit_revision_item.ordinal 
_pdbx_audit_revision_item.revision_ordinal 
_pdbx_audit_revision_item.data_content_type 
_pdbx_audit_revision_item.item 
1  4 'Structure model' '_database_2.pdbx_DOI'                        
2  4 'Structure model' '_database_2.pdbx_database_accession'         
3  4 'Structure model' '_pdbx_struct_conn_angle.ptnr1_auth_asym_id'  
4  4 'Structure model' '_pdbx_struct_conn_angle.ptnr1_auth_seq_id'   
5  4 'Structure model' '_pdbx_struct_conn_angle.ptnr1_label_asym_id' 
6  4 'Structure model' '_pdbx_struct_conn_angle.ptnr1_label_seq_id'  
7  4 'Structure model' '_pdbx_struct_conn_angle.ptnr3_auth_asym_id'  
8  4 'Structure model' '_pdbx_struct_conn_angle.ptnr3_auth_seq_id'   
9  4 'Structure model' '_pdbx_struct_conn_angle.ptnr3_label_asym_id' 
10 4 'Structure model' '_pdbx_struct_conn_angle.ptnr3_label_seq_id'  
11 4 'Structure model' '_pdbx_struct_conn_angle.value'               
12 4 'Structure model' '_struct_conn.pdbx_dist_value'                
13 4 'Structure model' '_struct_conn.ptnr1_auth_asym_id'             
14 4 'Structure model' '_struct_conn.ptnr1_auth_comp_id'             
15 4 'Structure model' '_struct_conn.ptnr1_auth_seq_id'              
16 4 'Structure model' '_struct_conn.ptnr1_label_asym_id'            
17 4 'Structure model' '_struct_conn.ptnr1_label_atom_id'            
18 4 'Structure model' '_struct_conn.ptnr1_label_comp_id'            
19 4 'Structure model' '_struct_conn.ptnr1_label_seq_id'             
20 4 'Structure model' '_struct_conn.ptnr2_auth_asym_id'             
21 4 'Structure model' '_struct_conn.ptnr2_auth_comp_id'             
22 4 'Structure model' '_struct_conn.ptnr2_auth_seq_id'              
23 4 'Structure model' '_struct_conn.ptnr2_label_asym_id'            
24 4 'Structure model' '_struct_conn.ptnr2_label_atom_id'            
25 4 'Structure model' '_struct_conn.ptnr2_label_comp_id'            
26 4 'Structure model' '_struct_conn.ptnr2_label_seq_id'             
27 4 'Structure model' '_struct_site.pdbx_auth_asym_id'              
28 4 'Structure model' '_struct_site.pdbx_auth_comp_id'              
29 4 'Structure model' '_struct_site.pdbx_auth_seq_id'               
# 
_pdbx_database_status.status_code                     REL 
_pdbx_database_status.entry_id                        1O0K 
_pdbx_database_status.recvd_initial_deposition_date   2003-02-22 
_pdbx_database_status.deposit_site                    RCSB 
_pdbx_database_status.process_site                    RCSB 
_pdbx_database_status.status_code_sf                  REL 
_pdbx_database_status.SG_entry                        . 
_pdbx_database_status.status_code_mr                  ? 
_pdbx_database_status.pdb_format_compatible           Y 
_pdbx_database_status.status_code_cs                  ? 
_pdbx_database_status.status_code_nmr_data            ? 
_pdbx_database_status.methods_development_category    ? 
# 
loop_
_audit_author.name 
_audit_author.pdbx_ordinal 
'Clark, G.R.'  1 
'Pytel, P.D.'  2 
'Squire, C.J.' 3 
'Neidle, S.'   4 
# 
_citation.id                        primary 
_citation.title                     'Structure of the First Parallel DNA Quadruplex-drug Complex' 
_citation.journal_abbrev            J.Am.Chem.Soc. 
_citation.journal_volume            125 
_citation.page_first                4066 
_citation.page_last                 4067 
_citation.year                      2003 
_citation.journal_id_ASTM           JACSAT 
_citation.country                   US 
_citation.journal_id_ISSN           0002-7863 
_citation.journal_id_CSD            0004 
_citation.book_publisher            ? 
_citation.pdbx_database_id_PubMed   12670225 
_citation.pdbx_database_id_DOI      10.1021/ja0297988 
# 
loop_
_citation_author.citation_id 
_citation_author.name 
_citation_author.ordinal 
_citation_author.identifier_ORCID 
primary 'Clark, G.R.'  1 ? 
primary 'Pytel, P.D.'  2 ? 
primary 'Squire, C.J.' 3 ? 
primary 'Neidle, S.'   4 ? 
# 
loop_
_entity.id 
_entity.type 
_entity.src_method 
_entity.pdbx_description 
_entity.formula_weight 
_entity.pdbx_number_of_molecules 
_entity.pdbx_ec 
_entity.pdbx_mutation 
_entity.pdbx_fragment 
_entity.details 
1 polymer     syn "5'-D(*TP*GP*GP*GP*GP*T)-3'" 1880.251 4   ? ? ? ? 
2 non-polymer syn 'SODIUM ION'                 22.990   3   ? ? ? ? 
3 non-polymer syn DAUNOMYCIN                   527.520  3   ? ? ? ? 
4 water       nat water                        18.015   167 ? ? ? ? 
# 
_entity_poly.entity_id                      1 
_entity_poly.type                           polydeoxyribonucleotide 
_entity_poly.nstd_linkage                   no 
_entity_poly.nstd_monomer                   no 
_entity_poly.pdbx_seq_one_letter_code       '(DT)(DG)(DG)(DG)(DG)(DT)' 
_entity_poly.pdbx_seq_one_letter_code_can   TGGGGT 
_entity_poly.pdbx_strand_id                 A,B,C,D 
_entity_poly.pdbx_target_identifier         ? 
# 
loop_
_pdbx_entity_nonpoly.entity_id 
_pdbx_entity_nonpoly.name 
_pdbx_entity_nonpoly.comp_id 
2 'SODIUM ION' NA  
3 DAUNOMYCIN   DM1 
4 water        HOH 
# 
loop_
_entity_poly_seq.entity_id 
_entity_poly_seq.num 
_entity_poly_seq.mon_id 
_entity_poly_seq.hetero 
1 1 DT n 
1 2 DG n 
1 3 DG n 
1 4 DG n 
1 5 DG n 
1 6 DT n 
# 
_pdbx_entity_src_syn.entity_id              1 
_pdbx_entity_src_syn.pdbx_src_id            1 
_pdbx_entity_src_syn.pdbx_alt_source_flag   sample 
_pdbx_entity_src_syn.pdbx_beg_seq_num       ? 
_pdbx_entity_src_syn.pdbx_end_seq_num       ? 
_pdbx_entity_src_syn.organism_scientific    ? 
_pdbx_entity_src_syn.organism_common_name   ? 
_pdbx_entity_src_syn.ncbi_taxonomy_id       ? 
_pdbx_entity_src_syn.details                'TGGGGT synthesized by OSWEL' 
# 
loop_
_chem_comp.id 
_chem_comp.type 
_chem_comp.mon_nstd_flag 
_chem_comp.name 
_chem_comp.pdbx_synonyms 
_chem_comp.formula 
_chem_comp.formula_weight 
DG  'DNA linking' y "2'-DEOXYGUANOSINE-5'-MONOPHOSPHATE" ?            'C10 H14 N5 O7 P' 347.221 
DM1 non-polymer   . DAUNOMYCIN                           DAUNORUBICIN 'C27 H29 N O10'   527.520 
DT  'DNA linking' y "THYMIDINE-5'-MONOPHOSPHATE"         ?            'C10 H15 N2 O8 P' 322.208 
HOH non-polymer   . WATER                                ?            'H2 O'            18.015  
NA  non-polymer   . 'SODIUM ION'                         ?            'Na 1'            22.990  
# 
loop_
_pdbx_poly_seq_scheme.asym_id 
_pdbx_poly_seq_scheme.entity_id 
_pdbx_poly_seq_scheme.seq_id 
_pdbx_poly_seq_scheme.mon_id 
_pdbx_poly_seq_scheme.ndb_seq_num 
_pdbx_poly_seq_scheme.pdb_seq_num 
_pdbx_poly_seq_scheme.auth_seq_num 
_pdbx_poly_seq_scheme.pdb_mon_id 
_pdbx_poly_seq_scheme.auth_mon_id 
_pdbx_poly_seq_scheme.pdb_strand_id 
_pdbx_poly_seq_scheme.pdb_ins_code 
_pdbx_poly_seq_scheme.hetero 
A 1 1 DT 1 1001 1001 DT T A . n 
A 1 2 DG 2 1002 1002 DG G A . n 
A 1 3 DG 3 1003 1003 DG G A . n 
A 1 4 DG 4 1004 1004 DG G A . n 
A 1 5 DG 5 1005 1005 DG G A . n 
A 1 6 DT 6 1006 1006 DT T A . n 
B 1 1 DT 1 1007 1007 DT T B . n 
B 1 2 DG 2 1008 1008 DG G B . n 
B 1 3 DG 3 1009 1009 DG G B . n 
B 1 4 DG 4 1010 1010 DG G B . n 
B 1 5 DG 5 1011 1011 DG G B . n 
B 1 6 DT 6 1012 1012 DT T B . n 
C 1 1 DT 1 1013 1013 DT T C . n 
C 1 2 DG 2 1014 1014 DG G C . n 
C 1 3 DG 3 1015 1015 DG G C . n 
C 1 4 DG 4 1016 1016 DG G C . n 
C 1 5 DG 5 1017 1017 DG G C . n 
C 1 6 DT 6 1018 1018 DT T C . n 
D 1 1 DT 1 1019 1019 DT T D . n 
D 1 2 DG 2 1020 1020 DG G D . n 
D 1 3 DG 3 1021 1021 DG G D . n 
D 1 4 DG 4 1022 1022 DG G D . n 
D 1 5 DG 5 1023 1023 DG G D . n 
D 1 6 DT 6 1024 1024 DT T D . n 
# 
loop_
_pdbx_nonpoly_scheme.asym_id 
_pdbx_nonpoly_scheme.entity_id 
_pdbx_nonpoly_scheme.mon_id 
_pdbx_nonpoly_scheme.ndb_seq_num 
_pdbx_nonpoly_scheme.pdb_seq_num 
_pdbx_nonpoly_scheme.auth_seq_num 
_pdbx_nonpoly_scheme.pdb_mon_id 
_pdbx_nonpoly_scheme.auth_mon_id 
_pdbx_nonpoly_scheme.pdb_strand_id 
_pdbx_nonpoly_scheme.pdb_ins_code 
E 2 NA  1  28   28   NA  NA  A . 
F 2 NA  1  30   30   NA  NA  A . 
G 3 DM1 1  25   25   DM1 DM1 B . 
H 3 DM1 1  27   27   DM1 DM1 C . 
I 2 NA  1  29   29   NA  NA  C . 
J 3 DM1 1  26   26   DM1 DM1 D . 
K 4 HOH 1  1112 1112 HOH HOH A . 
K 4 HOH 2  1113 1113 HOH HOH A . 
K 4 HOH 3  1114 1114 HOH HOH A . 
K 4 HOH 4  1116 1116 HOH HOH A . 
K 4 HOH 5  1118 1118 HOH HOH A . 
K 4 HOH 6  1119 1119 HOH HOH A . 
K 4 HOH 7  1130 1130 HOH HOH A . 
K 4 HOH 8  1135 1135 HOH HOH A . 
K 4 HOH 9  1136 1136 HOH HOH A . 
K 4 HOH 10 1139 1139 HOH HOH A . 
K 4 HOH 11 1141 1141 HOH HOH A . 
K 4 HOH 12 1146 1146 HOH HOH A . 
K 4 HOH 13 1151 1151 HOH HOH A . 
K 4 HOH 14 1154 1154 HOH HOH A . 
K 4 HOH 15 1157 1157 HOH HOH A . 
K 4 HOH 16 1161 1161 HOH HOH A . 
K 4 HOH 17 1162 1162 HOH HOH A . 
K 4 HOH 18 1169 1169 HOH HOH A . 
K 4 HOH 19 1172 1172 HOH HOH A . 
K 4 HOH 20 1174 1174 HOH HOH A . 
K 4 HOH 21 1178 1178 HOH HOH A . 
K 4 HOH 22 1186 1186 HOH HOH A . 
K 4 HOH 23 1190 1190 HOH HOH A . 
K 4 HOH 24 1197 1197 HOH HOH A . 
K 4 HOH 25 1201 1201 HOH HOH A . 
K 4 HOH 26 1203 1203 HOH HOH A . 
K 4 HOH 27 1210 1210 HOH HOH A . 
K 4 HOH 28 1211 1211 HOH HOH A . 
K 4 HOH 29 1212 1212 HOH HOH A . 
K 4 HOH 30 1214 1214 HOH HOH A . 
K 4 HOH 31 1221 1221 HOH HOH A . 
K 4 HOH 32 1234 1234 HOH HOH A . 
K 4 HOH 33 1236 1236 HOH HOH A . 
K 4 HOH 34 1243 1243 HOH HOH A . 
K 4 HOH 35 1245 1245 HOH HOH A . 
K 4 HOH 36 1253 1253 HOH HOH A . 
K 4 HOH 37 1254 1254 HOH HOH A . 
K 4 HOH 38 1255 1255 HOH HOH A . 
K 4 HOH 39 1257 1257 HOH HOH A . 
K 4 HOH 40 1259 1259 HOH HOH A . 
L 4 HOH 1  1103 1103 HOH HOH B . 
L 4 HOH 2  1107 1107 HOH HOH B . 
L 4 HOH 3  1111 1111 HOH HOH B . 
L 4 HOH 4  1122 1122 HOH HOH B . 
L 4 HOH 5  1124 1124 HOH HOH B . 
L 4 HOH 6  1131 1131 HOH HOH B . 
L 4 HOH 7  1137 1137 HOH HOH B . 
L 4 HOH 8  1145 1145 HOH HOH B . 
L 4 HOH 9  1147 1147 HOH HOH B . 
L 4 HOH 10 1170 1170 HOH HOH B . 
L 4 HOH 11 1177 1177 HOH HOH B . 
L 4 HOH 12 1180 1180 HOH HOH B . 
L 4 HOH 13 1182 1182 HOH HOH B . 
L 4 HOH 14 1184 1184 HOH HOH B . 
L 4 HOH 15 1185 1185 HOH HOH B . 
L 4 HOH 16 1187 1187 HOH HOH B . 
L 4 HOH 17 1189 1189 HOH HOH B . 
L 4 HOH 18 1195 1195 HOH HOH B . 
L 4 HOH 19 1199 1199 HOH HOH B . 
L 4 HOH 20 1204 1204 HOH HOH B . 
L 4 HOH 21 1207 1207 HOH HOH B . 
L 4 HOH 22 1209 1209 HOH HOH B . 
L 4 HOH 23 1217 1217 HOH HOH B . 
L 4 HOH 24 1219 1219 HOH HOH B . 
L 4 HOH 25 1223 1223 HOH HOH B . 
L 4 HOH 26 1224 1224 HOH HOH B . 
L 4 HOH 27 1225 1225 HOH HOH B . 
L 4 HOH 28 1229 1229 HOH HOH B . 
L 4 HOH 29 1231 1231 HOH HOH B . 
L 4 HOH 30 1233 1233 HOH HOH B . 
L 4 HOH 31 1235 1235 HOH HOH B . 
L 4 HOH 32 1248 1248 HOH HOH B . 
L 4 HOH 33 1250 1250 HOH HOH B . 
L 4 HOH 34 1251 1251 HOH HOH B . 
L 4 HOH 35 1258 1258 HOH HOH B . 
L 4 HOH 36 1262 1262 HOH HOH B . 
L 4 HOH 37 1264 1264 HOH HOH B . 
L 4 HOH 38 1265 1265 HOH HOH B . 
L 4 HOH 39 1267 1267 HOH HOH B . 
M 4 HOH 1  1106 1106 HOH HOH C . 
M 4 HOH 2  1110 1110 HOH HOH C . 
M 4 HOH 3  1115 1115 HOH HOH C . 
M 4 HOH 4  1121 1121 HOH HOH C . 
M 4 HOH 5  1125 1125 HOH HOH C . 
M 4 HOH 6  1126 1126 HOH HOH C . 
M 4 HOH 7  1127 1127 HOH HOH C . 
M 4 HOH 8  1128 1128 HOH HOH C . 
M 4 HOH 9  1129 1129 HOH HOH C . 
M 4 HOH 10 1132 1132 HOH HOH C . 
M 4 HOH 11 1133 1133 HOH HOH C . 
M 4 HOH 12 1134 1134 HOH HOH C . 
M 4 HOH 13 1138 1138 HOH HOH C . 
M 4 HOH 14 1142 1142 HOH HOH C . 
M 4 HOH 15 1143 1143 HOH HOH C . 
M 4 HOH 16 1144 1144 HOH HOH C . 
M 4 HOH 17 1149 1149 HOH HOH C . 
M 4 HOH 18 1150 1150 HOH HOH C . 
M 4 HOH 19 1152 1152 HOH HOH C . 
M 4 HOH 20 1155 1155 HOH HOH C . 
M 4 HOH 21 1156 1156 HOH HOH C . 
M 4 HOH 22 1159 1159 HOH HOH C . 
M 4 HOH 23 1160 1160 HOH HOH C . 
M 4 HOH 24 1164 1164 HOH HOH C . 
M 4 HOH 25 1166 1166 HOH HOH C . 
M 4 HOH 26 1167 1167 HOH HOH C . 
M 4 HOH 27 1173 1173 HOH HOH C . 
M 4 HOH 28 1175 1175 HOH HOH C . 
M 4 HOH 29 1179 1179 HOH HOH C . 
M 4 HOH 30 1183 1183 HOH HOH C . 
M 4 HOH 31 1191 1191 HOH HOH C . 
M 4 HOH 32 1194 1194 HOH HOH C . 
M 4 HOH 33 1196 1196 HOH HOH C . 
M 4 HOH 34 1198 1198 HOH HOH C . 
M 4 HOH 35 1200 1200 HOH HOH C . 
M 4 HOH 36 1202 1202 HOH HOH C . 
M 4 HOH 37 1205 1205 HOH HOH C . 
M 4 HOH 38 1213 1213 HOH HOH C . 
M 4 HOH 39 1215 1215 HOH HOH C . 
M 4 HOH 40 1218 1218 HOH HOH C . 
M 4 HOH 41 1222 1222 HOH HOH C . 
M 4 HOH 42 1227 1227 HOH HOH C . 
M 4 HOH 43 1228 1228 HOH HOH C . 
M 4 HOH 44 1237 1237 HOH HOH C . 
M 4 HOH 45 1239 1239 HOH HOH C . 
M 4 HOH 46 1240 1240 HOH HOH C . 
M 4 HOH 47 1246 1246 HOH HOH C . 
M 4 HOH 48 1263 1263 HOH HOH C . 
M 4 HOH 49 1266 1266 HOH HOH C . 
N 4 HOH 1  1101 1101 HOH HOH D . 
N 4 HOH 2  1102 1102 HOH HOH D . 
N 4 HOH 3  1104 1104 HOH HOH D . 
N 4 HOH 4  1105 1105 HOH HOH D . 
N 4 HOH 5  1108 1108 HOH HOH D . 
N 4 HOH 6  1109 1109 HOH HOH D . 
N 4 HOH 7  1117 1117 HOH HOH D . 
N 4 HOH 8  1120 1120 HOH HOH D . 
N 4 HOH 9  1123 1123 HOH HOH D . 
N 4 HOH 10 1140 1140 HOH HOH D . 
N 4 HOH 11 1148 1148 HOH HOH D . 
N 4 HOH 12 1153 1153 HOH HOH D . 
N 4 HOH 13 1158 1158 HOH HOH D . 
N 4 HOH 14 1163 1163 HOH HOH D . 
N 4 HOH 15 1165 1165 HOH HOH D . 
N 4 HOH 16 1168 1168 HOH HOH D . 
N 4 HOH 17 1171 1171 HOH HOH D . 
N 4 HOH 18 1176 1176 HOH HOH D . 
N 4 HOH 19 1181 1181 HOH HOH D . 
N 4 HOH 20 1188 1188 HOH HOH D . 
N 4 HOH 21 1192 1192 HOH HOH D . 
N 4 HOH 22 1193 1193 HOH HOH D . 
N 4 HOH 23 1206 1206 HOH HOH D . 
N 4 HOH 24 1208 1208 HOH HOH D . 
N 4 HOH 25 1216 1216 HOH HOH D . 
N 4 HOH 26 1220 1220 HOH HOH D . 
N 4 HOH 27 1226 1226 HOH HOH D . 
N 4 HOH 28 1230 1230 HOH HOH D . 
N 4 HOH 29 1232 1232 HOH HOH D . 
N 4 HOH 30 1238 1238 HOH HOH D . 
N 4 HOH 31 1241 1241 HOH HOH D . 
N 4 HOH 32 1242 1242 HOH HOH D . 
N 4 HOH 33 1244 1244 HOH HOH D . 
N 4 HOH 34 1247 1247 HOH HOH D . 
N 4 HOH 35 1249 1249 HOH HOH D . 
N 4 HOH 36 1252 1252 HOH HOH D . 
N 4 HOH 37 1256 1256 HOH HOH D . 
N 4 HOH 38 1260 1260 HOH HOH D . 
N 4 HOH 39 1261 1261 HOH HOH D . 
# 
loop_
_pdbx_unobs_or_zero_occ_atoms.id 
_pdbx_unobs_or_zero_occ_atoms.PDB_model_num 
_pdbx_unobs_or_zero_occ_atoms.polymer_flag 
_pdbx_unobs_or_zero_occ_atoms.occupancy_flag 
_pdbx_unobs_or_zero_occ_atoms.auth_asym_id 
_pdbx_unobs_or_zero_occ_atoms.auth_comp_id 
_pdbx_unobs_or_zero_occ_atoms.auth_seq_id 
_pdbx_unobs_or_zero_occ_atoms.PDB_ins_code 
_pdbx_unobs_or_zero_occ_atoms.auth_atom_id 
_pdbx_unobs_or_zero_occ_atoms.label_alt_id 
_pdbx_unobs_or_zero_occ_atoms.label_asym_id 
_pdbx_unobs_or_zero_occ_atoms.label_comp_id 
_pdbx_unobs_or_zero_occ_atoms.label_seq_id 
_pdbx_unobs_or_zero_occ_atoms.label_atom_id 
1  1 Y 1 A DT 1006 ? "C5'" ? A DT 6 "C5'" 
2  1 Y 1 A DT 1006 ? "C4'" ? A DT 6 "C4'" 
3  1 Y 1 A DT 1006 ? "O4'" ? A DT 6 "O4'" 
4  1 Y 1 A DT 1006 ? "C3'" ? A DT 6 "C3'" 
5  1 Y 1 A DT 1006 ? "O3'" ? A DT 6 "O3'" 
6  1 Y 1 A DT 1006 ? "C2'" ? A DT 6 "C2'" 
7  1 Y 1 A DT 1006 ? "C1'" ? A DT 6 "C1'" 
8  1 Y 1 A DT 1006 ? N1    ? A DT 6 N1    
9  1 Y 1 A DT 1006 ? C2    ? A DT 6 C2    
10 1 Y 1 A DT 1006 ? O2    ? A DT 6 O2    
11 1 Y 1 A DT 1006 ? N3    ? A DT 6 N3    
12 1 Y 1 A DT 1006 ? C4    ? A DT 6 C4    
13 1 Y 1 A DT 1006 ? O4    ? A DT 6 O4    
14 1 Y 1 A DT 1006 ? C5    ? A DT 6 C5    
15 1 Y 1 A DT 1006 ? C7    ? A DT 6 C7    
16 1 Y 1 A DT 1006 ? C6    ? A DT 6 C6    
17 1 Y 1 B DT 1007 ? "O5'" ? B DT 1 "O5'" 
18 1 Y 1 B DT 1007 ? "C5'" ? B DT 1 "C5'" 
19 1 Y 1 B DT 1007 ? "C4'" ? B DT 1 "C4'" 
20 1 Y 1 B DT 1007 ? "O4'" ? B DT 1 "O4'" 
21 1 Y 1 B DT 1007 ? "C3'" ? B DT 1 "C3'" 
22 1 Y 1 B DT 1007 ? "C2'" ? B DT 1 "C2'" 
23 1 Y 1 B DT 1007 ? "C1'" ? B DT 1 "C1'" 
24 1 Y 1 B DT 1007 ? N1    ? B DT 1 N1    
25 1 Y 1 B DT 1007 ? C2    ? B DT 1 C2    
26 1 Y 1 B DT 1007 ? O2    ? B DT 1 O2    
27 1 Y 1 B DT 1007 ? N3    ? B DT 1 N3    
28 1 Y 1 B DT 1007 ? C4    ? B DT 1 C4    
29 1 Y 1 B DT 1007 ? O4    ? B DT 1 O4    
30 1 Y 1 B DT 1007 ? C5    ? B DT 1 C5    
31 1 Y 1 B DT 1007 ? C7    ? B DT 1 C7    
32 1 Y 1 B DT 1007 ? C6    ? B DT 1 C6    
33 1 Y 1 B DT 1012 ? "C5'" ? B DT 6 "C5'" 
34 1 Y 1 B DT 1012 ? "C4'" ? B DT 6 "C4'" 
35 1 Y 1 B DT 1012 ? "O4'" ? B DT 6 "O4'" 
36 1 Y 1 B DT 1012 ? "C3'" ? B DT 6 "C3'" 
37 1 Y 1 B DT 1012 ? "O3'" ? B DT 6 "O3'" 
38 1 Y 1 B DT 1012 ? "C2'" ? B DT 6 "C2'" 
39 1 Y 1 B DT 1012 ? "C1'" ? B DT 6 "C1'" 
40 1 Y 1 B DT 1012 ? N1    ? B DT 6 N1    
41 1 Y 1 B DT 1012 ? C2    ? B DT 6 C2    
42 1 Y 1 B DT 1012 ? O2    ? B DT 6 O2    
43 1 Y 1 B DT 1012 ? N3    ? B DT 6 N3    
44 1 Y 1 B DT 1012 ? C4    ? B DT 6 C4    
45 1 Y 1 B DT 1012 ? O4    ? B DT 6 O4    
46 1 Y 1 B DT 1012 ? C5    ? B DT 6 C5    
47 1 Y 1 B DT 1012 ? C7    ? B DT 6 C7    
48 1 Y 1 B DT 1012 ? C6    ? B DT 6 C6    
49 1 Y 1 D DT 1019 ? "O5'" ? D DT 1 "O5'" 
50 1 Y 1 D DT 1019 ? "C5'" ? D DT 1 "C5'" 
51 1 Y 1 D DT 1024 ? "C5'" ? D DT 6 "C5'" 
52 1 Y 1 D DT 1024 ? "C4'" ? D DT 6 "C4'" 
53 1 Y 1 D DT 1024 ? "O4'" ? D DT 6 "O4'" 
54 1 Y 1 D DT 1024 ? "C3'" ? D DT 6 "C3'" 
55 1 Y 1 D DT 1024 ? "O3'" ? D DT 6 "O3'" 
56 1 Y 1 D DT 1024 ? "C2'" ? D DT 6 "C2'" 
57 1 Y 1 D DT 1024 ? "C1'" ? D DT 6 "C1'" 
58 1 Y 1 D DT 1024 ? N1    ? D DT 6 N1    
59 1 Y 1 D DT 1024 ? C2    ? D DT 6 C2    
60 1 Y 1 D DT 1024 ? O2    ? D DT 6 O2    
61 1 Y 1 D DT 1024 ? N3    ? D DT 6 N3    
62 1 Y 1 D DT 1024 ? C4    ? D DT 6 C4    
63 1 Y 1 D DT 1024 ? O4    ? D DT 6 O4    
64 1 Y 1 D DT 1024 ? C5    ? D DT 6 C5    
65 1 Y 1 D DT 1024 ? C7    ? D DT 6 C7    
66 1 Y 1 D DT 1024 ? C6    ? D DT 6 C6    
# 
loop_
_software.name 
_software.classification 
_software.version 
_software.citation_id 
_software.pdbx_ordinal 
DENZO     'data reduction' . ? 1 
SCALEPACK 'data scaling'   . ? 2 
AMoRE     phasing          . ? 3 
SHELXL-97 refinement       . ? 4 
# 
_cell.entry_id           1O0K 
_cell.length_a           53.004 
_cell.length_b           47.073 
_cell.length_c           31.865 
_cell.angle_alpha        90.00 
_cell.angle_beta         119.80 
_cell.angle_gamma        90.00 
_cell.Z_PDB              16 
_cell.pdbx_unique_axis   ? 
_cell.length_a_esd       ? 
_cell.length_b_esd       ? 
_cell.length_c_esd       ? 
_cell.angle_alpha_esd    ? 
_cell.angle_beta_esd     ? 
_cell.angle_gamma_esd    ? 
# 
_symmetry.entry_id                         1O0K 
_symmetry.space_group_name_H-M             'C 1 2 1' 
_symmetry.pdbx_full_space_group_name_H-M   ? 
_symmetry.cell_setting                     ? 
_symmetry.Int_Tables_number                5 
_symmetry.space_group_name_Hall            ? 
# 
_exptl.entry_id          1O0K 
_exptl.method            'X-RAY DIFFRACTION' 
_exptl.crystals_number   1 
# 
_exptl_crystal.id                    1 
_exptl_crystal.density_meas          ? 
_exptl_crystal.density_Matthews      2.22 
_exptl_crystal.density_percent_sol   44.54 
_exptl_crystal.description           ? 
_exptl_crystal.F_000                 ? 
_exptl_crystal.preparation           ? 
# 
_exptl_crystal_grow.crystal_id      1 
_exptl_crystal_grow.method          'VAPOR DIFFUSION, SITTING DROP' 
_exptl_crystal_grow.temp            278 
_exptl_crystal_grow.temp_details    ? 
_exptl_crystal_grow.pH              7.0 
_exptl_crystal_grow.pdbx_details    
'NaCl, Cacodylate buffer, Calcium Chloride, Spermine, MPD, pH 7.0, VAPOR DIFFUSION, SITTING DROP, temperature 278K' 
_exptl_crystal_grow.pdbx_pH_range   . 
# 
loop_
_exptl_crystal_grow_comp.crystal_id 
_exptl_crystal_grow_comp.id 
_exptl_crystal_grow_comp.sol_id 
_exptl_crystal_grow_comp.name 
_exptl_crystal_grow_comp.volume 
_exptl_crystal_grow_comp.conc 
_exptl_crystal_grow_comp.details 
1 1 1 NaCl                ? ? ? 
1 2 1 'Cacodylate buffer' ? ? ? 
1 3 1 'Calcium Chloride'  ? ? ? 
1 4 1 Spermine            ? ? ? 
1 5 1 MPD                 ? ? ? 
1 6 2 NaCl                ? ? ? 
1 7 2 'Calcium Chloride'  ? ? ? 
1 8 2 MPD                 ? ? ? 
# 
_diffrn.id                     1 
_diffrn.ambient_temp           130 
_diffrn.ambient_temp_details   ? 
_diffrn.crystal_id             1 
# 
_diffrn_detector.diffrn_id              1 
_diffrn_detector.detector               CCD 
_diffrn_detector.type                   'ADSC QUANTUM 4' 
_diffrn_detector.pdbx_collection_date   2001-11-19 
_diffrn_detector.details                ? 
# 
_diffrn_radiation.diffrn_id                        1 
_diffrn_radiation.wavelength_id                    1 
_diffrn_radiation.pdbx_monochromatic_or_laue_m_l   M 
_diffrn_radiation.monochromator                    ? 
_diffrn_radiation.pdbx_diffrn_protocol             'SINGLE WAVELENGTH' 
_diffrn_radiation.pdbx_scattering_type             x-ray 
# 
_diffrn_radiation_wavelength.id           1 
_diffrn_radiation_wavelength.wavelength   1.08 
_diffrn_radiation_wavelength.wt           1.0 
# 
_diffrn_source.diffrn_id                   1 
_diffrn_source.source                      SYNCHROTRON 
_diffrn_source.type                        SSRL 
_diffrn_source.pdbx_synchrotron_site       SSRL 
_diffrn_source.pdbx_synchrotron_beamline   ? 
_diffrn_source.pdbx_wavelength             ? 
_diffrn_source.pdbx_wavelength_list        1.08 
# 
_reflns.entry_id                     1O0K 
_reflns.observed_criterion_sigma_F   4.0 
_reflns.observed_criterion_sigma_I   2.0 
_reflns.d_resolution_high            1.17 
_reflns.d_resolution_low             99.0 
_reflns.number_all                   ? 
_reflns.number_obs                   20944 
_reflns.percent_possible_obs         95.3 
_reflns.pdbx_Rmerge_I_obs            0.055 
_reflns.pdbx_Rsym_value              ? 
_reflns.pdbx_netI_over_sigmaI        32.67 
_reflns.B_iso_Wilson_estimate        ? 
_reflns.pdbx_redundancy              6.3 
_reflns.R_free_details               ? 
_reflns.pdbx_chi_squared             ? 
_reflns.pdbx_scaling_rejects         ? 
_reflns.pdbx_diffrn_id               1 
_reflns.pdbx_ordinal                 1 
# 
_reflns_shell.d_res_high             1.17 
_reflns_shell.d_res_low              1.21 
_reflns_shell.percent_possible_all   87.7 
_reflns_shell.Rmerge_I_obs           0.198 
_reflns_shell.pdbx_Rsym_value        ? 
_reflns_shell.meanI_over_sigI_obs    6.8 
_reflns_shell.pdbx_redundancy        3.5 
_reflns_shell.percent_possible_obs   ? 
_reflns_shell.number_unique_all      2031 
_reflns_shell.number_measured_all    ? 
_reflns_shell.number_measured_obs    ? 
_reflns_shell.number_unique_obs      ? 
_reflns_shell.pdbx_chi_squared       ? 
_reflns_shell.pdbx_diffrn_id         ? 
_reflns_shell.pdbx_ordinal           1 
# 
_refine.entry_id                                 1O0K 
_refine.ls_d_res_high                            1.17 
_refine.ls_d_res_low                             10.0 
_refine.pdbx_ls_sigma_F                          4.0 
_refine.pdbx_ls_sigma_I                          ? 
_refine.ls_number_reflns_all                     20944 
_refine.ls_number_reflns_obs                     18761 
_refine.ls_number_reflns_R_free                  ? 
_refine.ls_percent_reflns_obs                    ? 
_refine.ls_R_factor_all                          ? 
_refine.ls_R_factor_obs                          ? 
_refine.ls_R_factor_R_work                       ? 
_refine.ls_R_factor_R_free                       ? 
_refine.ls_redundancy_reflns_obs                 ? 
_refine.pdbx_data_cutoff_high_absF               ? 
_refine.pdbx_data_cutoff_low_absF                ? 
_refine.ls_number_parameters                     ? 
_refine.ls_number_restraints                     ? 
_refine.ls_percent_reflns_R_free                 ? 
_refine.ls_R_factor_R_free_error                 ? 
_refine.ls_R_factor_R_free_error_details         ? 
_refine.pdbx_method_to_determine_struct          'MOLECULAR REPLACEMENT' 
_refine.pdbx_starting_model                      'The first G4 quadruplex from UDF062' 
_refine.pdbx_ls_cross_valid_method               THROUGHOUT 
_refine.pdbx_R_Free_selection_details            Random 
_refine.pdbx_stereochem_target_val_spec_case     ? 
_refine.pdbx_stereochemistry_target_values       SHELX 
_refine.solvent_model_details                    ? 
_refine.solvent_model_param_bsol                 ? 
_refine.solvent_model_param_ksol                 ? 
_refine.occupancy_max                            ? 
_refine.occupancy_min                            ? 
_refine.pdbx_isotropic_thermal_model             'Anisotropic, isotropic' 
_refine.B_iso_mean                               ? 
_refine.aniso_B[1][1]                            ? 
_refine.aniso_B[1][2]                            ? 
_refine.aniso_B[1][3]                            ? 
_refine.aniso_B[2][2]                            ? 
_refine.aniso_B[2][3]                            ? 
_refine.aniso_B[3][3]                            ? 
_refine.details                                  ? 
_refine.correlation_coeff_Fo_to_Fc               ? 
_refine.correlation_coeff_Fo_to_Fc_free          ? 
_refine.pdbx_solvent_vdw_probe_radii             ? 
_refine.pdbx_solvent_ion_probe_radii             ? 
_refine.pdbx_solvent_shrinkage_radii             ? 
_refine.overall_SU_R_Cruickshank_DPI             ? 
_refine.overall_SU_R_free                        ? 
_refine.overall_SU_B                             ? 
_refine.overall_SU_ML                            ? 
_refine.pdbx_overall_ESU_R                       ? 
_refine.pdbx_overall_ESU_R_Free                  ? 
_refine.pdbx_data_cutoff_high_rms_absF           ? 
_refine.pdbx_refine_id                           'X-RAY DIFFRACTION' 
_refine.pdbx_overall_phase_error                 ? 
_refine.ls_wR_factor_R_free                      ? 
_refine.ls_wR_factor_R_work                      ? 
_refine.overall_FOM_free_R_set                   ? 
_refine.overall_FOM_work_R_set                   ? 
_refine.pdbx_diffrn_id                           1 
_refine.pdbx_TLS_residual_ADP_flag               ? 
_refine.pdbx_overall_SU_R_free_Cruickshank_DPI   ? 
_refine.pdbx_overall_SU_R_Blow_DPI               ? 
_refine.pdbx_overall_SU_R_free_Blow_DPI          ? 
# 
_refine_hist.pdbx_refine_id                   'X-RAY DIFFRACTION' 
_refine_hist.cycle_id                         LAST 
_refine_hist.pdbx_number_atoms_protein        0 
_refine_hist.pdbx_number_atoms_nucleic_acid   434 
_refine_hist.pdbx_number_atoms_ligand         117 
_refine_hist.number_atoms_solvent             167 
_refine_hist.number_atoms_total               718 
_refine_hist.d_res_high                       1.17 
_refine_hist.d_res_low                        10.0 
# 
_pdbx_refine.entry_id                                    1O0K 
_pdbx_refine.R_factor_all_no_cutoff                      0.163 
_pdbx_refine.R_factor_obs_no_cutoff                      ? 
_pdbx_refine.number_reflns_obs_no_cutoff                 20944 
_pdbx_refine.free_R_factor_no_cutoff                     0.206 
_pdbx_refine.free_R_val_test_set_ct_no_cutoff            ? 
_pdbx_refine.free_R_val_test_set_size_perc_no_cutoff     ? 
_pdbx_refine.R_factor_all_4sig_cutoff                    ? 
_pdbx_refine.R_factor_obs_4sig_cutoff                    0.157 
_pdbx_refine.number_reflns_obs_4sig_cutoff               18761 
_pdbx_refine.free_R_factor_4sig_cutoff                   0.197 
_pdbx_refine.free_R_val_test_set_ct_4sig_cutoff          977 
_pdbx_refine.free_R_val_test_set_size_perc_4sig_cutoff   ? 
_pdbx_refine.pdbx_refine_id                              'X-RAY DIFFRACTION' 
_pdbx_refine.free_R_error_no_cutoff                      ? 
# 
_struct.entry_id                  1O0K 
_struct.title                     'Structure of the First Parallel DNA Quadruplex-drug Complex' 
_struct.pdbx_model_details        ? 
_struct.pdbx_CASP_flag            ? 
_struct.pdbx_model_type_details   ? 
# 
_struct_keywords.entry_id        1O0K 
_struct_keywords.pdbx_keywords   DNA 
_struct_keywords.text            'G-4 Quadruplex Drug Complex, Parallel Quadruplex, DNA' 
# 
loop_
_struct_asym.id 
_struct_asym.pdbx_blank_PDB_chainid_flag 
_struct_asym.pdbx_modified 
_struct_asym.entity_id 
_struct_asym.details 
A N N 1 ? 
B N N 1 ? 
C N N 1 ? 
D N N 1 ? 
E N N 2 ? 
F N N 2 ? 
G N N 3 ? 
H N N 3 ? 
I N N 2 ? 
J N N 3 ? 
K N N 4 ? 
L N N 4 ? 
M N N 4 ? 
N N N 4 ? 
# 
_struct_ref.id                         1 
_struct_ref.entity_id                  1 
_struct_ref.db_name                    PDB 
_struct_ref.db_code                    1O0K 
_struct_ref.pdbx_db_accession          1O0K 
_struct_ref.pdbx_align_begin           ? 
_struct_ref.pdbx_seq_one_letter_code   ? 
_struct_ref.pdbx_db_isoform            ? 
# 
loop_
_struct_ref_seq.align_id 
_struct_ref_seq.ref_id 
_struct_ref_seq.pdbx_PDB_id_code 
_struct_ref_seq.pdbx_strand_id 
_struct_ref_seq.seq_align_beg 
_struct_ref_seq.pdbx_seq_align_beg_ins_code 
_struct_ref_seq.seq_align_end 
_struct_ref_seq.pdbx_seq_align_end_ins_code 
_struct_ref_seq.pdbx_db_accession 
_struct_ref_seq.db_align_beg 
_struct_ref_seq.pdbx_db_align_beg_ins_code 
_struct_ref_seq.db_align_end 
_struct_ref_seq.pdbx_db_align_end_ins_code 
_struct_ref_seq.pdbx_auth_seq_align_beg 
_struct_ref_seq.pdbx_auth_seq_align_end 
1 1 1O0K A 1 ? 6 ? 1O0K 1001 ? 1006 ? 1001 1006 
2 1 1O0K B 1 ? 6 ? 1O0K 1007 ? 1012 ? 1007 1012 
3 1 1O0K C 1 ? 6 ? 1O0K 1013 ? 1018 ? 1013 1018 
4 1 1O0K D 1 ? 6 ? 1O0K 1019 ? 1024 ? 1019 1024 
# 
_pdbx_struct_assembly.id                   1 
_pdbx_struct_assembly.details              author_defined_assembly 
_pdbx_struct_assembly.method_details       ? 
_pdbx_struct_assembly.oligomeric_details   octameric 
_pdbx_struct_assembly.oligomeric_count     8 
# 
_pdbx_struct_assembly_gen.assembly_id       1 
_pdbx_struct_assembly_gen.oper_expression   1,2 
_pdbx_struct_assembly_gen.asym_id_list      A,B,C,D,E,F,G,H,I,J,K,L,M,N 
# 
loop_
_pdbx_struct_oper_list.id 
_pdbx_struct_oper_list.type 
_pdbx_struct_oper_list.name 
_pdbx_struct_oper_list.symmetry_operation 
_pdbx_struct_oper_list.matrix[1][1] 
_pdbx_struct_oper_list.matrix[1][2] 
_pdbx_struct_oper_list.matrix[1][3] 
_pdbx_struct_oper_list.vector[1] 
_pdbx_struct_oper_list.matrix[2][1] 
_pdbx_struct_oper_list.matrix[2][2] 
_pdbx_struct_oper_list.matrix[2][3] 
_pdbx_struct_oper_list.vector[2] 
_pdbx_struct_oper_list.matrix[3][1] 
_pdbx_struct_oper_list.matrix[3][2] 
_pdbx_struct_oper_list.matrix[3][3] 
_pdbx_struct_oper_list.vector[3] 
1 'identity operation'         1_555 x,y,z       1.0000000000 0.0000000000  0.0000000000 0.0000000000 0.0000000000  1.0000000000  0.0000000000  0.0000000000  0.0000000000 0.0000000000  1.0000000000  0.0000000000 
2 'crystal symmetry operation' 2_656 -x+1,y,-z+1 0.0400299950 -0.8008281107 0.5975549654 6.2483690042 -0.8008281107 -0.3833584935 -0.4601202045 14.0367382301 0.5975549654 -0.4601202045 -0.6566715015 7.9365475115 
# 
_struct_biol.id   1 
# 
loop_
_struct_conn.id 
_struct_conn.conn_type_id 
_struct_conn.pdbx_leaving_atom_flag 
_struct_conn.pdbx_PDB_id 
_struct_conn.ptnr1_label_asym_id 
_struct_conn.ptnr1_label_comp_id 
_struct_conn.ptnr1_label_seq_id 
_struct_conn.ptnr1_label_atom_id 
_struct_conn.pdbx_ptnr1_label_alt_id 
_struct_conn.pdbx_ptnr1_PDB_ins_code 
_struct_conn.pdbx_ptnr1_standard_comp_id 
_struct_conn.ptnr1_symmetry 
_struct_conn.ptnr2_label_asym_id 
_struct_conn.ptnr2_label_comp_id 
_struct_conn.ptnr2_label_seq_id 
_struct_conn.ptnr2_label_atom_id 
_struct_conn.pdbx_ptnr2_label_alt_id 
_struct_conn.pdbx_ptnr2_PDB_ins_code 
_struct_conn.ptnr1_auth_asym_id 
_struct_conn.ptnr1_auth_comp_id 
_struct_conn.ptnr1_auth_seq_id 
_struct_conn.ptnr2_auth_asym_id 
_struct_conn.ptnr2_auth_comp_id 
_struct_conn.ptnr2_auth_seq_id 
_struct_conn.ptnr2_symmetry 
_struct_conn.pdbx_ptnr3_label_atom_id 
_struct_conn.pdbx_ptnr3_label_seq_id 
_struct_conn.pdbx_ptnr3_label_comp_id 
_struct_conn.pdbx_ptnr3_label_asym_id 
_struct_conn.pdbx_ptnr3_label_alt_id 
_struct_conn.pdbx_ptnr3_PDB_ins_code 
_struct_conn.details 
_struct_conn.pdbx_dist_value 
_struct_conn.pdbx_value_order 
_struct_conn.pdbx_role 
metalc1  metalc ? ? E NA . NA ? ? ? 1_555 A DG 5 O6 ? ? A NA 28   A DG 1005 1_555 ? ? ? ? ? ? ?           2.492 ? ? 
metalc2  metalc ? ? E NA . NA ? ? ? 1_555 B DG 4 O6 ? ? A NA 28   B DG 1010 1_555 ? ? ? ? ? ? ?           2.981 ? ? 
metalc3  metalc ? ? E NA . NA ? ? ? 1_555 B DG 5 O6 ? ? A NA 28   B DG 1011 1_555 ? ? ? ? ? ? ?           2.489 ? ? 
metalc4  metalc ? ? E NA . NA ? ? ? 1_555 C DG 5 O6 ? ? A NA 28   C DG 1017 1_555 ? ? ? ? ? ? ?           2.507 ? ? 
metalc5  metalc ? ? E NA . NA ? ? ? 1_555 D DG 5 O6 ? ? A NA 28   D DG 1023 1_555 ? ? ? ? ? ? ?           2.482 ? ? 
metalc6  metalc ? ? F NA . NA ? ? ? 1_555 A DG 2 O6 ? ? A NA 30   A DG 1002 1_555 ? ? ? ? ? ? ?           2.495 ? ? 
metalc7  metalc ? ? F NA . NA ? ? ? 1_555 B DG 2 O6 ? ? A NA 30   B DG 1008 1_555 ? ? ? ? ? ? ?           2.428 ? ? 
metalc8  metalc ? ? F NA . NA ? ? ? 1_555 C DG 2 O6 ? ? A NA 30   C DG 1014 1_555 ? ? ? ? ? ? ?           2.485 ? ? 
metalc9  metalc ? ? F NA . NA ? ? ? 1_555 C DG 3 O6 ? ? A NA 30   C DG 1015 1_555 ? ? ? ? ? ? ?           2.862 ? ? 
metalc10 metalc ? ? F NA . NA ? ? ? 1_555 D DG 2 O6 ? ? A NA 30   D DG 1020 1_555 ? ? ? ? ? ? ?           2.433 ? ? 
metalc11 metalc ? ? F NA . NA ? ? ? 1_555 D DG 3 O6 ? ? A NA 30   D DG 1021 1_555 ? ? ? ? ? ? ?           2.853 ? ? 
metalc12 metalc ? ? A DG 3 O6 ? ? ? 1_555 I NA . NA ? ? A DG 1003 C NA 29   1_555 ? ? ? ? ? ? ?           2.634 ? ? 
metalc13 metalc ? ? A DG 4 O6 ? ? ? 1_555 I NA . NA ? ? A DG 1004 C NA 29   1_555 ? ? ? ? ? ? ?           2.654 ? ? 
metalc14 metalc ? ? B DG 3 O6 ? ? ? 1_555 I NA . NA ? ? B DG 1009 C NA 29   1_555 ? ? ? ? ? ? ?           2.738 ? ? 
metalc15 metalc ? ? B DG 4 O6 ? ? ? 1_555 I NA . NA ? ? B DG 1010 C NA 29   1_555 ? ? ? ? ? ? ?           2.633 ? ? 
metalc16 metalc ? ? I NA . NA ? ? ? 1_555 C DG 3 O6 ? ? C NA 29   C DG 1015 1_555 ? ? ? ? ? ? ?           2.616 ? ? 
metalc17 metalc ? ? I NA . NA ? ? ? 1_555 C DG 4 O6 ? ? C NA 29   C DG 1016 1_555 ? ? ? ? ? ? ?           2.682 ? ? 
metalc18 metalc ? ? I NA . NA ? ? ? 1_555 D DG 3 O6 ? ? C NA 29   D DG 1021 1_555 ? ? ? ? ? ? ?           2.851 ? ? 
metalc19 metalc ? ? I NA . NA ? ? ? 1_555 D DG 4 O6 ? ? C NA 29   D DG 1022 1_555 ? ? ? ? ? ? ?           2.621 ? ? 
hydrog1  hydrog ? ? A DG 2 N7 ? ? ? 1_555 B DG 2 N2 ? ? A DG 1002 B DG 1008 1_555 ? ? ? ? ? ? TYPE_6_PAIR ?     ? ? 
hydrog2  hydrog ? ? A DG 2 O6 ? ? ? 1_555 B DG 2 N1 ? ? A DG 1002 B DG 1008 1_555 ? ? ? ? ? ? TYPE_6_PAIR ?     ? ? 
hydrog3  hydrog ? ? A DG 2 N1 ? ? ? 1_555 D DG 2 O6 ? ? A DG 1002 D DG 1020 1_555 ? ? ? ? ? ? TYPE_6_PAIR ?     ? ? 
hydrog4  hydrog ? ? A DG 2 N2 ? ? ? 1_555 D DG 2 N7 ? ? A DG 1002 D DG 1020 1_555 ? ? ? ? ? ? TYPE_6_PAIR ?     ? ? 
hydrog5  hydrog ? ? A DG 3 N7 ? ? ? 1_555 B DG 3 N2 ? ? A DG 1003 B DG 1009 1_555 ? ? ? ? ? ? TYPE_6_PAIR ?     ? ? 
hydrog6  hydrog ? ? A DG 3 O6 ? ? ? 1_555 B DG 3 N1 ? ? A DG 1003 B DG 1009 1_555 ? ? ? ? ? ? TYPE_6_PAIR ?     ? ? 
hydrog7  hydrog ? ? A DG 3 N1 ? ? ? 1_555 D DG 3 O6 ? ? A DG 1003 D DG 1021 1_555 ? ? ? ? ? ? TYPE_6_PAIR ?     ? ? 
hydrog8  hydrog ? ? A DG 3 N2 ? ? ? 1_555 D DG 3 N7 ? ? A DG 1003 D DG 1021 1_555 ? ? ? ? ? ? TYPE_6_PAIR ?     ? ? 
hydrog9  hydrog ? ? A DG 4 N7 ? ? ? 1_555 B DG 4 N2 ? ? A DG 1004 B DG 1010 1_555 ? ? ? ? ? ? TYPE_6_PAIR ?     ? ? 
hydrog10 hydrog ? ? A DG 4 O6 ? ? ? 1_555 B DG 4 N1 ? ? A DG 1004 B DG 1010 1_555 ? ? ? ? ? ? TYPE_6_PAIR ?     ? ? 
hydrog11 hydrog ? ? A DG 4 N1 ? ? ? 1_555 D DG 4 O6 ? ? A DG 1004 D DG 1022 1_555 ? ? ? ? ? ? TYPE_6_PAIR ?     ? ? 
hydrog12 hydrog ? ? A DG 4 N2 ? ? ? 1_555 D DG 4 N7 ? ? A DG 1004 D DG 1022 1_555 ? ? ? ? ? ? TYPE_6_PAIR ?     ? ? 
hydrog13 hydrog ? ? A DG 5 N7 ? ? ? 1_555 B DG 5 N2 ? ? A DG 1005 B DG 1011 1_555 ? ? ? ? ? ? TYPE_6_PAIR ?     ? ? 
hydrog14 hydrog ? ? A DG 5 O6 ? ? ? 1_555 B DG 5 N1 ? ? A DG 1005 B DG 1011 1_555 ? ? ? ? ? ? TYPE_6_PAIR ?     ? ? 
hydrog15 hydrog ? ? A DG 5 N1 ? ? ? 1_555 D DG 5 O6 ? ? A DG 1005 D DG 1023 1_555 ? ? ? ? ? ? TYPE_6_PAIR ?     ? ? 
hydrog16 hydrog ? ? A DG 5 N2 ? ? ? 1_555 D DG 5 N7 ? ? A DG 1005 D DG 1023 1_555 ? ? ? ? ? ? TYPE_6_PAIR ?     ? ? 
hydrog17 hydrog ? ? B DG 2 N7 ? ? ? 1_555 C DG 2 N2 ? ? B DG 1008 C DG 1014 1_555 ? ? ? ? ? ? TYPE_6_PAIR ?     ? ? 
hydrog18 hydrog ? ? B DG 2 O6 ? ? ? 1_555 C DG 2 N1 ? ? B DG 1008 C DG 1014 1_555 ? ? ? ? ? ? TYPE_6_PAIR ?     ? ? 
hydrog19 hydrog ? ? B DG 3 N7 ? ? ? 1_555 C DG 3 N2 ? ? B DG 1009 C DG 1015 1_555 ? ? ? ? ? ? TYPE_6_PAIR ?     ? ? 
hydrog20 hydrog ? ? B DG 3 O6 ? ? ? 1_555 C DG 3 N1 ? ? B DG 1009 C DG 1015 1_555 ? ? ? ? ? ? TYPE_6_PAIR ?     ? ? 
hydrog21 hydrog ? ? B DG 4 N7 ? ? ? 1_555 C DG 4 N2 ? ? B DG 1010 C DG 1016 1_555 ? ? ? ? ? ? TYPE_6_PAIR ?     ? ? 
hydrog22 hydrog ? ? B DG 4 O6 ? ? ? 1_555 C DG 4 N1 ? ? B DG 1010 C DG 1016 1_555 ? ? ? ? ? ? TYPE_6_PAIR ?     ? ? 
hydrog23 hydrog ? ? B DG 5 N7 ? ? ? 1_555 C DG 5 N2 ? ? B DG 1011 C DG 1017 1_555 ? ? ? ? ? ? TYPE_6_PAIR ?     ? ? 
hydrog24 hydrog ? ? B DG 5 O6 ? ? ? 1_555 C DG 5 N1 ? ? B DG 1011 C DG 1017 1_555 ? ? ? ? ? ? TYPE_6_PAIR ?     ? ? 
hydrog25 hydrog ? ? C DG 2 N7 ? ? ? 1_555 D DG 2 N2 ? ? C DG 1014 D DG 1020 1_555 ? ? ? ? ? ? TYPE_6_PAIR ?     ? ? 
hydrog26 hydrog ? ? C DG 2 O6 ? ? ? 1_555 D DG 2 N1 ? ? C DG 1014 D DG 1020 1_555 ? ? ? ? ? ? TYPE_6_PAIR ?     ? ? 
hydrog27 hydrog ? ? C DG 3 N7 ? ? ? 1_555 D DG 3 N2 ? ? C DG 1015 D DG 1021 1_555 ? ? ? ? ? ? TYPE_6_PAIR ?     ? ? 
hydrog28 hydrog ? ? C DG 3 O6 ? ? ? 1_555 D DG 3 N1 ? ? C DG 1015 D DG 1021 1_555 ? ? ? ? ? ? TYPE_6_PAIR ?     ? ? 
hydrog29 hydrog ? ? C DG 4 N7 ? ? ? 1_555 D DG 4 N2 ? ? C DG 1016 D DG 1022 1_555 ? ? ? ? ? ? TYPE_6_PAIR ?     ? ? 
hydrog30 hydrog ? ? C DG 4 O6 ? ? ? 1_555 D DG 4 N1 ? ? C DG 1016 D DG 1022 1_555 ? ? ? ? ? ? TYPE_6_PAIR ?     ? ? 
hydrog31 hydrog ? ? C DG 5 N7 ? ? ? 1_555 D DG 5 N2 ? ? C DG 1017 D DG 1023 1_555 ? ? ? ? ? ? TYPE_6_PAIR ?     ? ? 
hydrog32 hydrog ? ? C DG 5 O6 ? ? ? 1_555 D DG 5 N1 ? ? C DG 1017 D DG 1023 1_555 ? ? ? ? ? ? TYPE_6_PAIR ?     ? ? 
# 
loop_
_struct_conn_type.id 
_struct_conn_type.criteria 
_struct_conn_type.reference 
metalc ? ? 
hydrog ? ? 
# 
loop_
_pdbx_struct_conn_angle.id 
_pdbx_struct_conn_angle.ptnr1_label_atom_id 
_pdbx_struct_conn_angle.ptnr1_label_alt_id 
_pdbx_struct_conn_angle.ptnr1_label_asym_id 
_pdbx_struct_conn_angle.ptnr1_label_comp_id 
_pdbx_struct_conn_angle.ptnr1_label_seq_id 
_pdbx_struct_conn_angle.ptnr1_auth_atom_id 
_pdbx_struct_conn_angle.ptnr1_auth_asym_id 
_pdbx_struct_conn_angle.ptnr1_auth_comp_id 
_pdbx_struct_conn_angle.ptnr1_auth_seq_id 
_pdbx_struct_conn_angle.ptnr1_PDB_ins_code 
_pdbx_struct_conn_angle.ptnr1_symmetry 
_pdbx_struct_conn_angle.ptnr2_label_atom_id 
_pdbx_struct_conn_angle.ptnr2_label_alt_id 
_pdbx_struct_conn_angle.ptnr2_label_asym_id 
_pdbx_struct_conn_angle.ptnr2_label_comp_id 
_pdbx_struct_conn_angle.ptnr2_label_seq_id 
_pdbx_struct_conn_angle.ptnr2_auth_atom_id 
_pdbx_struct_conn_angle.ptnr2_auth_asym_id 
_pdbx_struct_conn_angle.ptnr2_auth_comp_id 
_pdbx_struct_conn_angle.ptnr2_auth_seq_id 
_pdbx_struct_conn_angle.ptnr2_PDB_ins_code 
_pdbx_struct_conn_angle.ptnr2_symmetry 
_pdbx_struct_conn_angle.ptnr3_label_atom_id 
_pdbx_struct_conn_angle.ptnr3_label_alt_id 
_pdbx_struct_conn_angle.ptnr3_label_asym_id 
_pdbx_struct_conn_angle.ptnr3_label_comp_id 
_pdbx_struct_conn_angle.ptnr3_label_seq_id 
_pdbx_struct_conn_angle.ptnr3_auth_atom_id 
_pdbx_struct_conn_angle.ptnr3_auth_asym_id 
_pdbx_struct_conn_angle.ptnr3_auth_comp_id 
_pdbx_struct_conn_angle.ptnr3_auth_seq_id 
_pdbx_struct_conn_angle.ptnr3_PDB_ins_code 
_pdbx_struct_conn_angle.ptnr3_symmetry 
_pdbx_struct_conn_angle.value 
_pdbx_struct_conn_angle.value_esd 
1  O6 ? A DG 5 ? A DG 1005 ? 1_555 NA ? E NA . ? A NA 28 ? 1_555 O6 ? B DG 4 ? B DG 1010 ? 1_555 127.9 ? 
2  O6 ? A DG 5 ? A DG 1005 ? 1_555 NA ? E NA . ? A NA 28 ? 1_555 O6 ? B DG 5 ? B DG 1011 ? 1_555 81.1  ? 
3  O6 ? B DG 4 ? B DG 1010 ? 1_555 NA ? E NA . ? A NA 28 ? 1_555 O6 ? B DG 5 ? B DG 1011 ? 1_555 75.0  ? 
4  O6 ? A DG 5 ? A DG 1005 ? 1_555 NA ? E NA . ? A NA 28 ? 1_555 O6 ? C DG 5 ? C DG 1017 ? 1_555 131.8 ? 
5  O6 ? B DG 4 ? B DG 1010 ? 1_555 NA ? E NA . ? A NA 28 ? 1_555 O6 ? C DG 5 ? C DG 1017 ? 1_555 88.9  ? 
6  O6 ? B DG 5 ? B DG 1011 ? 1_555 NA ? E NA . ? A NA 28 ? 1_555 O6 ? C DG 5 ? C DG 1017 ? 1_555 80.4  ? 
7  O6 ? A DG 5 ? A DG 1005 ? 1_555 NA ? E NA . ? A NA 28 ? 1_555 O6 ? D DG 5 ? D DG 1023 ? 1_555 81.8  ? 
8  O6 ? B DG 4 ? B DG 1010 ? 1_555 NA ? E NA . ? A NA 28 ? 1_555 O6 ? D DG 5 ? D DG 1023 ? 1_555 144.9 ? 
9  O6 ? B DG 5 ? B DG 1011 ? 1_555 NA ? E NA . ? A NA 28 ? 1_555 O6 ? D DG 5 ? D DG 1023 ? 1_555 134.6 ? 
10 O6 ? C DG 5 ? C DG 1017 ? 1_555 NA ? E NA . ? A NA 28 ? 1_555 O6 ? D DG 5 ? D DG 1023 ? 1_555 80.4  ? 
11 O6 ? A DG 2 ? A DG 1002 ? 1_555 NA ? F NA . ? A NA 30 ? 1_555 O6 ? B DG 2 ? B DG 1008 ? 1_555 82.9  ? 
12 O6 ? A DG 2 ? A DG 1002 ? 1_555 NA ? F NA . ? A NA 30 ? 1_555 O6 ? C DG 2 ? C DG 1014 ? 1_555 128.8 ? 
13 O6 ? B DG 2 ? B DG 1008 ? 1_555 NA ? F NA . ? A NA 30 ? 1_555 O6 ? C DG 2 ? C DG 1014 ? 1_555 80.6  ? 
14 O6 ? A DG 2 ? A DG 1002 ? 1_555 NA ? F NA . ? A NA 30 ? 1_555 O6 ? C DG 3 ? C DG 1015 ? 1_555 141.6 ? 
15 O6 ? B DG 2 ? B DG 1008 ? 1_555 NA ? F NA . ? A NA 30 ? 1_555 O6 ? C DG 3 ? C DG 1015 ? 1_555 79.7  ? 
16 O6 ? C DG 2 ? C DG 1014 ? 1_555 NA ? F NA . ? A NA 30 ? 1_555 O6 ? C DG 3 ? C DG 1015 ? 1_555 81.6  ? 
17 O6 ? A DG 2 ? A DG 1002 ? 1_555 NA ? F NA . ? A NA 30 ? 1_555 O6 ? D DG 2 ? D DG 1020 ? 1_555 79.3  ? 
18 O6 ? B DG 2 ? B DG 1008 ? 1_555 NA ? F NA . ? A NA 30 ? 1_555 O6 ? D DG 2 ? D DG 1020 ? 1_555 139.3 ? 
19 O6 ? C DG 2 ? C DG 1014 ? 1_555 NA ? F NA . ? A NA 30 ? 1_555 O6 ? D DG 2 ? D DG 1020 ? 1_555 82.6  ? 
20 O6 ? C DG 3 ? C DG 1015 ? 1_555 NA ? F NA . ? A NA 30 ? 1_555 O6 ? D DG 2 ? D DG 1020 ? 1_555 133.8 ? 
21 O6 ? A DG 2 ? A DG 1002 ? 1_555 NA ? F NA . ? A NA 30 ? 1_555 O6 ? D DG 3 ? D DG 1021 ? 1_555 130.2 ? 
22 O6 ? B DG 2 ? B DG 1008 ? 1_555 NA ? F NA . ? A NA 30 ? 1_555 O6 ? D DG 3 ? D DG 1021 ? 1_555 143.9 ? 
23 O6 ? C DG 2 ? C DG 1014 ? 1_555 NA ? F NA . ? A NA 30 ? 1_555 O6 ? D DG 3 ? D DG 1021 ? 1_555 86.0  ? 
24 O6 ? C DG 3 ? C DG 1015 ? 1_555 NA ? F NA . ? A NA 30 ? 1_555 O6 ? D DG 3 ? D DG 1021 ? 1_555 65.2  ? 
25 O6 ? D DG 2 ? D DG 1020 ? 1_555 NA ? F NA . ? A NA 30 ? 1_555 O6 ? D DG 3 ? D DG 1021 ? 1_555 70.5  ? 
26 O6 ? A DG 3 ? A DG 1003 ? 1_555 NA ? I NA . ? C NA 29 ? 1_555 O6 ? A DG 4 ? A DG 1004 ? 1_555 74.2  ? 
27 O6 ? A DG 3 ? A DG 1003 ? 1_555 NA ? I NA . ? C NA 29 ? 1_555 O6 ? B DG 3 ? B DG 1009 ? 1_555 70.2  ? 
28 O6 ? A DG 4 ? A DG 1004 ? 1_555 NA ? I NA . ? C NA 29 ? 1_555 O6 ? B DG 3 ? B DG 1009 ? 1_555 128.9 ? 
29 O6 ? A DG 3 ? A DG 1003 ? 1_555 NA ? I NA . ? C NA 29 ? 1_555 O6 ? B DG 4 ? B DG 1010 ? 1_555 92.8  ? 
30 O6 ? A DG 4 ? A DG 1004 ? 1_555 NA ? I NA . ? C NA 29 ? 1_555 O6 ? B DG 4 ? B DG 1010 ? 1_555 72.2  ? 
31 O6 ? B DG 3 ? B DG 1009 ? 1_555 NA ? I NA . ? C NA 29 ? 1_555 O6 ? B DG 4 ? B DG 1010 ? 1_555 74.1  ? 
32 O6 ? A DG 3 ? A DG 1003 ? 1_555 NA ? I NA . ? C NA 29 ? 1_555 O6 ? C DG 3 ? C DG 1015 ? 1_555 107.5 ? 
33 O6 ? A DG 4 ? A DG 1004 ? 1_555 NA ? I NA . ? C NA 29 ? 1_555 O6 ? C DG 3 ? C DG 1015 ? 1_555 157.0 ? 
34 O6 ? B DG 3 ? B DG 1009 ? 1_555 NA ? I NA . ? C NA 29 ? 1_555 O6 ? C DG 3 ? C DG 1015 ? 1_555 70.8  ? 
35 O6 ? B DG 4 ? B DG 1010 ? 1_555 NA ? I NA . ? C NA 29 ? 1_555 O6 ? C DG 3 ? C DG 1015 ? 1_555 129.7 ? 
36 O6 ? A DG 3 ? A DG 1003 ? 1_555 NA ? I NA . ? C NA 29 ? 1_555 O6 ? C DG 4 ? C DG 1016 ? 1_555 157.8 ? 
37 O6 ? A DG 4 ? A DG 1004 ? 1_555 NA ? I NA . ? C NA 29 ? 1_555 O6 ? C DG 4 ? C DG 1016 ? 1_555 112.1 ? 
38 O6 ? B DG 3 ? B DG 1009 ? 1_555 NA ? I NA . ? C NA 29 ? 1_555 O6 ? C DG 4 ? C DG 1016 ? 1_555 90.8  ? 
39 O6 ? B DG 4 ? B DG 1010 ? 1_555 NA ? I NA . ? C NA 29 ? 1_555 O6 ? C DG 4 ? C DG 1016 ? 1_555 70.4  ? 
40 O6 ? C DG 3 ? C DG 1015 ? 1_555 NA ? I NA . ? C NA 29 ? 1_555 O6 ? C DG 4 ? C DG 1016 ? 1_555 75.2  ? 
41 O6 ? A DG 3 ? A DG 1003 ? 1_555 NA ? I NA . ? C NA 29 ? 1_555 O6 ? D DG 3 ? D DG 1021 ? 1_555 69.5  ? 
42 O6 ? A DG 4 ? A DG 1004 ? 1_555 NA ? I NA . ? C NA 29 ? 1_555 O6 ? D DG 3 ? D DG 1021 ? 1_555 91.8  ? 
43 O6 ? B DG 3 ? B DG 1009 ? 1_555 NA ? I NA . ? C NA 29 ? 1_555 O6 ? D DG 3 ? D DG 1021 ? 1_555 108.2 ? 
44 O6 ? B DG 4 ? B DG 1010 ? 1_555 NA ? I NA . ? C NA 29 ? 1_555 O6 ? D DG 3 ? D DG 1021 ? 1_555 159.1 ? 
45 O6 ? C DG 3 ? C DG 1015 ? 1_555 NA ? I NA . ? C NA 29 ? 1_555 O6 ? D DG 3 ? D DG 1021 ? 1_555 68.4  ? 
46 O6 ? C DG 4 ? C DG 1016 ? 1_555 NA ? I NA . ? C NA 29 ? 1_555 O6 ? D DG 3 ? D DG 1021 ? 1_555 129.5 ? 
47 O6 ? A DG 3 ? A DG 1003 ? 1_555 NA ? I NA . ? C NA 29 ? 1_555 O6 ? D DG 4 ? D DG 1022 ? 1_555 128.8 ? 
48 O6 ? A DG 4 ? A DG 1004 ? 1_555 NA ? I NA . ? C NA 29 ? 1_555 O6 ? D DG 4 ? D DG 1022 ? 1_555 72.2  ? 
49 O6 ? B DG 3 ? B DG 1009 ? 1_555 NA ? I NA . ? C NA 29 ? 1_555 O6 ? D DG 4 ? D DG 1022 ? 1_555 157.9 ? 
50 O6 ? B DG 4 ? B DG 1010 ? 1_555 NA ? I NA . ? C NA 29 ? 1_555 O6 ? D DG 4 ? D DG 1022 ? 1_555 111.9 ? 
51 O6 ? C DG 3 ? C DG 1015 ? 1_555 NA ? I NA . ? C NA 29 ? 1_555 O6 ? D DG 4 ? D DG 1022 ? 1_555 90.5  ? 
52 O6 ? C DG 4 ? C DG 1016 ? 1_555 NA ? I NA . ? C NA 29 ? 1_555 O6 ? D DG 4 ? D DG 1022 ? 1_555 72.5  ? 
53 O6 ? D DG 3 ? D DG 1021 ? 1_555 NA ? I NA . ? C NA 29 ? 1_555 O6 ? D DG 4 ? D DG 1022 ? 1_555 74.1  ? 
# 
loop_
_struct_site.id 
_struct_site.pdbx_evidence_code 
_struct_site.pdbx_auth_asym_id 
_struct_site.pdbx_auth_comp_id 
_struct_site.pdbx_auth_seq_id 
_struct_site.pdbx_auth_ins_code 
_struct_site.pdbx_num_residues 
_struct_site.details 
AC1 Software B DM1 25 ? 12 'BINDING SITE FOR RESIDUE DM1 B 25' 
AC2 Software D DM1 26 ? 12 'BINDING SITE FOR RESIDUE DM1 D 26' 
AC3 Software C DM1 27 ? 19 'BINDING SITE FOR RESIDUE DM1 C 27' 
AC4 Software A NA  28 ? 9  'BINDING SITE FOR RESIDUE NA A 28'  
AC5 Software C NA  29 ? 10 'BINDING SITE FOR RESIDUE NA C 29'  
AC6 Software A NA  30 ? 9  'BINDING SITE FOR RESIDUE NA A 30'  
1   ?        ? ?   ?  ? ?  ?                                   
# 
loop_
_struct_site_gen.id 
_struct_site_gen.site_id 
_struct_site_gen.pdbx_num_res 
_struct_site_gen.label_comp_id 
_struct_site_gen.label_asym_id 
_struct_site_gen.label_seq_id 
_struct_site_gen.pdbx_auth_ins_code 
_struct_site_gen.auth_comp_id 
_struct_site_gen.auth_asym_id 
_struct_site_gen.auth_seq_id 
_struct_site_gen.label_atom_id 
_struct_site_gen.label_alt_id 
_struct_site_gen.symmetry 
_struct_site_gen.details 
1  AC1 12 DT  A 1 ? DT  A 1001 . ? 2_656 ? 
2  AC1 12 DT  A 1 ? DT  A 1001 . ? 1_555 ? 
3  AC1 12 DG  B 2 ? DG  B 1008 . ? 1_555 ? 
4  AC1 12 HOH L . ? HOH B 1107 . ? 1_555 ? 
5  AC1 12 HOH L . ? HOH B 1124 . ? 1_555 ? 
6  AC1 12 HOH L . ? HOH B 1185 . ? 1_555 ? 
7  AC1 12 DM1 H . ? DM1 C 27   . ? 2_656 ? 
8  AC1 12 DM1 H . ? DM1 C 27   . ? 1_555 ? 
9  AC1 12 DG  C 2 ? DG  C 1014 . ? 1_555 ? 
10 AC1 12 DG  C 3 ? DG  C 1015 . ? 1_555 ? 
11 AC1 12 DG  C 4 ? DG  C 1016 . ? 1_555 ? 
12 AC1 12 DM1 J . ? DM1 D 26   . ? 1_555 ? 
13 AC2 12 DG  A 2 ? DG  A 1002 . ? 1_555 ? 
14 AC2 12 DG  A 3 ? DG  A 1003 . ? 1_555 ? 
15 AC2 12 HOH K . ? HOH A 1116 . ? 1_555 ? 
16 AC2 12 DM1 G . ? DM1 B 25   . ? 1_555 ? 
17 AC2 12 DM1 H . ? DM1 C 27   . ? 1_555 ? 
18 AC2 12 DM1 H . ? DM1 C 27   . ? 2_656 ? 
19 AC2 12 DT  C 1 ? DT  C 1013 . ? 2_656 ? 
20 AC2 12 DT  C 6 ? DT  C 1018 . ? 4_545 ? 
21 AC2 12 DT  D 1 ? DT  D 1019 . ? 2_656 ? 
22 AC2 12 DG  D 2 ? DG  D 1020 . ? 1_555 ? 
23 AC2 12 HOH N . ? HOH D 1101 . ? 1_555 ? 
24 AC2 12 HOH N . ? HOH D 1140 . ? 1_555 ? 
25 AC3 19 DT  A 1 ? DT  A 1001 . ? 2_656 ? 
26 AC3 19 DM1 G . ? DM1 B 25   . ? 1_555 ? 
27 AC3 19 DM1 G . ? DM1 B 25   . ? 2_656 ? 
28 AC3 19 DT  C 1 ? DT  C 1013 . ? 1_555 ? 
29 AC3 19 DG  C 2 ? DG  C 1014 . ? 1_555 ? 
30 AC3 19 DT  C 6 ? DT  C 1018 . ? 4_546 ? 
31 AC3 19 HOH M . ? HOH C 1106 . ? 1_555 ? 
32 AC3 19 HOH M . ? HOH C 1110 . ? 1_555 ? 
33 AC3 19 HOH M . ? HOH C 1126 . ? 1_555 ? 
34 AC3 19 HOH M . ? HOH C 1128 . ? 1_555 ? 
35 AC3 19 HOH M . ? HOH C 1129 . ? 1_555 ? 
36 AC3 19 HOH M . ? HOH C 1132 . ? 4_546 ? 
37 AC3 19 HOH M . ? HOH C 1134 . ? 1_555 ? 
38 AC3 19 HOH M . ? HOH C 1156 . ? 4_546 ? 
39 AC3 19 HOH M . ? HOH C 1159 . ? 1_555 ? 
40 AC3 19 HOH M . ? HOH C 1200 . ? 1_555 ? 
41 AC3 19 DM1 J . ? DM1 D 26   . ? 1_555 ? 
42 AC3 19 DM1 J . ? DM1 D 26   . ? 2_656 ? 
43 AC3 19 DT  D 1 ? DT  D 1019 . ? 2_656 ? 
44 AC4 9  DG  A 4 ? DG  A 1004 . ? 1_555 ? 
45 AC4 9  DG  A 5 ? DG  A 1005 . ? 1_555 ? 
46 AC4 9  DG  B 4 ? DG  B 1010 . ? 1_555 ? 
47 AC4 9  DG  B 5 ? DG  B 1011 . ? 1_555 ? 
48 AC4 9  NA  I . ? NA  C 29   . ? 1_555 ? 
49 AC4 9  DG  C 4 ? DG  C 1016 . ? 1_555 ? 
50 AC4 9  DG  C 5 ? DG  C 1017 . ? 1_555 ? 
51 AC4 9  DG  D 4 ? DG  D 1022 . ? 1_555 ? 
52 AC4 9  DG  D 5 ? DG  D 1023 . ? 1_555 ? 
53 AC5 10 NA  E . ? NA  A 28   . ? 1_555 ? 
54 AC5 10 NA  F . ? NA  A 30   . ? 1_555 ? 
55 AC5 10 DG  A 3 ? DG  A 1003 . ? 1_555 ? 
56 AC5 10 DG  A 4 ? DG  A 1004 . ? 1_555 ? 
57 AC5 10 DG  B 3 ? DG  B 1009 . ? 1_555 ? 
58 AC5 10 DG  B 4 ? DG  B 1010 . ? 1_555 ? 
59 AC5 10 DG  C 3 ? DG  C 1015 . ? 1_555 ? 
60 AC5 10 DG  C 4 ? DG  C 1016 . ? 1_555 ? 
61 AC5 10 DG  D 3 ? DG  D 1021 . ? 1_555 ? 
62 AC5 10 DG  D 4 ? DG  D 1022 . ? 1_555 ? 
63 AC6 9  DG  A 2 ? DG  A 1002 . ? 1_555 ? 
64 AC6 9  DG  A 3 ? DG  A 1003 . ? 1_555 ? 
65 AC6 9  DG  B 2 ? DG  B 1008 . ? 1_555 ? 
66 AC6 9  DG  B 3 ? DG  B 1009 . ? 1_555 ? 
67 AC6 9  NA  I . ? NA  C 29   . ? 1_555 ? 
68 AC6 9  DG  C 2 ? DG  C 1014 . ? 1_555 ? 
69 AC6 9  DG  C 3 ? DG  C 1015 . ? 1_555 ? 
70 AC6 9  DG  D 2 ? DG  D 1020 . ? 1_555 ? 
71 AC6 9  DG  D 3 ? DG  D 1021 . ? 1_555 ? 
# 
loop_
_pdbx_validate_rmsd_bond.id 
_pdbx_validate_rmsd_bond.PDB_model_num 
_pdbx_validate_rmsd_bond.auth_atom_id_1 
_pdbx_validate_rmsd_bond.auth_asym_id_1 
_pdbx_validate_rmsd_bond.auth_comp_id_1 
_pdbx_validate_rmsd_bond.auth_seq_id_1 
_pdbx_validate_rmsd_bond.PDB_ins_code_1 
_pdbx_validate_rmsd_bond.label_alt_id_1 
_pdbx_validate_rmsd_bond.auth_atom_id_2 
_pdbx_validate_rmsd_bond.auth_asym_id_2 
_pdbx_validate_rmsd_bond.auth_comp_id_2 
_pdbx_validate_rmsd_bond.auth_seq_id_2 
_pdbx_validate_rmsd_bond.PDB_ins_code_2 
_pdbx_validate_rmsd_bond.label_alt_id_2 
_pdbx_validate_rmsd_bond.bond_value 
_pdbx_validate_rmsd_bond.bond_target_value 
_pdbx_validate_rmsd_bond.bond_deviation 
_pdbx_validate_rmsd_bond.bond_standard_deviation 
_pdbx_validate_rmsd_bond.linker_flag 
1 1 "C2'" A DG 1002 ? ? "C1'" A DG 1002 ? ? 1.603 1.519 0.084  0.010 N 
2 1 "C2'" C DG 1014 ? ? "C1'" C DG 1014 ? ? 1.627 1.519 0.108  0.010 N 
3 1 "O4'" C DG 1014 ? ? "C1'" C DG 1014 ? ? 1.321 1.418 -0.097 0.012 N 
4 1 "O4'" C DG 1015 ? ? "C1'" C DG 1015 ? ? 1.492 1.420 0.072  0.011 N 
# 
loop_
_pdbx_validate_rmsd_angle.id 
_pdbx_validate_rmsd_angle.PDB_model_num 
_pdbx_validate_rmsd_angle.auth_atom_id_1 
_pdbx_validate_rmsd_angle.auth_asym_id_1 
_pdbx_validate_rmsd_angle.auth_comp_id_1 
_pdbx_validate_rmsd_angle.auth_seq_id_1 
_pdbx_validate_rmsd_angle.PDB_ins_code_1 
_pdbx_validate_rmsd_angle.label_alt_id_1 
_pdbx_validate_rmsd_angle.auth_atom_id_2 
_pdbx_validate_rmsd_angle.auth_asym_id_2 
_pdbx_validate_rmsd_angle.auth_comp_id_2 
_pdbx_validate_rmsd_angle.auth_seq_id_2 
_pdbx_validate_rmsd_angle.PDB_ins_code_2 
_pdbx_validate_rmsd_angle.label_alt_id_2 
_pdbx_validate_rmsd_angle.auth_atom_id_3 
_pdbx_validate_rmsd_angle.auth_asym_id_3 
_pdbx_validate_rmsd_angle.auth_comp_id_3 
_pdbx_validate_rmsd_angle.auth_seq_id_3 
_pdbx_validate_rmsd_angle.PDB_ins_code_3 
_pdbx_validate_rmsd_angle.label_alt_id_3 
_pdbx_validate_rmsd_angle.angle_value 
_pdbx_validate_rmsd_angle.angle_target_value 
_pdbx_validate_rmsd_angle.angle_deviation 
_pdbx_validate_rmsd_angle.angle_standard_deviation 
_pdbx_validate_rmsd_angle.linker_flag 
1  1 N3    A DT 1001 ? ? C2    A DT 1001 ? ? O2    A DT 1001 ? ? 118.37 122.30 -3.93  0.60 N 
2  1 "O5'" A DG 1002 ? ? "C5'" A DG 1002 ? ? "C4'" A DG 1002 ? ? 103.49 109.40 -5.91  0.80 N 
3  1 "O4'" A DG 1002 ? ? "C1'" A DG 1002 ? ? N9    A DG 1002 ? ? 118.75 108.30 10.45  0.30 N 
4  1 N3    A DG 1002 ? ? C4    A DG 1002 ? ? C5    A DG 1002 ? ? 131.82 128.60 3.22   0.50 N 
5  1 "O4'" A DG 1003 ? ? "C1'" A DG 1003 ? ? N9    A DG 1003 ? ? 103.43 108.00 -4.57  0.70 N 
6  1 OP1   A DG 1004 ? ? P     A DG 1004 ? ? OP2   A DG 1004 ? ? 104.30 119.60 -15.30 1.50 N 
7  1 "O5'" A DG 1004 ? ? P     A DG 1004 ? ? OP1   A DG 1004 ? ? 121.08 110.70 10.38  1.20 N 
8  1 "C5'" A DG 1004 ? ? "C4'" A DG 1004 ? ? "C3'" A DG 1004 ? ? 130.33 115.70 14.63  1.20 N 
9  1 "C3'" A DG 1004 ? ? "O3'" A DG 1004 ? ? P     A DG 1005 ? ? 127.28 119.70 7.58   1.20 Y 
10 1 "O4'" A DG 1005 ? ? "C1'" A DG 1005 ? ? N9    A DG 1005 ? ? 102.72 108.00 -5.28  0.70 N 
11 1 "C3'" A DG 1005 ? ? "O3'" A DG 1005 ? ? P     A DT 1006 ? ? 127.84 119.70 8.14   1.20 Y 
12 1 "O4'" B DG 1008 ? ? "C1'" B DG 1008 ? ? "C2'" B DG 1008 ? ? 110.91 106.80 4.11   0.50 N 
13 1 C5    B DG 1010 ? ? N7    B DG 1010 ? ? C8    B DG 1010 ? ? 107.80 104.30 3.50   0.50 N 
14 1 N7    B DG 1010 ? ? C8    B DG 1010 ? ? N9    B DG 1010 ? ? 110.04 113.10 -3.06  0.50 N 
15 1 "O4'" B DG 1011 ? ? "C1'" B DG 1011 ? ? N9    B DG 1011 ? ? 102.12 108.00 -5.88  0.70 N 
16 1 "C1'" C DG 1014 ? ? "O4'" C DG 1014 ? ? "C4'" C DG 1014 ? ? 114.68 110.30 4.38   0.70 N 
17 1 N9    C DG 1014 ? ? "C1'" C DG 1014 ? ? "C2'" C DG 1014 ? ? 100.04 112.60 -12.56 1.90 N 
18 1 "O4'" C DG 1014 ? ? "C1'" C DG 1014 ? ? N9    C DG 1014 ? ? 120.02 108.30 11.72  0.30 N 
19 1 "O4'" C DG 1015 ? ? "C1'" C DG 1015 ? ? N9    C DG 1015 ? ? 100.71 108.00 -7.29  0.70 N 
20 1 "C3'" C DG 1016 ? ? "O3'" C DG 1016 ? ? P     C DG 1017 ? ? 127.47 119.70 7.77   1.20 Y 
21 1 "O5'" C DG 1017 ? ? P     C DG 1017 ? ? OP2   C DG 1017 ? ? 99.53  105.70 -6.17  0.90 N 
22 1 "O4'" C DG 1017 ? ? "C1'" C DG 1017 ? ? N9    C DG 1017 ? ? 98.87  108.00 -9.13  0.70 N 
23 1 "O4'" C DT 1018 ? ? "C1'" C DT 1018 ? ? N1    C DT 1018 ? ? 103.25 108.00 -4.75  0.70 N 
24 1 "O4'" D DT 1019 ? ? "C4'" D DT 1019 ? ? "C3'" D DT 1019 ? ? 101.53 104.50 -2.97  0.40 N 
25 1 N1    D DT 1019 ? ? C2    D DT 1019 ? ? O2    D DT 1019 ? ? 128.29 123.10 5.19   0.80 N 
26 1 N3    D DT 1019 ? ? C4    D DT 1019 ? ? O4    D DT 1019 ? ? 115.30 119.90 -4.60  0.60 N 
27 1 "O3'" D DT 1019 ? ? P     D DG 1020 ? ? OP2   D DG 1020 ? ? 118.11 110.50 7.61   1.10 Y 
28 1 "O4'" D DG 1020 ? ? "C1'" D DG 1020 ? ? "C2'" D DG 1020 ? ? 110.26 106.80 3.46   0.50 N 
29 1 "O4'" D DG 1023 ? ? "C1'" D DG 1023 ? ? N9    D DG 1023 ? ? 103.63 108.00 -4.37  0.70 N 
# 
_struct_site_keywords.site_id   1 
_struct_site_keywords.text      STACKED 
# 
_pdbx_struct_special_symmetry.id              1 
_pdbx_struct_special_symmetry.PDB_model_num   1 
_pdbx_struct_special_symmetry.auth_asym_id    C 
_pdbx_struct_special_symmetry.auth_comp_id    HOH 
_pdbx_struct_special_symmetry.auth_seq_id     1246 
_pdbx_struct_special_symmetry.PDB_ins_code    ? 
_pdbx_struct_special_symmetry.label_asym_id   M 
_pdbx_struct_special_symmetry.label_comp_id   HOH 
_pdbx_struct_special_symmetry.label_seq_id    . 
# 
loop_
_chem_comp_atom.comp_id 
_chem_comp_atom.atom_id 
_chem_comp_atom.type_symbol 
_chem_comp_atom.pdbx_aromatic_flag 
_chem_comp_atom.pdbx_stereo_config 
_chem_comp_atom.pdbx_ordinal 
DG  OP3    O  N N 1   
DG  P      P  N N 2   
DG  OP1    O  N N 3   
DG  OP2    O  N N 4   
DG  "O5'"  O  N N 5   
DG  "C5'"  C  N N 6   
DG  "C4'"  C  N R 7   
DG  "O4'"  O  N N 8   
DG  "C3'"  C  N S 9   
DG  "O3'"  O  N N 10  
DG  "C2'"  C  N N 11  
DG  "C1'"  C  N R 12  
DG  N9     N  Y N 13  
DG  C8     C  Y N 14  
DG  N7     N  Y N 15  
DG  C5     C  Y N 16  
DG  C6     C  N N 17  
DG  O6     O  N N 18  
DG  N1     N  N N 19  
DG  C2     C  N N 20  
DG  N2     N  N N 21  
DG  N3     N  N N 22  
DG  C4     C  Y N 23  
DG  HOP3   H  N N 24  
DG  HOP2   H  N N 25  
DG  "H5'"  H  N N 26  
DG  "H5''" H  N N 27  
DG  "H4'"  H  N N 28  
DG  "H3'"  H  N N 29  
DG  "HO3'" H  N N 30  
DG  "H2'"  H  N N 31  
DG  "H2''" H  N N 32  
DG  "H1'"  H  N N 33  
DG  H8     H  N N 34  
DG  H1     H  N N 35  
DG  H21    H  N N 36  
DG  H22    H  N N 37  
DM1 C1     C  Y N 38  
DM1 C2     C  Y N 39  
DM1 C3     C  Y N 40  
DM1 C4     C  Y N 41  
DM1 O4     O  N N 42  
DM1 C5     C  Y N 43  
DM1 C6     C  N N 44  
DM1 O6     O  N N 45  
DM1 C7     C  Y N 46  
DM1 C8     C  Y N 47  
DM1 O8     O  N N 48  
DM1 C9     C  Y N 49  
DM1 C10    C  N S 50  
DM1 O10    O  N N 51  
DM1 C11    C  N N 52  
DM1 C12    C  N S 53  
DM1 O12    O  N N 54  
DM1 C13    C  N N 55  
DM1 O13    O  N N 56  
DM1 C14    C  N N 57  
DM1 C15    C  N N 58  
DM1 C16    C  Y N 59  
DM1 C17    C  Y N 60  
DM1 O17    O  N N 61  
DM1 C18    C  Y N 62  
DM1 C19    C  N N 63  
DM1 O19    O  N N 64  
DM1 C20    C  Y N 65  
DM1 C21    C  N N 66  
DM1 "C1'"  C  N R 67  
DM1 "C2'"  C  N N 68  
DM1 "C3'"  C  N S 69  
DM1 "N3'"  N  N N 70  
DM1 "C4'"  C  N S 71  
DM1 "O4'"  O  N N 72  
DM1 "C5'"  C  N S 73  
DM1 "O5'"  O  N N 74  
DM1 "C6'"  C  N N 75  
DM1 H1     H  N N 76  
DM1 H2     H  N N 77  
DM1 H3     H  N N 78  
DM1 HO8    H  N N 79  
DM1 H10    H  N N 80  
DM1 H111   H  N N 81  
DM1 H112   H  N N 82  
DM1 HO12   H  N N 83  
DM1 H141   H  N N 84  
DM1 H142   H  N N 85  
DM1 H143   H  N N 86  
DM1 H151   H  N N 87  
DM1 H152   H  N N 88  
DM1 HO17   H  N N 89  
DM1 H211   H  N N 90  
DM1 H212   H  N N 91  
DM1 H213   H  N N 92  
DM1 "H1'"  H  N N 93  
DM1 "H2'1" H  N N 94  
DM1 "H2'2" H  N N 95  
DM1 "H3'"  H  N N 96  
DM1 "HN'1" H  N N 97  
DM1 "HN'2" H  N N 98  
DM1 "H4'"  H  N N 99  
DM1 "HO4'" H  N N 100 
DM1 "H5'"  H  N N 101 
DM1 "H6'1" H  N N 102 
DM1 "H6'2" H  N N 103 
DM1 "H6'3" H  N N 104 
DT  OP3    O  N N 105 
DT  P      P  N N 106 
DT  OP1    O  N N 107 
DT  OP2    O  N N 108 
DT  "O5'"  O  N N 109 
DT  "C5'"  C  N N 110 
DT  "C4'"  C  N R 111 
DT  "O4'"  O  N N 112 
DT  "C3'"  C  N S 113 
DT  "O3'"  O  N N 114 
DT  "C2'"  C  N N 115 
DT  "C1'"  C  N R 116 
DT  N1     N  N N 117 
DT  C2     C  N N 118 
DT  O2     O  N N 119 
DT  N3     N  N N 120 
DT  C4     C  N N 121 
DT  O4     O  N N 122 
DT  C5     C  N N 123 
DT  C7     C  N N 124 
DT  C6     C  N N 125 
DT  HOP3   H  N N 126 
DT  HOP2   H  N N 127 
DT  "H5'"  H  N N 128 
DT  "H5''" H  N N 129 
DT  "H4'"  H  N N 130 
DT  "H3'"  H  N N 131 
DT  "HO3'" H  N N 132 
DT  "H2'"  H  N N 133 
DT  "H2''" H  N N 134 
DT  "H1'"  H  N N 135 
DT  H3     H  N N 136 
DT  H71    H  N N 137 
DT  H72    H  N N 138 
DT  H73    H  N N 139 
DT  H6     H  N N 140 
HOH O      O  N N 141 
HOH H1     H  N N 142 
HOH H2     H  N N 143 
NA  NA     NA N N 144 
# 
loop_
_chem_comp_bond.comp_id 
_chem_comp_bond.atom_id_1 
_chem_comp_bond.atom_id_2 
_chem_comp_bond.value_order 
_chem_comp_bond.pdbx_aromatic_flag 
_chem_comp_bond.pdbx_stereo_config 
_chem_comp_bond.pdbx_ordinal 
DG  OP3   P      sing N N 1   
DG  OP3   HOP3   sing N N 2   
DG  P     OP1    doub N N 3   
DG  P     OP2    sing N N 4   
DG  P     "O5'"  sing N N 5   
DG  OP2   HOP2   sing N N 6   
DG  "O5'" "C5'"  sing N N 7   
DG  "C5'" "C4'"  sing N N 8   
DG  "C5'" "H5'"  sing N N 9   
DG  "C5'" "H5''" sing N N 10  
DG  "C4'" "O4'"  sing N N 11  
DG  "C4'" "C3'"  sing N N 12  
DG  "C4'" "H4'"  sing N N 13  
DG  "O4'" "C1'"  sing N N 14  
DG  "C3'" "O3'"  sing N N 15  
DG  "C3'" "C2'"  sing N N 16  
DG  "C3'" "H3'"  sing N N 17  
DG  "O3'" "HO3'" sing N N 18  
DG  "C2'" "C1'"  sing N N 19  
DG  "C2'" "H2'"  sing N N 20  
DG  "C2'" "H2''" sing N N 21  
DG  "C1'" N9     sing N N 22  
DG  "C1'" "H1'"  sing N N 23  
DG  N9    C8     sing Y N 24  
DG  N9    C4     sing Y N 25  
DG  C8    N7     doub Y N 26  
DG  C8    H8     sing N N 27  
DG  N7    C5     sing Y N 28  
DG  C5    C6     sing N N 29  
DG  C5    C4     doub Y N 30  
DG  C6    O6     doub N N 31  
DG  C6    N1     sing N N 32  
DG  N1    C2     sing N N 33  
DG  N1    H1     sing N N 34  
DG  C2    N2     sing N N 35  
DG  C2    N3     doub N N 36  
DG  N2    H21    sing N N 37  
DG  N2    H22    sing N N 38  
DG  N3    C4     sing N N 39  
DM1 C1    C2     doub Y N 40  
DM1 C1    C20    sing Y N 41  
DM1 C1    H1     sing N N 42  
DM1 C2    C3     sing Y N 43  
DM1 C2    H2     sing N N 44  
DM1 C3    C4     doub Y N 45  
DM1 C3    H3     sing N N 46  
DM1 C4    O4     sing N N 47  
DM1 C4    C5     sing Y N 48  
DM1 O4    C21    sing N N 49  
DM1 C5    C6     sing N N 50  
DM1 C5    C20    doub Y N 51  
DM1 C6    O6     doub N N 52  
DM1 C6    C7     sing N N 53  
DM1 C7    C8     doub Y N 54  
DM1 C7    C18    sing Y N 55  
DM1 C8    O8     sing N N 56  
DM1 C8    C9     sing Y N 57  
DM1 O8    HO8    sing N N 58  
DM1 C9    C10    sing N N 59  
DM1 C9    C16    doub Y N 60  
DM1 C10   O10    sing N N 61  
DM1 C10   C11    sing N N 62  
DM1 C10   H10    sing N N 63  
DM1 O10   "C1'"  sing N N 64  
DM1 C11   C12    sing N N 65  
DM1 C11   H111   sing N N 66  
DM1 C11   H112   sing N N 67  
DM1 C12   O12    sing N N 68  
DM1 C12   C13    sing N N 69  
DM1 C12   C15    sing N N 70  
DM1 O12   HO12   sing N N 71  
DM1 C13   O13    doub N N 72  
DM1 C13   C14    sing N N 73  
DM1 C14   H141   sing N N 74  
DM1 C14   H142   sing N N 75  
DM1 C14   H143   sing N N 76  
DM1 C15   C16    sing N N 77  
DM1 C15   H151   sing N N 78  
DM1 C15   H152   sing N N 79  
DM1 C16   C17    sing Y N 80  
DM1 C17   O17    sing N N 81  
DM1 C17   C18    doub Y N 82  
DM1 O17   HO17   sing N N 83  
DM1 C18   C19    sing N N 84  
DM1 C19   O19    doub N N 85  
DM1 C19   C20    sing N N 86  
DM1 C21   H211   sing N N 87  
DM1 C21   H212   sing N N 88  
DM1 C21   H213   sing N N 89  
DM1 "C1'" "C2'"  sing N N 90  
DM1 "C1'" "O5'"  sing N N 91  
DM1 "C1'" "H1'"  sing N N 92  
DM1 "C2'" "C3'"  sing N N 93  
DM1 "C2'" "H2'1" sing N N 94  
DM1 "C2'" "H2'2" sing N N 95  
DM1 "C3'" "N3'"  sing N N 96  
DM1 "C3'" "C4'"  sing N N 97  
DM1 "C3'" "H3'"  sing N N 98  
DM1 "N3'" "HN'1" sing N N 99  
DM1 "N3'" "HN'2" sing N N 100 
DM1 "C4'" "O4'"  sing N N 101 
DM1 "C4'" "C5'"  sing N N 102 
DM1 "C4'" "H4'"  sing N N 103 
DM1 "O4'" "HO4'" sing N N 104 
DM1 "C5'" "O5'"  sing N N 105 
DM1 "C5'" "C6'"  sing N N 106 
DM1 "C5'" "H5'"  sing N N 107 
DM1 "C6'" "H6'1" sing N N 108 
DM1 "C6'" "H6'2" sing N N 109 
DM1 "C6'" "H6'3" sing N N 110 
DT  OP3   P      sing N N 111 
DT  OP3   HOP3   sing N N 112 
DT  P     OP1    doub N N 113 
DT  P     OP2    sing N N 114 
DT  P     "O5'"  sing N N 115 
DT  OP2   HOP2   sing N N 116 
DT  "O5'" "C5'"  sing N N 117 
DT  "C5'" "C4'"  sing N N 118 
DT  "C5'" "H5'"  sing N N 119 
DT  "C5'" "H5''" sing N N 120 
DT  "C4'" "O4'"  sing N N 121 
DT  "C4'" "C3'"  sing N N 122 
DT  "C4'" "H4'"  sing N N 123 
DT  "O4'" "C1'"  sing N N 124 
DT  "C3'" "O3'"  sing N N 125 
DT  "C3'" "C2'"  sing N N 126 
DT  "C3'" "H3'"  sing N N 127 
DT  "O3'" "HO3'" sing N N 128 
DT  "C2'" "C1'"  sing N N 129 
DT  "C2'" "H2'"  sing N N 130 
DT  "C2'" "H2''" sing N N 131 
DT  "C1'" N1     sing N N 132 
DT  "C1'" "H1'"  sing N N 133 
DT  N1    C2     sing N N 134 
DT  N1    C6     sing N N 135 
DT  C2    O2     doub N N 136 
DT  C2    N3     sing N N 137 
DT  N3    C4     sing N N 138 
DT  N3    H3     sing N N 139 
DT  C4    O4     doub N N 140 
DT  C4    C5     sing N N 141 
DT  C5    C7     sing N N 142 
DT  C5    C6     doub N N 143 
DT  C7    H71    sing N N 144 
DT  C7    H72    sing N N 145 
DT  C7    H73    sing N N 146 
DT  C6    H6     sing N N 147 
HOH O     H1     sing N N 148 
HOH O     H2     sing N N 149 
# 
_ndb_struct_conf_na.entry_id   1O0K 
_ndb_struct_conf_na.feature    'quadruple helix' 
# 
_pdbx_initial_refinement_model.accession_code   352D 
_pdbx_initial_refinement_model.id               1 
_pdbx_initial_refinement_model.entity_id_list   ? 
_pdbx_initial_refinement_model.type             'experimental model' 
_pdbx_initial_refinement_model.source_name      PDB 
_pdbx_initial_refinement_model.details          'The first G4 quadruplex from UDF062' 
# 
_atom_sites.entry_id                    1O0K 
_atom_sites.fract_transf_matrix[1][1]   0.00978446 
_atom_sites.fract_transf_matrix[1][2]   0.01804751 
_atom_sites.fract_transf_matrix[1][3]   0.00715721 
_atom_sites.fract_transf_matrix[2][1]   -0.01531949 
_atom_sites.fract_transf_matrix[2][2]   0.01179608 
_atom_sites.fract_transf_matrix[2][3]   -0.00880190 
_atom_sites.fract_transf_matrix[3][1]   -0.00844123 
_atom_sites.fract_transf_matrix[3][2]   0.01332168 
_atom_sites.fract_transf_matrix[3][3]   0.03254513 
_atom_sites.fract_transf_vector[1]      0.314357 
_atom_sites.fract_transf_vector[2]      0.009257 
_atom_sites.fract_transf_vector[3]      0.303733 
# 
loop_
_atom_type.symbol 
C  
N  
NA 
O  
P  
# 
loop_
_atom_site.group_PDB 
_atom_site.id 
_atom_site.type_symbol 
_atom_site.label_atom_id 
_atom_site.label_alt_id 
_atom_site.label_comp_id 
_atom_site.label_asym_id 
_atom_site.label_entity_id 
_atom_site.label_seq_id 
_atom_site.pdbx_PDB_ins_code 
_atom_site.Cartn_x 
_atom_site.Cartn_y 
_atom_site.Cartn_z 
_atom_site.occupancy 
_atom_site.B_iso_or_equiv 
_atom_site.pdbx_formal_charge 
_atom_site.auth_seq_id 
_atom_site.auth_comp_id 
_atom_site.auth_asym_id 
_atom_site.auth_atom_id 
_atom_site.pdbx_PDB_model_num 
ATOM   1   O  "O5'" . DT  A 1 1 ? 4.836   8.650   -5.547  1.00 20.42 ? 1001 DT  A "O5'" 1 
ATOM   2   C  "C5'" . DT  A 1 1 ? 3.946   8.538   -6.662  1.00 20.48 ? 1001 DT  A "C5'" 1 
ATOM   3   C  "C4'" . DT  A 1 1 ? 4.753   8.327   -7.934  1.00 21.38 ? 1001 DT  A "C4'" 1 
ATOM   4   O  "O4'" . DT  A 1 1 ? 5.390   9.569   -8.333  1.00 23.03 ? 1001 DT  A "O4'" 1 
ATOM   5   C  "C3'" . DT  A 1 1 ? 5.892   7.334   -7.878  1.00 20.62 ? 1001 DT  A "C3'" 1 
ATOM   6   O  "O3'" . DT  A 1 1 ? 6.050   6.679   -9.139  1.00 19.30 ? 1001 DT  A "O3'" 1 
ATOM   7   C  "C2'" . DT  A 1 1 ? 7.109   8.149   -7.555  1.00 19.13 ? 1001 DT  A "C2'" 1 
ATOM   8   C  "C1'" . DT  A 1 1 ? 6.802   9.385   -8.419  1.00 19.91 ? 1001 DT  A "C1'" 1 
ATOM   9   N  N1    . DT  A 1 1 ? 7.455   10.599  -7.965  1.00 23.22 ? 1001 DT  A N1    1 
ATOM   10  C  C2    . DT  A 1 1 ? 8.496   11.144  -8.666  1.00 25.39 ? 1001 DT  A C2    1 
ATOM   11  O  O2    . DT  A 1 1 ? 8.962   10.698  -9.697  1.00 29.62 ? 1001 DT  A O2    1 
ATOM   12  N  N3    . DT  A 1 1 ? 9.041   12.292  -8.148  1.00 23.93 ? 1001 DT  A N3    1 
ATOM   13  C  C4    . DT  A 1 1 ? 8.658   12.947  -7.004  1.00 26.90 ? 1001 DT  A C4    1 
ATOM   14  O  O4    . DT  A 1 1 ? 9.243   13.967  -6.665  1.00 34.75 ? 1001 DT  A O4    1 
ATOM   15  C  C5    . DT  A 1 1 ? 7.550   12.328  -6.291  1.00 24.14 ? 1001 DT  A C5    1 
ATOM   16  C  C7    . DT  A 1 1 ? 7.076   12.994  -5.025  1.00 22.88 ? 1001 DT  A C7    1 
ATOM   17  C  C6    . DT  A 1 1 ? 7.000   11.204  -6.786  1.00 20.35 ? 1001 DT  A C6    1 
ATOM   18  P  P     . DG  A 1 2 ? 5.291   5.288   -9.371  1.00 17.73 ? 1002 DG  A P     1 
ATOM   19  O  OP1   . DG  A 1 2 ? 5.466   5.057   -10.861 1.00 23.69 ? 1002 DG  A OP1   1 
ATOM   20  O  OP2   . DG  A 1 2 ? 3.967   5.231   -8.751  1.00 22.48 ? 1002 DG  A OP2   1 
ATOM   21  O  "O5'" . DG  A 1 2 ? 6.174   4.206   -8.615  1.00 17.33 ? 1002 DG  A "O5'" 1 
ATOM   22  C  "C5'" . DG  A 1 2 ? 7.597   4.231   -8.865  1.00 17.99 ? 1002 DG  A "C5'" 1 
ATOM   23  C  "C4'" . DG  A 1 2 ? 8.122   3.052   -8.054  1.00 14.52 ? 1002 DG  A "C4'" 1 
ATOM   24  O  "O4'" . DG  A 1 2 ? 7.740   3.392   -6.690  1.00 17.47 ? 1002 DG  A "O4'" 1 
ATOM   25  C  "C3'" . DG  A 1 2 ? 7.486   1.701   -8.317  1.00 13.51 ? 1002 DG  A "C3'" 1 
ATOM   26  O  "O3'" . DG  A 1 2 ? 8.504   0.716   -8.194  1.00 14.31 ? 1002 DG  A "O3'" 1 
ATOM   27  C  "C2'" . DG  A 1 2 ? 6.417   1.583   -7.276  1.00 13.67 ? 1002 DG  A "C2'" 1 
ATOM   28  C  "C1'" . DG  A 1 2 ? 7.059   2.413   -6.065  1.00 14.06 ? 1002 DG  A "C1'" 1 
ATOM   29  N  N9    . DG  A 1 2 ? 5.907   2.767   -5.270  1.00 12.30 ? 1002 DG  A N9    1 
ATOM   30  C  C8    . DG  A 1 2 ? 4.812   3.501   -5.631  1.00 12.17 ? 1002 DG  A C8    1 
ATOM   31  N  N7    . DG  A 1 2 ? 3.972   3.612   -4.629  1.00 11.04 ? 1002 DG  A N7    1 
ATOM   32  C  C5    . DG  A 1 2 ? 4.551   2.915   -3.597  1.00 9.61  ? 1002 DG  A C5    1 
ATOM   33  C  C6    . DG  A 1 2 ? 4.116   2.670   -2.266  1.00 8.34  ? 1002 DG  A C6    1 
ATOM   34  O  O6    . DG  A 1 2 ? 3.057   3.072   -1.757  1.00 9.19  ? 1002 DG  A O6    1 
ATOM   35  N  N1    . DG  A 1 2 ? 5.007   1.911   -1.546  1.00 8.13  ? 1002 DG  A N1    1 
ATOM   36  C  C2    . DG  A 1 2 ? 6.209   1.429   -2.034  1.00 8.43  ? 1002 DG  A C2    1 
ATOM   37  N  N2    . DG  A 1 2 ? 6.977   0.700   -1.211  1.00 9.06  ? 1002 DG  A N2    1 
ATOM   38  N  N3    . DG  A 1 2 ? 6.634   1.641   -3.269  1.00 9.13  ? 1002 DG  A N3    1 
ATOM   39  C  C4    . DG  A 1 2 ? 5.742   2.381   -3.953  1.00 9.83  ? 1002 DG  A C4    1 
ATOM   40  P  P     . DG  A 1 3 ? 8.257   -0.877  -8.228  1.00 15.04 ? 1003 DG  A P     1 
ATOM   41  O  OP1   . DG  A 1 3 ? 9.431   -1.446  -8.896  1.00 20.46 ? 1003 DG  A OP1   1 
ATOM   42  O  OP2   . DG  A 1 3 ? 6.886   -1.208  -8.678  1.00 17.69 ? 1003 DG  A OP2   1 
ATOM   43  O  "O5'" . DG  A 1 3 ? 8.276   -1.252  -6.663  1.00 12.57 ? 1003 DG  A "O5'" 1 
ATOM   44  C  "C5'" . DG  A 1 3 ? 9.483   -1.077  -5.902  1.00 13.24 ? 1003 DG  A "C5'" 1 
ATOM   45  C  "C4'" . DG  A 1 3 ? 9.503   -2.082  -4.771  1.00 13.04 ? 1003 DG  A "C4'" 1 
ATOM   46  O  "O4'" . DG  A 1 3 ? 8.512   -1.747  -3.764  1.00 12.23 ? 1003 DG  A "O4'" 1 
ATOM   47  C  "C3'" . DG  A 1 3 ? 9.206   -3.525  -5.099  1.00 15.35 ? 1003 DG  A "C3'" 1 
ATOM   48  O  "O3'" . DG  A 1 3 ? 9.952   -4.377  -4.234  1.00 20.29 ? 1003 DG  A "O3'" 1 
ATOM   49  C  "C2'" . DG  A 1 3 ? 7.734   -3.666  -4.858  1.00 12.24 ? 1003 DG  A "C2'" 1 
ATOM   50  C  "C1'" . DG  A 1 3 ? 7.501   -2.803  -3.657  1.00 11.35 ? 1003 DG  A "C1'" 1 
ATOM   51  N  N9    . DG  A 1 3 ? 6.256   -2.067  -3.550  1.00 9.96  ? 1003 DG  A N9    1 
ATOM   52  C  C8    . DG  A 1 3 ? 5.631   -1.324  -4.523  1.00 10.10 ? 1003 DG  A C8    1 
ATOM   53  N  N7    . DG  A 1 3 ? 4.520   -0.777  -4.113  1.00 9.52  ? 1003 DG  A N7    1 
ATOM   54  C  C5    . DG  A 1 3 ? 4.406   -1.185  -2.798  1.00 8.51  ? 1003 DG  A C5    1 
ATOM   55  C  C6    . DG  A 1 3 ? 3.373   -0.887  -1.828  1.00 8.34  ? 1003 DG  A C6    1 
ATOM   56  O  O6    . DG  A 1 3 ? 2.362   -0.195  -2.000  1.00 8.78  ? 1003 DG  A O6    1 
ATOM   57  N  N1    . DG  A 1 3 ? 3.640   -1.479  -0.636  1.00 8.77  ? 1003 DG  A N1    1 
ATOM   58  C  C2    . DG  A 1 3 ? 4.731   -2.275  -0.337  1.00 8.78  ? 1003 DG  A C2    1 
ATOM   59  N  N2    . DG  A 1 3 ? 4.801   -2.771  0.918   1.00 9.62  ? 1003 DG  A N2    1 
ATOM   60  N  N3    . DG  A 1 3 ? 5.683   -2.548  -1.226  1.00 8.95  ? 1003 DG  A N3    1 
ATOM   61  C  C4    . DG  A 1 3 ? 5.452   -1.968  -2.425  1.00 8.76  ? 1003 DG  A C4    1 
ATOM   62  P  P     . DG  A 1 4 ? 9.866   -5.984  -4.416  1.00 28.81 ? 1004 DG  A P     1 
ATOM   63  O  OP1   . DG  A 1 4 ? 11.119  -6.648  -4.369  1.00 32.05 ? 1004 DG  A OP1   1 
ATOM   64  O  OP2   . DG  A 1 4 ? 9.367   -6.212  -5.866  1.00 31.87 ? 1004 DG  A OP2   1 
ATOM   65  O  "O5'" . DG  A 1 4 ? 8.683   -6.441  -3.521  1.00 21.35 ? 1004 DG  A "O5'" 1 
ATOM   66  C  "C5'" . DG  A 1 4 ? 9.076   -6.867  -2.216  1.00 21.03 ? 1004 DG  A "C5'" 1 
ATOM   67  C  "C4'" . DG  A 1 4 ? 7.907   -7.436  -1.545  1.00 17.09 ? 1004 DG  A "C4'" 1 
ATOM   68  O  "O4'" . DG  A 1 4 ? 6.952   -6.443  -1.232  1.00 14.47 ? 1004 DG  A "O4'" 1 
ATOM   69  C  "C3'" . DG  A 1 4 ? 7.145   -8.695  -1.827  1.00 17.25 ? 1004 DG  A "C3'" 1 
ATOM   70  O  "O3'" . DG  A 1 4 ? 7.216   -9.466  -0.657  1.00 21.02 ? 1004 DG  A "O3'" 1 
ATOM   71  C  "C2'" . DG  A 1 4 ? 5.732   -8.269  -2.080  1.00 18.23 ? 1004 DG  A "C2'" 1 
ATOM   72  C  "C1'" . DG  A 1 4 ? 5.671   -7.001  -1.194  1.00 12.93 ? 1004 DG  A "C1'" 1 
ATOM   73  N  N9    . DG  A 1 4 ? 4.701   -6.036  -1.693  1.00 12.20 ? 1004 DG  A N9    1 
ATOM   74  C  C8    . DG  A 1 4 ? 4.666   -5.456  -2.954  1.00 12.19 ? 1004 DG  A C8    1 
ATOM   75  N  N7    . DG  A 1 4 ? 3.655   -4.617  -3.081  1.00 11.44 ? 1004 DG  A N7    1 
ATOM   76  C  C5    . DG  A 1 4 ? 3.013   -4.662  -1.854  1.00 10.77 ? 1004 DG  A C5    1 
ATOM   77  C  C6    . DG  A 1 4 ? 1.854   -3.959  -1.419  1.00 9.36  ? 1004 DG  A C6    1 
ATOM   78  O  O6    . DG  A 1 4 ? 1.165   -3.153  -2.047  1.00 10.13 ? 1004 DG  A O6    1 
ATOM   79  N  N1    . DG  A 1 4 ? 1.550   -4.301  -0.107  1.00 10.50 ? 1004 DG  A N1    1 
ATOM   80  C  C2    . DG  A 1 4 ? 2.245   -5.189  0.704   1.00 10.43 ? 1004 DG  A C2    1 
ATOM   81  N  N2    . DG  A 1 4 ? 1.802   -5.383  1.931   1.00 11.98 ? 1004 DG  A N2    1 
ATOM   82  N  N3    . DG  A 1 4 ? 3.315   -5.821  0.270   1.00 11.40 ? 1004 DG  A N3    1 
ATOM   83  C  C4    . DG  A 1 4 ? 3.637   -5.520  -0.992  1.00 11.04 ? 1004 DG  A C4    1 
ATOM   84  P  P     . DG  A 1 5 ? 6.707   -10.931 -0.455  1.00 25.76 ? 1005 DG  A P     1 
ATOM   85  O  OP1   . DG  A 1 5 ? 7.669   -11.655 0.388   1.00 35.64 ? 1005 DG  A OP1   1 
ATOM   86  O  OP2   . DG  A 1 5 ? 6.245   -11.468 -1.773  1.00 36.19 ? 1005 DG  A OP2   1 
ATOM   87  O  "O5'" . DG  A 1 5 ? 5.375   -10.732 0.408   1.00 24.02 ? 1005 DG  A "O5'" 1 
ATOM   88  C  "C5'" . DG  A 1 5 ? 5.551   -10.234 1.754   1.00 24.80 ? 1005 DG  A "C5'" 1 
ATOM   89  C  "C4'" . DG  A 1 5 ? 4.226   -10.417 2.471   1.00 21.75 ? 1005 DG  A "C4'" 1 
ATOM   90  O  "O4'" . DG  A 1 5 ? 3.307   -9.420  1.985   1.00 20.22 ? 1005 DG  A "O4'" 1 
ATOM   91  C  "C3'" . DG  A 1 5 ? 3.576   -11.756 2.139   1.00 22.64 ? 1005 DG  A "C3'" 1 
ATOM   92  O  "O3'" . DG  A 1 5 ? 2.871   -12.264 3.251   1.00 30.20 ? 1005 DG  A "O3'" 1 
ATOM   93  C  "C2'" . DG  A 1 5 ? 2.634   -11.443 1.004   1.00 23.69 ? 1005 DG  A "C2'" 1 
ATOM   94  C  "C1'" . DG  A 1 5 ? 2.135   -10.100 1.412   1.00 21.00 ? 1005 DG  A "C1'" 1 
ATOM   95  N  N9    . DG  A 1 5 ? 1.685   -9.162  0.394   1.00 17.64 ? 1005 DG  A N9    1 
ATOM   96  C  C8    . DG  A 1 5 ? 2.339   -8.949  -0.809  1.00 17.13 ? 1005 DG  A C8    1 
ATOM   97  N  N7    . DG  A 1 5 ? 1.715   -8.047  -1.538  1.00 16.19 ? 1005 DG  A N7    1 
ATOM   98  C  C5    . DG  A 1 5 ? 0.609   -7.661  -0.770  1.00 15.95 ? 1005 DG  A C5    1 
ATOM   99  C  C6    . DG  A 1 5 ? -0.427  -6.728  -1.024  1.00 12.96 ? 1005 DG  A C6    1 
ATOM   100 O  O6    . DG  A 1 5 ? -0.560  -6.027  -2.042  1.00 12.45 ? 1005 DG  A O6    1 
ATOM   101 N  N1    . DG  A 1 5 ? -1.345  -6.646  0.019   1.00 13.45 ? 1005 DG  A N1    1 
ATOM   102 C  C2    . DG  A 1 5 ? -1.282  -7.381  1.188   1.00 14.85 ? 1005 DG  A C2    1 
ATOM   103 N  N2    . DG  A 1 5 ? -2.240  -7.188  2.093   1.00 14.50 ? 1005 DG  A N2    1 
ATOM   104 N  N3    . DG  A 1 5 ? -0.318  -8.246  1.420   1.00 16.55 ? 1005 DG  A N3    1 
ATOM   105 C  C4    . DG  A 1 5 ? 0.583   -8.345  0.426   1.00 16.16 ? 1005 DG  A C4    1 
ATOM   106 P  P     . DT  A 1 6 ? 2.674   -13.802 3.675   1.00 43.36 ? 1006 DT  A P     1 
ATOM   107 O  OP1   . DT  A 1 6 ? 2.070   -13.792 5.041   1.00 70.11 ? 1006 DT  A OP1   1 
ATOM   108 O  OP2   . DT  A 1 6 ? 3.936   -14.553 3.512   1.00 47.92 ? 1006 DT  A OP2   1 
ATOM   109 O  "O5'" . DT  A 1 6 ? 1.606   -14.381 2.663   1.00 53.51 ? 1006 DT  A "O5'" 1 
ATOM   110 O  "O3'" . DT  B 1 1 ? -8.470  10.439  -2.916  1.00 47.07 ? 1007 DT  B "O3'" 1 
ATOM   111 P  P     . DG  B 1 2 ? -8.474  8.911   -3.458  1.00 24.03 ? 1008 DG  B P     1 
ATOM   112 O  OP1   . DG  B 1 2 ? -8.810  8.979   -4.895  1.00 34.23 ? 1008 DG  B OP1   1 
ATOM   113 O  OP2   . DG  B 1 2 ? -9.374  8.151   -2.549  1.00 27.57 ? 1008 DG  B OP2   1 
ATOM   114 O  "O5'" . DG  B 1 2 ? -7.003  8.462   -3.221  1.00 26.61 ? 1008 DG  B "O5'" 1 
ATOM   115 C  "C5'" . DG  B 1 2 ? -6.383  7.376   -3.920  1.00 19.90 ? 1008 DG  B "C5'" 1 
ATOM   116 C  "C4'" . DG  B 1 2 ? -5.150  7.941   -4.578  1.00 14.88 ? 1008 DG  B "C4'" 1 
ATOM   117 O  "O4'" . DG  B 1 2 ? -4.185  8.267   -3.559  1.00 14.05 ? 1008 DG  B "O4'" 1 
ATOM   118 C  "C3'" . DG  B 1 2 ? -4.469  6.932   -5.485  1.00 13.80 ? 1008 DG  B "C3'" 1 
ATOM   119 O  "O3'" . DG  B 1 2 ? -4.948  7.130   -6.814  1.00 15.37 ? 1008 DG  B "O3'" 1 
ATOM   120 C  "C2'" . DG  B 1 2 ? -3.024  7.216   -5.414  1.00 14.83 ? 1008 DG  B "C2'" 1 
ATOM   121 C  "C1'" . DG  B 1 2 ? -2.902  7.816   -4.038  1.00 13.20 ? 1008 DG  B "C1'" 1 
ATOM   122 N  N9    . DG  B 1 2 ? -2.396  6.917   -2.954  1.00 10.96 ? 1008 DG  B N9    1 
ATOM   123 C  C8    . DG  B 1 2 ? -2.976  6.670   -1.715  1.00 11.63 ? 1008 DG  B C8    1 
ATOM   124 N  N7    . DG  B 1 2 ? -2.245  5.828   -1.019  1.00 10.48 ? 1008 DG  B N7    1 
ATOM   125 C  C5    . DG  B 1 2 ? -1.156  5.518   -1.811  1.00 9.20  ? 1008 DG  B C5    1 
ATOM   126 C  C6    . DG  B 1 2 ? -0.047  4.666   -1.572  1.00 8.68  ? 1008 DG  B C6    1 
ATOM   127 O  O6    . DG  B 1 2 ? 0.174   3.998   -0.556  1.00 8.62  ? 1008 DG  B O6    1 
ATOM   128 N  N1    . DG  B 1 2 ? 0.841   4.636   -2.641  1.00 8.67  ? 1008 DG  B N1    1 
ATOM   129 C  C2    . DG  B 1 2 ? 0.661   5.342   -3.800  1.00 8.90  ? 1008 DG  B C2    1 
ATOM   130 N  N2    . DG  B 1 2 ? 1.586   5.233   -4.765  1.00 10.12 ? 1008 DG  B N2    1 
ATOM   131 N  N3    . DG  B 1 2 ? -0.379  6.155   -4.053  1.00 10.65 ? 1008 DG  B N3    1 
ATOM   132 C  C4    . DG  B 1 2 ? -1.237  6.185   -3.002  1.00 9.94  ? 1008 DG  B C4    1 
ATOM   133 P  P     . DG  B 1 3 ? -5.028  5.886   -7.791  1.00 14.96 ? 1009 DG  B P     1 
ATOM   134 O  OP1   . DG  B 1 3 ? -5.697  6.411   -9.014  1.00 17.91 ? 1009 DG  B OP1   1 
ATOM   135 O  OP2   . DG  B 1 3 ? -5.607  4.723   -7.059  1.00 16.47 ? 1009 DG  B OP2   1 
ATOM   136 O  "O5'" . DG  B 1 3 ? -3.525  5.511   -8.110  1.00 14.39 ? 1009 DG  B "O5'" 1 
ATOM   137 C  "C5'" . DG  B 1 3 ? -2.651  6.346   -8.885  1.00 15.04 ? 1009 DG  B "C5'" 1 
ATOM   138 C  "C4'" . DG  B 1 3 ? -1.546  5.482   -9.485  1.00 13.26 ? 1009 DG  B "C4'" 1 
ATOM   139 O  "O4'" . DG  B 1 3 ? -0.726  4.990   -8.401  1.00 12.80 ? 1009 DG  B "O4'" 1 
ATOM   140 C  "C3'" . DG  B 1 3 ? -2.068  4.207   -10.156 1.00 13.29 ? 1009 DG  B "C3'" 1 
ATOM   141 O  "O3'" . DG  B 1 3 ? -1.283  3.958   -11.308 1.00 15.09 ? 1009 DG  B "O3'" 1 
ATOM   142 C  "C2'" . DG  B 1 3 ? -1.937  3.107   -9.146  1.00 12.83 ? 1009 DG  B "C2'" 1 
ATOM   143 C  "C1'" . DG  B 1 3 ? -0.750  3.582   -8.286  1.00 11.80 ? 1009 DG  B "C1'" 1 
ATOM   144 N  N9    . DG  B 1 3 ? -0.882  3.212   -6.885  1.00 10.31 ? 1009 DG  B N9    1 
ATOM   145 C  C8    . DG  B 1 3 ? -1.930  3.513   -6.014  1.00 10.71 ? 1009 DG  B C8    1 
ATOM   146 N  N7    . DG  B 1 3 ? -1.754  3.036   -4.795  1.00 9.69  ? 1009 DG  B N7    1 
ATOM   147 C  C5    . DG  B 1 3 ? -0.507  2.382   -4.888  1.00 8.81  ? 1009 DG  B C5    1 
ATOM   148 C  C6    . DG  B 1 3 ? 0.194   1.682   -3.888  1.00 9.46  ? 1009 DG  B C6    1 
ATOM   149 O  O6    . DG  B 1 3 ? -0.130  1.489   -2.713  1.00 9.41  ? 1009 DG  B O6    1 
ATOM   150 N  N1    . DG  B 1 3 ? 1.403   1.172   -4.357  1.00 9.40  ? 1009 DG  B N1    1 
ATOM   151 C  C2    . DG  B 1 3 ? 1.866   1.321   -5.648  1.00 9.37  ? 1009 DG  B C2    1 
ATOM   152 N  N2    . DG  B 1 3 ? 3.046   0.759   -5.921  1.00 10.96 ? 1009 DG  B N2    1 
ATOM   153 N  N3    . DG  B 1 3 ? 1.197   1.978   -6.571  1.00 9.86  ? 1009 DG  B N3    1 
ATOM   154 C  C4    . DG  B 1 3 ? 0.021   2.480   -6.129  1.00 9.38  ? 1009 DG  B C4    1 
ATOM   155 P  P     . DG  B 1 4 ? -1.518  2.746   -12.304 1.00 18.05 ? 1010 DG  B P     1 
ATOM   156 O  OP1   . DG  B 1 4 ? -0.982  3.145   -13.617 1.00 23.24 ? 1010 DG  B OP1   1 
ATOM   157 O  OP2   . DG  B 1 4 ? -2.946  2.273   -12.188 1.00 21.37 ? 1010 DG  B OP2   1 
ATOM   158 O  "O5'" . DG  B 1 4 ? -0.600  1.545   -11.749 1.00 16.67 ? 1010 DG  B "O5'" 1 
ATOM   159 C  "C5'" . DG  B 1 4 ? 0.821   1.748   -11.825 1.00 17.23 ? 1010 DG  B "C5'" 1 
ATOM   160 C  "C4'" . DG  B 1 4 ? 1.480   0.474   -11.377 1.00 17.13 ? 1010 DG  B "C4'" 1 
ATOM   161 O  "O4'" . DG  B 1 4 ? 1.300   0.331   -9.959  1.00 14.40 ? 1010 DG  B "O4'" 1 
ATOM   162 C  "C3'" . DG  B 1 4 ? 0.898   -0.810  -11.961 1.00 18.50 ? 1010 DG  B "C3'" 1 
ATOM   163 O  "O3'" . DG  B 1 4 ? 2.004   -1.563  -12.429 1.00 23.95 ? 1010 DG  B "O3'" 1 
ATOM   164 C  "C2'" . DG  B 1 4 ? 0.112   -1.442  -10.825 1.00 19.22 ? 1010 DG  B "C2'" 1 
ATOM   165 C  "C1'" . DG  B 1 4 ? 0.951   -1.014  -9.641  1.00 14.78 ? 1010 DG  B "C1'" 1 
ATOM   166 N  N9    . DG  B 1 4 ? 0.296   -0.953  -8.337  1.00 12.74 ? 1010 DG  B N9    1 
ATOM   167 C  C8    . DG  B 1 4 ? -0.905  -0.325  -8.048  1.00 12.32 ? 1010 DG  B C8    1 
ATOM   168 N  N7    . DG  B 1 4 ? -1.188  -0.467  -6.799  1.00 10.75 ? 1010 DG  B N7    1 
ATOM   169 C  C5    . DG  B 1 4 ? -0.177  -1.201  -6.219  1.00 10.13 ? 1010 DG  B C5    1 
ATOM   170 C  C6    . DG  B 1 4 ? 0.036   -1.647  -4.899  1.00 9.56  ? 1010 DG  B C6    1 
ATOM   171 O  O6    . DG  B 1 4 ? -0.686  -1.472  -3.902  1.00 10.15 ? 1010 DG  B O6    1 
ATOM   172 N  N1    . DG  B 1 4 ? 1.228   -2.371  -4.784  1.00 10.06 ? 1010 DG  B N1    1 
ATOM   173 C  C2    . DG  B 1 4 ? 2.109   -2.627  -5.833  1.00 10.84 ? 1010 DG  B C2    1 
ATOM   174 N  N2    . DG  B 1 4 ? 3.216   -3.341  -5.557  1.00 11.29 ? 1010 DG  B N2    1 
ATOM   175 N  N3    . DG  B 1 4 ? 1.908   -2.209  -7.056  1.00 12.66 ? 1010 DG  B N3    1 
ATOM   176 C  C4    . DG  B 1 4 ? 0.763   -1.510  -7.174  1.00 11.28 ? 1010 DG  B C4    1 
ATOM   177 P  P     . DG  B 1 5 ? 1.947   -2.888  -13.232 1.00 23.45 ? 1011 DG  B P     1 
ATOM   178 O  OP1   . DG  B 1 5 ? 2.989   -2.758  -14.327 1.00 27.99 ? 1011 DG  B OP1   1 
ATOM   179 O  OP2   . DG  B 1 5 ? 0.537   -3.269  -13.523 1.00 33.78 ? 1011 DG  B OP2   1 
ATOM   180 O  "O5'" . DG  B 1 5 ? 2.505   -4.036  -12.265 1.00 22.83 ? 1011 DG  B "O5'" 1 
ATOM   181 C  "C5'" . DG  B 1 5 ? 3.844   -3.966  -11.741 1.00 22.34 ? 1011 DG  B "C5'" 1 
ATOM   182 C  "C4'" . DG  B 1 5 ? 4.061   -5.187  -10.878 1.00 22.67 ? 1011 DG  B "C4'" 1 
ATOM   183 O  "O4'" . DG  B 1 5 ? 3.377   -5.046  -9.614  1.00 21.12 ? 1011 DG  B "O4'" 1 
ATOM   184 C  "C3'" . DG  B 1 5 ? 3.469   -6.469  -11.476 1.00 25.65 ? 1011 DG  B "C3'" 1 
ATOM   185 O  "O3'" . DG  B 1 5 ? 4.403   -7.519  -11.268 1.00 34.59 ? 1011 DG  B "O3'" 1 
ATOM   186 C  "C2'" . DG  B 1 5 ? 2.173   -6.680  -10.763 1.00 25.17 ? 1011 DG  B "C2'" 1 
ATOM   187 C  "C1'" . DG  B 1 5 ? 2.527   -6.213  -9.379  1.00 22.56 ? 1011 DG  B "C1'" 1 
ATOM   188 N  N9    . DG  B 1 5 ? 1.508   -5.675  -8.494  1.00 18.64 ? 1011 DG  B N9    1 
ATOM   189 C  C8    . DG  B 1 5 ? 0.509   -4.814  -8.842  1.00 16.07 ? 1011 DG  B C8    1 
ATOM   190 N  N7    . DG  B 1 5 ? -0.274  -4.482  -7.860  1.00 15.55 ? 1011 DG  B N7    1 
ATOM   191 C  C5    . DG  B 1 5 ? 0.254   -5.184  -6.774  1.00 14.45 ? 1011 DG  B C5    1 
ATOM   192 C  C6    . DG  B 1 5 ? -0.164  -5.232  -5.423  1.00 12.49 ? 1011 DG  B C6    1 
ATOM   193 O  O6    . DG  B 1 5 ? -1.116  -4.639  -4.914  1.00 13.00 ? 1011 DG  B O6    1 
ATOM   194 N  N1    . DG  B 1 5 ? 0.650   -6.058  -4.672  1.00 13.77 ? 1011 DG  B N1    1 
ATOM   195 C  C2    . DG  B 1 5 ? 1.742   -6.771  -5.137  1.00 15.20 ? 1011 DG  B C2    1 
ATOM   196 N  N2    . DG  B 1 5 ? 2.385   -7.512  -4.226  1.00 15.29 ? 1011 DG  B N2    1 
ATOM   197 N  N3    . DG  B 1 5 ? 2.130   -6.723  -6.392  1.00 15.97 ? 1011 DG  B N3    1 
ATOM   198 C  C4    . DG  B 1 5 ? 1.354   -5.925  -7.141  1.00 15.42 ? 1011 DG  B C4    1 
ATOM   199 P  P     . DT  B 1 6 ? 4.653   -8.698  -12.341 1.00 52.35 ? 1012 DT  B P     1 
ATOM   200 O  OP1   . DT  B 1 6 ? 5.857   -9.463  -11.936 1.00 56.34 ? 1012 DT  B OP1   1 
ATOM   201 O  OP2   . DT  B 1 6 ? 4.551   -8.112  -13.703 1.00 54.90 ? 1012 DT  B OP2   1 
ATOM   202 O  "O5'" . DT  B 1 6 ? 3.383   -9.641  -12.120 1.00 63.55 ? 1012 DT  B "O5'" 1 
ATOM   203 O  "O5'" . DT  C 1 1 ? -5.211  4.799   13.952  1.00 16.24 ? 1013 DT  C "O5'" 1 
ATOM   204 C  "C5'" . DT  C 1 1 ? -4.512  4.605   12.719  1.00 15.61 ? 1013 DT  C "C5'" 1 
ATOM   205 C  "C4'" . DT  C 1 1 ? -3.355  3.674   12.922  1.00 14.97 ? 1013 DT  C "C4'" 1 
ATOM   206 O  "O4'" . DT  C 1 1 ? -2.394  4.184   13.877  1.00 15.56 ? 1013 DT  C "O4'" 1 
ATOM   207 C  "C3'" . DT  C 1 1 ? -3.713  2.309   13.464  1.00 15.03 ? 1013 DT  C "C3'" 1 
ATOM   208 O  "O3'" . DT  C 1 1 ? -2.822  1.353   12.924  1.00 15.57 ? 1013 DT  C "O3'" 1 
ATOM   209 C  "C2'" . DT  C 1 1 ? -3.524  2.393   14.949  1.00 14.98 ? 1013 DT  C "C2'" 1 
ATOM   210 C  "C1'" . DT  C 1 1 ? -2.325  3.298   15.024  1.00 14.07 ? 1013 DT  C "C1'" 1 
ATOM   211 N  N1    . DT  C 1 1 ? -2.213  4.202   16.202  1.00 13.11 ? 1013 DT  C N1    1 
ATOM   212 C  C2    . DT  C 1 1 ? -1.314  3.837   17.174  1.00 14.45 ? 1013 DT  C C2    1 
ATOM   213 O  O2    . DT  C 1 1 ? -0.633  2.829   17.093  1.00 18.78 ? 1013 DT  C O2    1 
ATOM   214 N  N3    . DT  C 1 1 ? -1.242  4.685   18.247  1.00 13.61 ? 1013 DT  C N3    1 
ATOM   215 C  C4    . DT  C 1 1 ? -1.965  5.846   18.412  1.00 12.01 ? 1013 DT  C C4    1 
ATOM   216 O  O4    . DT  C 1 1 ? -1.783  6.484   19.419  1.00 14.98 ? 1013 DT  C O4    1 
ATOM   217 C  C5    . DT  C 1 1 ? -2.894  6.170   17.374  1.00 13.40 ? 1013 DT  C C5    1 
ATOM   218 C  C7    . DT  C 1 1 ? -3.731  7.396   17.455  1.00 16.17 ? 1013 DT  C C7    1 
ATOM   219 C  C6    . DT  C 1 1 ? -2.972  5.335   16.309  1.00 12.93 ? 1013 DT  C C6    1 
ATOM   220 P  P     . DG  C 1 2 ? -3.344  0.323   11.807  1.00 15.91 ? 1014 DG  C P     1 
ATOM   221 O  OP1   . DG  C 1 2 ? -4.633  -0.276  12.277  1.00 21.92 ? 1014 DG  C OP1   1 
ATOM   222 O  OP2   . DG  C 1 2 ? -2.154  -0.433  11.389  1.00 17.95 ? 1014 DG  C OP2   1 
ATOM   223 O  "O5'" . DG  C 1 2 ? -3.801  1.270   10.600  1.00 13.43 ? 1014 DG  C "O5'" 1 
ATOM   224 C  "C5'" . DG  C 1 2 ? -2.850  1.808   9.665   1.00 12.27 ? 1014 DG  C "C5'" 1 
ATOM   225 C  "C4'" . DG  C 1 2 ? -3.668  2.766   8.787   1.00 11.09 ? 1014 DG  C "C4'" 1 
ATOM   226 O  "O4'" . DG  C 1 2 ? -2.740  3.495   7.971   1.00 11.23 ? 1014 DG  C "O4'" 1 
ATOM   227 C  "C3'" . DG  C 1 2 ? -4.554  2.011   7.814   1.00 12.30 ? 1014 DG  C "C3'" 1 
ATOM   228 O  "O3'" . DG  C 1 2 ? -5.753  2.730   7.577   1.00 15.43 ? 1014 DG  C "O3'" 1 
ATOM   229 C  "C2'" . DG  C 1 2 ? -3.724  1.945   6.582   1.00 11.81 ? 1014 DG  C "C2'" 1 
ATOM   230 C  "C1'" . DG  C 1 2 ? -2.923  3.357   6.670   1.00 10.58 ? 1014 DG  C "C1'" 1 
ATOM   231 N  N9    . DG  C 1 2 ? -1.796  3.063   5.807   1.00 9.99  ? 1014 DG  C N9    1 
ATOM   232 C  C8    . DG  C 1 2 ? -0.644  2.345   6.097   1.00 9.86  ? 1014 DG  C C8    1 
ATOM   233 N  N7    . DG  C 1 2 ? 0.201   2.248   5.104   1.00 10.36 ? 1014 DG  C N7    1 
ATOM   234 C  C5    . DG  C 1 2 ? -0.442  2.948   4.073   1.00 9.16  ? 1014 DG  C C5    1 
ATOM   235 C  C6    . DG  C 1 2 ? -0.016  3.167   2.762   1.00 8.92  ? 1014 DG  C C6    1 
ATOM   236 O  O6    . DG  C 1 2 ? 1.048   2.782   2.247   1.00 8.53  ? 1014 DG  C O6    1 
ATOM   237 N  N1    . DG  C 1 2 ? -0.933  3.924   2.007   1.00 8.49  ? 1014 DG  C N1    1 
ATOM   238 C  C2    . DG  C 1 2 ? -2.117  4.370   2.545   1.00 9.06  ? 1014 DG  C C2    1 
ATOM   239 N  N2    . DG  C 1 2 ? -2.906  5.080   1.704   1.00 10.88 ? 1014 DG  C N2    1 
ATOM   240 N  N3    . DG  C 1 2 ? -2.536  4.165   3.778   1.00 9.45  ? 1014 DG  C N3    1 
ATOM   241 C  C4    . DG  C 1 2 ? -1.662  3.447   4.502   1.00 9.81  ? 1014 DG  C C4    1 
ATOM   242 P  P     . DG  C 1 3 ? -6.895  2.088   6.609   1.00 16.94 ? 1015 DG  C P     1 
ATOM   243 O  OP1   . DG  C 1 3 ? -8.179  2.644   7.098   1.00 24.03 ? 1015 DG  C OP1   1 
ATOM   244 O  OP2   . DG  C 1 3 ? -6.728  0.653   6.406   1.00 23.45 ? 1015 DG  C OP2   1 
ATOM   245 O  "O5'" . DG  C 1 3 ? -6.564  2.766   5.200   1.00 15.49 ? 1015 DG  C "O5'" 1 
ATOM   246 C  "C5'" . DG  C 1 3 ? -6.776  4.168   5.046   1.00 14.94 ? 1015 DG  C "C5'" 1 
ATOM   247 C  "C4'" . DG  C 1 3 ? -7.161  4.481   3.627   1.00 12.19 ? 1015 DG  C "C4'" 1 
ATOM   248 O  "O4'" . DG  C 1 3 ? -6.086  4.282   2.668   1.00 11.66 ? 1015 DG  C "O4'" 1 
ATOM   249 C  "C3'" . DG  C 1 3 ? -8.291  3.640   3.031   1.00 12.92 ? 1015 DG  C "C3'" 1 
ATOM   250 O  "O3'" . DG  C 1 3 ? -8.959  4.497   2.121   1.00 14.36 ? 1015 DG  C "O3'" 1 
ATOM   251 C  "C2'" . DG  C 1 3 ? -7.567  2.490   2.424   1.00 12.52 ? 1015 DG  C "C2'" 1 
ATOM   252 C  "C1'" . DG  C 1 3 ? -6.424  3.152   1.754   1.00 10.87 ? 1015 DG  C "C1'" 1 
ATOM   253 N  N9    . DG  C 1 3 ? -5.129  2.511   1.627   1.00 9.98  ? 1015 DG  C N9    1 
ATOM   254 C  C8    . DG  C 1 3 ? -4.491  1.808   2.614   1.00 9.83  ? 1015 DG  C C8    1 
ATOM   255 N  N7    . DG  C 1 3 ? -3.342  1.335   2.240   1.00 10.18 ? 1015 DG  C N7    1 
ATOM   256 C  C5    . DG  C 1 3 ? -3.197  1.755   0.925   1.00 8.61  ? 1015 DG  C C5    1 
ATOM   257 C  C6    . DG  C 1 3 ? -2.144  1.553   -0.012  1.00 8.90  ? 1015 DG  C C6    1 
ATOM   258 O  O6    . DG  C 1 3 ? -1.092  0.922   0.183   1.00 8.43  ? 1015 DG  C O6    1 
ATOM   259 N  N1    . DG  C 1 3 ? -2.405  2.148   -1.234  1.00 8.67  ? 1015 DG  C N1    1 
ATOM   260 C  C2    . DG  C 1 3 ? -3.554  2.863   -1.524  1.00 9.65  ? 1015 DG  C C2    1 
ATOM   261 N  N2    . DG  C 1 3 ? -3.645  3.368   -2.744  1.00 9.37  ? 1015 DG  C N2    1 
ATOM   262 N  N3    . DG  C 1 3 ? -4.533  3.053   -0.650  1.00 9.72  ? 1015 DG  C N3    1 
ATOM   263 C  C4    . DG  C 1 3 ? -4.290  2.479   0.530   1.00 8.99  ? 1015 DG  C C4    1 
ATOM   264 P  P     . DG  C 1 4 ? -10.242 4.091   1.285   1.00 15.95 ? 1016 DG  C P     1 
ATOM   265 O  OP1   . DG  C 1 4 ? -10.701 5.361   0.645   1.00 19.52 ? 1016 DG  C OP1   1 
ATOM   266 O  OP2   . DG  C 1 4 ? -11.171 3.304   2.117   1.00 17.62 ? 1016 DG  C OP2   1 
ATOM   267 O  "O5'" . DG  C 1 4 ? -9.577  3.171   0.196   1.00 18.31 ? 1016 DG  C "O5'" 1 
ATOM   268 C  "C5'" . DG  C 1 4 ? -10.321 2.295   -0.662  1.00 17.87 ? 1016 DG  C "C5'" 1 
ATOM   269 C  "C4'" . DG  C 1 4 ? -9.872  2.636   -2.052  1.00 17.35 ? 1016 DG  C "C4'" 1 
ATOM   270 O  "O4'" . DG  C 1 4 ? -8.423  2.531   -2.094  1.00 15.43 ? 1016 DG  C "O4'" 1 
ATOM   271 C  "C3'" . DG  C 1 4 ? -10.377 1.596   -3.038  1.00 21.62 ? 1016 DG  C "C3'" 1 
ATOM   272 O  "O3'" . DG  C 1 4 ? -10.688 2.299   -4.251  1.00 24.20 ? 1016 DG  C "O3'" 1 
ATOM   273 C  "C2'" . DG  C 1 4 ? -9.243  0.595   -3.052  1.00 20.87 ? 1016 DG  C "C2'" 1 
ATOM   274 C  "C1'" . DG  C 1 4 ? -8.022  1.503   -2.946  1.00 16.05 ? 1016 DG  C "C1'" 1 
ATOM   275 N  N9    . DG  C 1 4 ? -6.868  0.825   -2.363  1.00 12.91 ? 1016 DG  C N9    1 
ATOM   276 C  C8    . DG  C 1 4 ? -6.770  0.358   -1.064  1.00 12.22 ? 1016 DG  C C8    1 
ATOM   277 N  N7    . DG  C 1 4 ? -5.617  -0.201  -0.840  1.00 11.77 ? 1016 DG  C N7    1 
ATOM   278 C  C5    . DG  C 1 4 ? -4.912  -0.115  -2.020  1.00 10.39 ? 1016 DG  C C5    1 
ATOM   279 C  C6    . DG  C 1 4 ? -3.598  -0.554  -2.374  1.00 10.24 ? 1016 DG  C C6    1 
ATOM   280 O  O6    . DG  C 1 4 ? -2.759  -1.136  -1.672  1.00 10.58 ? 1016 DG  C O6    1 
ATOM   281 N  N1    . DG  C 1 4 ? -3.278  -0.257  -3.688  1.00 10.25 ? 1016 DG  C N1    1 
ATOM   282 C  C2    . DG  C 1 4 ? -4.111  0.393   -4.589  1.00 10.64 ? 1016 DG  C C2    1 
ATOM   283 N  N2    . DG  C 1 4 ? -3.652  0.597   -5.810  1.00 11.36 ? 1016 DG  C N2    1 
ATOM   284 N  N3    . DG  C 1 4 ? -5.322  0.794   -4.252  1.00 12.09 ? 1016 DG  C N3    1 
ATOM   285 C  C4    . DG  C 1 4 ? -5.673  0.525   -2.985  1.00 11.87 ? 1016 DG  C C4    1 
ATOM   286 P  P     . DG  C 1 5 ? -11.310 1.717   -5.544  1.00 28.08 ? 1017 DG  C P     1 
ATOM   287 O  OP1   . DG  C 1 5 ? -12.074 2.699   -6.321  1.00 42.10 ? 1017 DG  C OP1   1 
ATOM   288 O  OP2   . DG  C 1 5 ? -11.901 0.379   -5.126  1.00 36.49 ? 1017 DG  C OP2   1 
ATOM   289 O  "O5'" . DG  C 1 5 ? -10.079 1.196   -6.439  1.00 22.63 ? 1017 DG  C "O5'" 1 
ATOM   290 C  "C5'" . DG  C 1 5 ? -9.248  2.081   -7.176  1.00 19.42 ? 1017 DG  C "C5'" 1 
ATOM   291 C  "C4'" . DG  C 1 5 ? -8.505  1.197   -8.139  1.00 14.91 ? 1017 DG  C "C4'" 1 
ATOM   292 O  "O4'" . DG  C 1 5 ? -7.458  0.449   -7.489  1.00 14.23 ? 1017 DG  C "O4'" 1 
ATOM   293 C  "C3'" . DG  C 1 5 ? -9.280  0.127   -8.844  1.00 13.29 ? 1017 DG  C "C3'" 1 
ATOM   294 O  "O3'" . DG  C 1 5 ? -8.878  0.112   -10.200 1.00 14.47 ? 1017 DG  C "O3'" 1 
ATOM   295 C  "C2'" . DG  C 1 5 ? -8.884  -1.166  -8.210  1.00 14.55 ? 1017 DG  C "C2'" 1 
ATOM   296 C  "C1'" . DG  C 1 5 ? -7.466  -0.964  -7.883  1.00 13.28 ? 1017 DG  C "C1'" 1 
ATOM   297 N  N9    . DG  C 1 5 ? -6.877  -1.526  -6.701  1.00 12.55 ? 1017 DG  C N9    1 
ATOM   298 C  C8    . DG  C 1 5 ? -7.424  -1.622  -5.443  1.00 13.11 ? 1017 DG  C C8    1 
ATOM   299 N  N7    . DG  C 1 5 ? -6.616  -2.191  -4.590  1.00 11.88 ? 1017 DG  C N7    1 
ATOM   300 C  C5    . DG  C 1 5 ? -5.466  -2.490  -5.340  1.00 11.94 ? 1017 DG  C C5    1 
ATOM   301 C  C6    . DG  C 1 5 ? -4.251  -3.109  -4.951  1.00 11.40 ? 1017 DG  C C6    1 
ATOM   302 O  O6    . DG  C 1 5 ? -3.945  -3.536  -3.823  1.00 11.93 ? 1017 DG  C O6    1 
ATOM   303 N  N1    . DG  C 1 5 ? -3.384  -3.204  -6.017  1.00 11.86 ? 1017 DG  C N1    1 
ATOM   304 C  C2    . DG  C 1 5 ? -3.639  -2.760  -7.312  1.00 12.14 ? 1017 DG  C C2    1 
ATOM   305 N  N2    . DG  C 1 5 ? -2.683  -2.925  -8.252  1.00 14.85 ? 1017 DG  C N2    1 
ATOM   306 N  N3    . DG  C 1 5 ? -4.774  -2.181  -7.662  1.00 11.95 ? 1017 DG  C N3    1 
ATOM   307 C  C4    . DG  C 1 5 ? -5.628  -2.079  -6.638  1.00 11.90 ? 1017 DG  C C4    1 
ATOM   308 P  P     . DT  C 1 6 ? -9.850  -0.200  -11.401 1.00 14.30 ? 1018 DT  C P     1 
ATOM   309 O  OP1   . DT  C 1 6 ? -10.586 -1.462  -11.118 1.00 15.12 ? 1018 DT  C OP1   1 
ATOM   310 O  OP2   . DT  C 1 6 ? -9.008  -0.129  -12.590 1.00 16.72 ? 1018 DT  C OP2   1 
ATOM   311 O  "O5'" . DT  C 1 6 ? -10.912 1.005   -11.361 1.00 15.03 ? 1018 DT  C "O5'" 1 
ATOM   312 C  "C5'" . DT  C 1 6 ? -10.538 2.351   -11.624 1.00 15.44 ? 1018 DT  C "C5'" 1 
ATOM   313 C  "C4'" . DT  C 1 6 ? -11.645 3.318   -11.271 1.00 16.19 ? 1018 DT  C "C4'" 1 
ATOM   314 O  "O4'" . DT  C 1 6 ? -12.765 3.084   -12.177 1.00 16.29 ? 1018 DT  C "O4'" 1 
ATOM   315 C  "C3'" . DT  C 1 6 ? -12.253 3.128   -9.882  1.00 17.16 ? 1018 DT  C "C3'" 1 
ATOM   316 O  "O3'" . DT  C 1 6 ? -11.612 3.981   -8.948  1.00 23.64 ? 1018 DT  C "O3'" 1 
ATOM   317 C  "C2'" . DT  C 1 6 ? -13.704 3.476   -10.032 1.00 18.64 ? 1018 DT  C "C2'" 1 
ATOM   318 C  "C1'" . DT  C 1 6 ? -14.005 3.238   -11.490 1.00 15.79 ? 1018 DT  C "C1'" 1 
ATOM   319 N  N1    . DT  C 1 6 ? -14.747 1.996   -11.843 1.00 16.44 ? 1018 DT  C N1    1 
ATOM   320 C  C2    . DT  C 1 6 ? -16.042 2.161   -12.304 1.00 19.02 ? 1018 DT  C C2    1 
ATOM   321 O  O2    . DT  C 1 6 ? -16.595 3.234   -12.437 1.00 23.86 ? 1018 DT  C O2    1 
ATOM   322 N  N3    . DT  C 1 6 ? -16.720 1.010   -12.622 1.00 17.53 ? 1018 DT  C N3    1 
ATOM   323 C  C4    . DT  C 1 6 ? -16.211 -0.273  -12.524 1.00 14.22 ? 1018 DT  C C4    1 
ATOM   324 O  O4    . DT  C 1 6 ? -16.925 -1.205  -12.848 1.00 16.17 ? 1018 DT  C O4    1 
ATOM   325 C  C5    . DT  C 1 6 ? -14.849 -0.376  -12.028 1.00 14.23 ? 1018 DT  C C5    1 
ATOM   326 C  C7    . DT  C 1 6 ? -14.218 -1.733  -11.891 1.00 17.00 ? 1018 DT  C C7    1 
ATOM   327 C  C6    . DT  C 1 6 ? -14.199 0.748   -11.723 1.00 14.83 ? 1018 DT  C C6    1 
ATOM   328 C  "C4'" . DT  D 1 1 ? 13.787  -2.637  5.079   1.00 29.72 ? 1019 DT  D "C4'" 1 
ATOM   329 O  "O4'" . DT  D 1 1 ? 13.003  -1.847  6.025   1.00 24.79 ? 1019 DT  D "O4'" 1 
ATOM   330 C  "C3'" . DT  D 1 1 ? 12.869  -2.657  3.866   1.00 28.05 ? 1019 DT  D "C3'" 1 
ATOM   331 O  "O3'" . DT  D 1 1 ? 11.951  -3.733  3.983   1.00 25.31 ? 1019 DT  D "O3'" 1 
ATOM   332 C  "C2'" . DT  D 1 1 ? 12.135  -1.353  3.884   1.00 26.13 ? 1019 DT  D "C2'" 1 
ATOM   333 C  "C1'" . DT  D 1 1 ? 11.896  -1.232  5.374   1.00 20.48 ? 1019 DT  D "C1'" 1 
ATOM   334 N  N1    . DT  D 1 1 ? 11.873  0.133   5.867   1.00 22.63 ? 1019 DT  D N1    1 
ATOM   335 C  C2    . DT  D 1 1 ? 10.797  0.569   6.573   1.00 20.57 ? 1019 DT  D C2    1 
ATOM   336 O  O2    . DT  D 1 1 ? 9.792   -0.048  6.875   1.00 21.10 ? 1019 DT  D O2    1 
ATOM   337 N  N3    . DT  D 1 1 ? 10.951  1.882   6.960   1.00 20.71 ? 1019 DT  D N3    1 
ATOM   338 C  C4    . DT  D 1 1 ? 12.000  2.749   6.724   1.00 22.66 ? 1019 DT  D C4    1 
ATOM   339 O  O4    . DT  D 1 1 ? 11.867  3.851   7.181   1.00 22.29 ? 1019 DT  D O4    1 
ATOM   340 C  C5    . DT  D 1 1 ? 13.093  2.220   5.970   1.00 23.54 ? 1019 DT  D C5    1 
ATOM   341 C  C7    . DT  D 1 1 ? 14.292  3.060   5.656   1.00 23.77 ? 1019 DT  D C7    1 
ATOM   342 C  C6    . DT  D 1 1 ? 12.959  0.944   5.594   1.00 23.92 ? 1019 DT  D C6    1 
ATOM   343 P  P     . DG  D 1 2 ? 11.296  -4.451  2.760   1.00 20.37 ? 1020 DG  D P     1 
ATOM   344 O  OP1   . DG  D 1 2 ? 10.757  -5.766  3.287   1.00 25.28 ? 1020 DG  D OP1   1 
ATOM   345 O  OP2   . DG  D 1 2 ? 12.055  -4.528  1.526   1.00 17.87 ? 1020 DG  D OP2   1 
ATOM   346 O  "O5'" . DG  D 1 2 ? 10.022  -3.520  2.443   1.00 18.02 ? 1020 DG  D "O5'" 1 
ATOM   347 C  "C5'" . DG  D 1 2 ? 8.760   -3.743  3.027   1.00 16.93 ? 1020 DG  D "C5'" 1 
ATOM   348 C  "C4'" . DG  D 1 2 ? 8.686   -3.076  4.403   1.00 12.52 ? 1020 DG  D "C4'" 1 
ATOM   349 O  "O4'" . DG  D 1 2 ? 8.751   -1.636  4.266   1.00 12.22 ? 1020 DG  D "O4'" 1 
ATOM   350 C  "C3'" . DG  D 1 2 ? 7.266   -3.367  4.878   1.00 13.05 ? 1020 DG  D "C3'" 1 
ATOM   351 O  "O3'" . DG  D 1 2 ? 7.346   -4.435  5.825   1.00 14.52 ? 1020 DG  D "O3'" 1 
ATOM   352 C  "C2'" . DG  D 1 2 ? 6.755   -2.156  5.535   1.00 12.77 ? 1020 DG  D "C2'" 1 
ATOM   353 C  "C1'" . DG  D 1 2 ? 7.482   -1.109  4.763   1.00 11.52 ? 1020 DG  D "C1'" 1 
ATOM   354 N  N9    . DG  D 1 2 ? 6.789   -0.527  3.561   1.00 10.63 ? 1020 DG  D N9    1 
ATOM   355 C  C8    . DG  D 1 2 ? 7.254   -0.424  2.280   1.00 9.31  ? 1020 DG  D C8    1 
ATOM   356 N  N7    . DG  D 1 2 ? 6.398   0.147   1.467   1.00 9.13  ? 1020 DG  D N7    1 
ATOM   357 C  C5    . DG  D 1 2 ? 5.314   0.441   2.277   1.00 8.78  ? 1020 DG  D C5    1 
ATOM   358 C  C6    . DG  D 1 2 ? 4.064   1.073   1.974   1.00 8.17  ? 1020 DG  D C6    1 
ATOM   359 O  O6    . DG  D 1 2 ? 3.697   1.491   0.883   1.00 8.37  ? 1020 DG  D O6    1 
ATOM   360 N  N1    . DG  D 1 2 ? 3.242   1.175   3.097   1.00 8.72  ? 1020 DG  D N1    1 
ATOM   361 C  C2    . DG  D 1 2 ? 3.573   0.728   4.357   1.00 8.85  ? 1020 DG  D C2    1 
ATOM   362 N  N2    . DG  D 1 2 ? 2.663   0.902   5.346   1.00 9.25  ? 1020 DG  D N2    1 
ATOM   363 N  N3    . DG  D 1 2 ? 4.735   0.142   4.634   1.00 9.82  ? 1020 DG  D N3    1 
ATOM   364 C  C4    . DG  D 1 2 ? 5.558   0.022   3.579   1.00 9.09  ? 1020 DG  D C4    1 
ATOM   365 P  P     . DG  D 1 3 ? 6.169   -5.500  5.868   1.00 15.79 ? 1021 DG  D P     1 
ATOM   366 O  OP1   . DG  D 1 3 ? 6.516   -6.480  6.924   1.00 19.74 ? 1021 DG  D OP1   1 
ATOM   367 O  OP2   . DG  D 1 3 ? 5.870   -5.945  4.502   1.00 18.96 ? 1021 DG  D OP2   1 
ATOM   368 O  "O5'" . DG  D 1 3 ? 4.887   -4.700  6.380   1.00 14.54 ? 1021 DG  D "O5'" 1 
ATOM   369 C  "C5'" . DG  D 1 3 ? 4.769   -4.197  7.719   1.00 15.34 ? 1021 DG  D "C5'" 1 
ATOM   370 C  "C4'" . DG  D 1 3 ? 3.301   -3.913  7.995   1.00 14.05 ? 1021 DG  D "C4'" 1 
ATOM   371 O  "O4'" . DG  D 1 3 ? 2.859   -2.876  7.087   1.00 13.92 ? 1021 DG  D "O4'" 1 
ATOM   372 C  "C3'" . DG  D 1 3 ? 2.387   -5.116  7.694   1.00 16.26 ? 1021 DG  D "C3'" 1 
ATOM   373 O  "O3'" . DG  D 1 3 ? 1.438   -5.213  8.745   1.00 18.79 ? 1021 DG  D "O3'" 1 
ATOM   374 C  "C2'" . DG  D 1 3 ? 1.749   -4.841  6.382   1.00 15.58 ? 1021 DG  D "C2'" 1 
ATOM   375 C  "C1'" . DG  D 1 3 ? 1.767   -3.296  6.310   1.00 13.30 ? 1021 DG  D "C1'" 1 
ATOM   376 N  N9    . DG  D 1 3 ? 1.959   -2.772  4.962   1.00 11.06 ? 1021 DG  D N9    1 
ATOM   377 C  C8    . DG  D 1 3 ? 3.026   -2.990  4.135   1.00 11.36 ? 1021 DG  D C8    1 
ATOM   378 N  N7    . DG  D 1 3 ? 2.922   -2.393  2.988   1.00 10.15 ? 1021 DG  D N7    1 
ATOM   379 C  C5    . DG  D 1 3 ? 1.703   -1.722  3.044   1.00 8.85  ? 1021 DG  D C5    1 
ATOM   380 C  C6    . DG  D 1 3 ? 1.052   -0.907  2.098   1.00 8.37  ? 1021 DG  D C6    1 
ATOM   381 O  O6    . DG  D 1 3 ? 1.460   -0.612  0.971   1.00 8.99  ? 1021 DG  D O6    1 
ATOM   382 N  N1    . DG  D 1 3 ? -0.156  -0.436  2.578   1.00 8.58  ? 1021 DG  D N1    1 
ATOM   383 C  C2    . DG  D 1 3 ? -0.703  -0.722  3.833   1.00 9.09  ? 1021 DG  D C2    1 
ATOM   384 N  N2    . DG  D 1 3 ? -1.878  -0.181  4.111   1.00 9.51  ? 1021 DG  D N2    1 
ATOM   385 N  N3    . DG  D 1 3 ? -0.081  -1.492  4.715   1.00 9.44  ? 1021 DG  D N3    1 
ATOM   386 C  C4    . DG  D 1 3 ? 1.103   -1.953  4.258   1.00 9.59  ? 1021 DG  D C4    1 
ATOM   387 P  P     . DG  D 1 4 ? 0.396   -6.415  8.858   1.00 21.74 ? 1022 DG  D P     1 
ATOM   388 O  OP1   . DG  D 1 4 ? 0.201   -6.730  10.268  1.00 24.37 ? 1022 DG  D OP1   1 
ATOM   389 O  OP2   . DG  D 1 4 ? 0.876   -7.517  7.932   1.00 26.82 ? 1022 DG  D OP2   1 
ATOM   390 O  "O5'" . DG  D 1 4 ? -0.928  -5.865  8.153   1.00 20.17 ? 1022 DG  D "O5'" 1 
ATOM   391 C  "C5'" . DG  D 1 4 ? -1.653  -4.756  8.700   1.00 18.67 ? 1022 DG  D "C5'" 1 
ATOM   392 C  "C4'" . DG  D 1 4 ? -2.857  -4.506  7.857   1.00 18.00 ? 1022 DG  D "C4'" 1 
ATOM   393 O  "O4'" . DG  D 1 4 ? -2.431  -3.914  6.614   1.00 15.86 ? 1022 DG  D "O4'" 1 
ATOM   394 C  "C3'" . DG  D 1 4 ? -3.687  -5.715  7.422   1.00 17.62 ? 1022 DG  D "C3'" 1 
ATOM   395 O  "O3'" . DG  D 1 4 ? -5.037  -5.445  7.773   1.00 22.21 ? 1022 DG  D "O3'" 1 
ATOM   396 C  "C2'" . DG  D 1 4 ? -3.468  -5.849  5.940   1.00 17.14 ? 1022 DG  D "C2'" 1 
ATOM   397 C  "C1'" . DG  D 1 4 ? -3.184  -4.405  5.532   1.00 13.94 ? 1022 DG  D "C1'" 1 
ATOM   398 N  N9    . DG  D 1 4 ? -2.370  -4.206  4.342   1.00 11.94 ? 1022 DG  D N9    1 
ATOM   399 C  C8    . DG  D 1 4 ? -1.115  -4.731  4.074   1.00 12.84 ? 1022 DG  D C8    1 
ATOM   400 N  N7    . DG  D 1 4 ? -0.650  -4.360  2.909   1.00 11.39 ? 1022 DG  D N7    1 
ATOM   401 C  C5    . DG  D 1 4 ? -1.646  -3.541  2.378   1.00 10.40 ? 1022 DG  D C5    1 
ATOM   402 C  C6    . DG  D 1 4 ? -1.739  -2.832  1.148   1.00 9.99  ? 1022 DG  D C6    1 
ATOM   403 O  O6    . DG  D 1 4 ? -0.907  -2.794  0.240   1.00 10.21 ? 1022 DG  D O6    1 
ATOM   404 N  N1    . DG  D 1 4 ? -2.944  -2.143  1.052   1.00 9.65  ? 1022 DG  D N1    1 
ATOM   405 C  C2    . DG  D 1 4 ? -3.930  -2.110  1.972   1.00 10.77 ? 1022 DG  D C2    1 
ATOM   406 N  N2    . DG  D 1 4 ? -5.027  -1.367  1.677   1.00 11.58 ? 1022 DG  D N2    1 
ATOM   407 N  N3    . DG  D 1 4 ? -3.856  -2.761  3.124   1.00 11.39 ? 1022 DG  D N3    1 
ATOM   408 C  C4    . DG  D 1 4 ? -2.707  -3.441  3.248   1.00 11.24 ? 1022 DG  D C4    1 
ATOM   409 P  P     . DG  D 1 5 ? -6.271  -6.372  7.521   1.00 21.48 ? 1023 DG  D P     1 
ATOM   410 O  OP1   . DG  D 1 5 ? -7.184  -6.193  8.683   1.00 24.75 ? 1023 DG  D OP1   1 
ATOM   411 O  OP2   . DG  D 1 5 ? -5.812  -7.720  7.102   1.00 24.72 ? 1023 DG  D OP2   1 
ATOM   412 O  "O5'" . DG  D 1 5 ? -7.010  -5.743  6.256   1.00 22.06 ? 1023 DG  D "O5'" 1 
ATOM   413 C  "C5'" . DG  D 1 5 ? -7.615  -4.448  6.365   1.00 21.70 ? 1023 DG  D "C5'" 1 
ATOM   414 C  "C4'" . DG  D 1 5 ? -8.454  -4.235  5.118   1.00 22.87 ? 1023 DG  D "C4'" 1 
ATOM   415 O  "O4'" . DG  D 1 5 ? -7.605  -3.994  3.974   1.00 19.77 ? 1023 DG  D "O4'" 1 
ATOM   416 C  "C3'" . DG  D 1 5 ? -9.268  -5.428  4.671   1.00 24.89 ? 1023 DG  D "C3'" 1 
ATOM   417 O  "O3'" . DG  D 1 5 ? -10.511 -5.012  4.124   1.00 35.85 ? 1023 DG  D "O3'" 1 
ATOM   418 C  "C2'" . DG  D 1 5 ? -8.466  -6.115  3.595   1.00 22.85 ? 1023 DG  D "C2'" 1 
ATOM   419 C  "C1'" . DG  D 1 5 ? -7.927  -4.900  2.894   1.00 19.38 ? 1023 DG  D "C1'" 1 
ATOM   420 N  N9    . DG  D 1 5 ? -6.681  -5.031  2.177   1.00 17.07 ? 1023 DG  D N9    1 
ATOM   421 C  C8    . DG  D 1 5 ? -5.566  -5.666  2.622   1.00 15.20 ? 1023 DG  D C8    1 
ATOM   422 N  N7    . DG  D 1 5 ? -4.571  -5.648  1.790   1.00 13.90 ? 1023 DG  D N7    1 
ATOM   423 C  C5    . DG  D 1 5 ? -5.100  -4.925  0.697   1.00 12.29 ? 1023 DG  D C5    1 
ATOM   424 C  C6    . DG  D 1 5 ? -4.500  -4.559  -0.531  1.00 12.59 ? 1023 DG  D C6    1 
ATOM   425 O  O6    . DG  D 1 5 ? -3.364  -4.804  -0.921  1.00 12.19 ? 1023 DG  D O6    1 
ATOM   426 N  N1    . DG  D 1 5 ? -5.371  -3.843  -1.341  1.00 13.36 ? 1023 DG  D N1    1 
ATOM   427 C  C2    . DG  D 1 5 ? -6.650  -3.513  -1.010  1.00 12.89 ? 1023 DG  D C2    1 
ATOM   428 N  N2    . DG  D 1 5 ? -7.363  -2.815  -1.904  1.00 14.57 ? 1023 DG  D N2    1 
ATOM   429 N  N3    . DG  D 1 5 ? -7.221  -3.846  0.142   1.00 14.25 ? 1023 DG  D N3    1 
ATOM   430 C  C4    . DG  D 1 5 ? -6.385  -4.545  0.930   1.00 14.71 ? 1023 DG  D C4    1 
ATOM   431 P  P     . DT  D 1 6 ? -11.837 -5.897  4.397   1.00 49.01 ? 1024 DT  D P     1 
ATOM   432 O  OP1   . DT  D 1 6 ? -12.977 -5.080  3.901   1.00 44.32 ? 1024 DT  D OP1   1 
ATOM   433 O  OP2   . DT  D 1 6 ? -11.782 -6.333  5.814   1.00 57.89 ? 1024 DT  D OP2   1 
ATOM   434 O  "O5'" . DT  D 1 6 ? -11.673 -7.172  3.467   1.00 70.09 ? 1024 DT  D "O5'" 1 
HETATM 435 NA NA    . NA  E 2 . ? -1.780  -3.932  -2.622  1.00 5.85  ? 28   NA  A NA    1 
HETATM 436 NA NA    . NA  F 2 . ? 1.529   2.042   -0.075  1.00 2.86  ? 30   NA  A NA    1 
HETATM 437 C  C1    . DM1 G 3 . ? 2.684   6.905   -0.559  1.00 9.36  ? 25   DM1 B C1    1 
HETATM 438 C  C2    . DM1 G 3 . ? 3.170   7.084   -1.848  1.00 9.79  ? 25   DM1 B C2    1 
HETATM 439 C  C3    . DM1 G 3 . ? 2.485   7.857   -2.778  1.00 10.16 ? 25   DM1 B C3    1 
HETATM 440 C  C4    . DM1 G 3 . ? 1.193   8.416   -2.441  1.00 9.75  ? 25   DM1 B C4    1 
HETATM 441 O  O4    . DM1 G 3 . ? 0.495   9.157   -3.312  1.00 10.77 ? 25   DM1 B O4    1 
HETATM 442 C  C5    . DM1 G 3 . ? 0.707   8.257   -1.110  1.00 8.43  ? 25   DM1 B C5    1 
HETATM 443 C  C6    . DM1 G 3 . ? -0.528  8.818   -0.754  1.00 10.12 ? 25   DM1 B C6    1 
HETATM 444 O  O6    . DM1 G 3 . ? -1.239  9.577   -1.467  1.00 11.18 ? 25   DM1 B O6    1 
HETATM 445 C  C7    . DM1 G 3 . ? -1.044  8.529   0.620   1.00 10.12 ? 25   DM1 B C7    1 
HETATM 446 C  C8    . DM1 G 3 . ? -2.328  9.103   1.009   1.00 9.83  ? 25   DM1 B C8    1 
HETATM 447 O  O8    . DM1 G 3 . ? -3.062  9.772   0.187   1.00 12.26 ? 25   DM1 B O8    1 
HETATM 448 C  C9    . DM1 G 3 . ? -2.845  8.715   2.316   1.00 10.85 ? 25   DM1 B C9    1 
HETATM 449 C  C10   . DM1 G 3 . ? -4.216  9.271   2.623   1.00 12.25 ? 25   DM1 B C10   1 
HETATM 450 O  O10   . DM1 G 3 . ? -5.152  8.491   1.780   1.00 12.11 ? 25   DM1 B O10   1 
HETATM 451 C  C11   . DM1 G 3 . ? -4.576  9.009   4.151   1.00 13.55 ? 25   DM1 B C11   1 
HETATM 452 C  C12   . DM1 G 3 . ? -4.177  7.720   4.696   1.00 12.32 ? 25   DM1 B C12   1 
HETATM 453 O  O12   . DM1 G 3 . ? -4.736  6.675   3.985   1.00 14.73 ? 25   DM1 B O12   1 
HETATM 454 C  C13   . DM1 G 3 . ? -4.523  7.669   6.118   1.00 16.41 ? 25   DM1 B C13   1 
HETATM 455 O  O13   . DM1 G 3 . ? -3.941  8.293   6.984   1.00 18.41 ? 25   DM1 B O13   1 
HETATM 456 C  C14   . DM1 G 3 . ? -6.274  7.676   6.261   1.00 25.88 ? 25   DM1 B C14   1 
HETATM 457 C  C15   . DM1 G 3 . ? -2.555  7.545   4.557   1.00 10.95 ? 25   DM1 B C15   1 
HETATM 458 C  C16   . DM1 G 3 . ? -2.113  8.034   3.210   1.00 10.21 ? 25   DM1 B C16   1 
HETATM 459 C  C17   . DM1 G 3 . ? -0.825  7.553   2.787   1.00 9.13  ? 25   DM1 B C17   1 
HETATM 460 O  O17   . DM1 G 3 . ? -0.107  6.824   3.739   1.00 9.35  ? 25   DM1 B O17   1 
HETATM 461 C  C18   . DM1 G 3 . ? -0.298  7.823   1.549   1.00 9.03  ? 25   DM1 B C18   1 
HETATM 462 C  C19   . DM1 G 3 . ? 1.015   7.302   1.194   1.00 8.91  ? 25   DM1 B C19   1 
HETATM 463 O  O19   . DM1 G 3 . ? 1.713   6.626   1.985   1.00 9.20  ? 25   DM1 B O19   1 
HETATM 464 C  C20   . DM1 G 3 . ? 1.448   7.525   -0.226  1.00 8.13  ? 25   DM1 B C20   1 
HETATM 465 C  C21   . DM1 G 3 . ? 0.911   9.162   -4.757  1.00 13.85 ? 25   DM1 B C21   1 
HETATM 466 C  "C1'" . DM1 G 3 . ? -6.144  9.189   1.155   1.00 13.18 ? 25   DM1 B "C1'" 1 
HETATM 467 C  "C2'" . DM1 G 3 . ? -6.749  8.344   0.006   1.00 13.00 ? 25   DM1 B "C2'" 1 
HETATM 468 C  "C3'" . DM1 G 3 . ? -7.639  7.290   0.722   1.00 13.55 ? 25   DM1 B "C3'" 1 
HETATM 469 N  "N3'" . DM1 G 3 . ? -8.426  6.636   -0.409  1.00 14.00 ? 25   DM1 B "N3'" 1 
HETATM 470 C  "C4'" . DM1 G 3 . ? -8.730  7.991   1.597   1.00 14.30 ? 25   DM1 B "C4'" 1 
HETATM 471 O  "O4'" . DM1 G 3 . ? -9.547  8.760   0.790   1.00 18.77 ? 25   DM1 B "O4'" 1 
HETATM 472 C  "C5'" . DM1 G 3 . ? -7.878  8.831   2.569   1.00 15.05 ? 25   DM1 B "C5'" 1 
HETATM 473 O  "O5'" . DM1 G 3 . ? -7.009  9.822   1.931   1.00 14.60 ? 25   DM1 B "O5'" 1 
HETATM 474 C  "C6'" . DM1 G 3 . ? -8.819  9.739   3.539   1.00 26.70 ? 25   DM1 B "C6'" 1 
HETATM 475 C  C1    . DM1 H 3 . ? 1.432   4.988   7.301   1.00 9.39  ? 27   DM1 C C1    1 
HETATM 476 C  C2    . DM1 H 3 . ? 0.315   5.797   6.878   1.00 10.10 ? 27   DM1 C C2    1 
HETATM 477 C  C3    . DM1 H 3 . ? -0.655  6.088   7.755   1.00 9.94  ? 27   DM1 C C3    1 
HETATM 478 C  C4    . DM1 H 3 . ? -0.744  5.541   8.984   1.00 9.38  ? 27   DM1 C C4    1 
HETATM 479 O  O4    . DM1 H 3 . ? -1.767  5.751   9.882   1.00 11.05 ? 27   DM1 C O4    1 
HETATM 480 C  C5    . DM1 H 3 . ? 0.326   4.710   9.480   1.00 8.96  ? 27   DM1 C C5    1 
HETATM 481 C  C6    . DM1 H 3 . ? 0.357   4.111   10.827  1.00 8.95  ? 27   DM1 C C6    1 
HETATM 482 O  O6    . DM1 H 3 . ? -0.558  4.265   11.621  1.00 11.00 ? 27   DM1 C O6    1 
HETATM 483 C  C7    . DM1 H 3 . ? 1.500   3.263   11.209  1.00 9.57  ? 27   DM1 C C7    1 
HETATM 484 C  C8    . DM1 H 3 . ? 1.556   2.686   12.478  1.00 10.70 ? 27   DM1 C C8    1 
HETATM 485 O  O8    . DM1 H 3 . ? 0.513   2.880   13.383  1.00 11.57 ? 27   DM1 C O8    1 
HETATM 486 C  C9    . DM1 H 3 . ? 2.641   1.935   12.899  1.00 11.19 ? 27   DM1 C C9    1 
HETATM 487 C  C10   . DM1 H 3 . ? 2.591   1.375   14.379  1.00 13.11 ? 27   DM1 C C10   1 
HETATM 488 O  O10   . DM1 H 3 . ? 1.570   0.253   14.197  1.00 15.30 ? 27   DM1 C O10   1 
HETATM 489 C  C11   . DM1 H 3 . ? 3.980   0.972   14.729  1.00 14.80 ? 27   DM1 C C11   1 
HETATM 490 C  C12   . DM1 H 3 . ? 4.760   0.265   13.779  1.00 16.37 ? 27   DM1 C C12   1 
HETATM 491 O  O12   . DM1 H 3 . ? 4.064   -1.023  13.408  1.00 19.36 ? 27   DM1 C O12   1 
HETATM 492 C  C13   . DM1 H 3 . ? 6.241   -0.027  14.316  1.00 18.84 ? 27   DM1 C C13   1 
HETATM 493 O  O13   . DM1 H 3 . ? 6.905   0.915   14.585  1.00 22.74 ? 27   DM1 C O13   1 
HETATM 494 C  C14   . DM1 H 3 . ? 6.436   -1.469  14.912  1.00 24.16 ? 27   DM1 C C14   1 
HETATM 495 C  C15   . DM1 H 3 . ? 5.092   1.073   12.463  1.00 13.00 ? 27   DM1 C C15   1 
HETATM 496 C  C16   . DM1 H 3 . ? 3.716   1.817   12.097  1.00 10.79 ? 27   DM1 C C16   1 
HETATM 497 C  C17   . DM1 H 3 . ? 3.721   2.370   10.791  1.00 9.95  ? 27   DM1 C C17   1 
HETATM 498 O  O17   . DM1 H 3 . ? 4.808   2.166   10.025  1.00 12.13 ? 27   DM1 C O17   1 
HETATM 499 C  C18   . DM1 H 3 . ? 2.609   3.105   10.325  1.00 10.32 ? 27   DM1 C C18   1 
HETATM 500 C  C19   . DM1 H 3 . ? 2.596   3.630   9.008   1.00 9.56  ? 27   DM1 C C19   1 
HETATM 501 O  O19   . DM1 H 3 . ? 3.580   3.481   8.221   1.00 9.80  ? 27   DM1 C O19   1 
HETATM 502 C  C20   . DM1 H 3 . ? 1.444   4.455   8.577   1.00 9.57  ? 27   DM1 C C20   1 
HETATM 503 C  C21   . DM1 H 3 . ? -2.889  6.515   9.379   1.00 13.78 ? 27   DM1 C C21   1 
HETATM 504 C  "C1'" . DM1 H 3 . ? 0.662   0.295   15.345  1.00 13.55 ? 27   DM1 C "C1'" 1 
HETATM 505 C  "C2'" . DM1 H 3 . ? -0.611  -0.547  14.946  1.00 14.26 ? 27   DM1 C "C2'" 1 
HETATM 506 C  "C3'" . DM1 H 3 . ? -0.205  -1.963  14.864  1.00 15.71 ? 27   DM1 C "C3'" 1 
HETATM 507 N  "N3'" . DM1 H 3 . ? -1.321  -2.900  14.645  1.00 21.04 ? 27   DM1 C "N3'" 1 
HETATM 508 C  "C4'" . DM1 H 3 . ? 0.542   -2.507  16.142  1.00 14.99 ? 27   DM1 C "C4'" 1 
HETATM 509 O  "O4'" . DM1 H 3 . ? -0.452  -2.502  17.131  1.00 16.17 ? 27   DM1 C "O4'" 1 
HETATM 510 C  "C5'" . DM1 H 3 . ? 1.787   -1.531  16.406  1.00 14.09 ? 27   DM1 C "C5'" 1 
HETATM 511 O  "O5'" . DM1 H 3 . ? 1.217   -0.231  16.418  1.00 12.37 ? 27   DM1 C "O5'" 1 
HETATM 512 C  "C6'" . DM1 H 3 . ? 2.424   -1.800  17.730  1.00 17.73 ? 27   DM1 C "C6'" 1 
HETATM 513 NA NA    . NA  I 2 . ? -0.100  -0.912  -1.397  1.00 2.76  ? 29   NA  C NA    1 
HETATM 514 C  C1    . DM1 J 3 . ? 4.240   4.622   2.792   1.00 7.74  ? 26   DM1 D C1    1 
HETATM 515 C  C2    . DM1 J 3 . ? 3.832   4.448   4.147   1.00 8.39  ? 26   DM1 D C2    1 
HETATM 516 C  C3    . DM1 J 3 . ? 4.595   3.759   5.045   1.00 8.25  ? 26   DM1 D C3    1 
HETATM 517 C  C4    . DM1 J 3 . ? 5.863   3.221   4.570   1.00 8.57  ? 26   DM1 D C4    1 
HETATM 518 O  O4    . DM1 J 3 . ? 6.667   2.512   5.461   1.00 9.19  ? 26   DM1 D O4    1 
HETATM 519 C  C5    . DM1 J 3 . ? 6.283   3.463   3.302   1.00 7.45  ? 26   DM1 D C5    1 
HETATM 520 C  C6    . DM1 J 3 . ? 7.619   2.890   2.778   1.00 7.87  ? 26   DM1 D C6    1 
HETATM 521 O  O6    . DM1 J 3 . ? 8.372   2.268   3.513   1.00 9.68  ? 26   DM1 D O6    1 
HETATM 522 C  C7    . DM1 J 3 . ? 7.991   3.122   1.413   1.00 8.26  ? 26   DM1 D C7    1 
HETATM 523 C  C8    . DM1 J 3 . ? 9.163   2.610   0.891   1.00 8.94  ? 26   DM1 D C8    1 
HETATM 524 O  O8    . DM1 J 3 . ? 10.011  1.935   1.666   1.00 10.55 ? 26   DM1 D O8    1 
HETATM 525 C  C9    . DM1 J 3 . ? 9.546   2.868   -0.436  1.00 8.37  ? 26   DM1 D C9    1 
HETATM 526 C  C10   . DM1 J 3 . ? 10.843  2.225   -0.941  1.00 9.47  ? 26   DM1 D C10   1 
HETATM 527 O  O10   . DM1 J 3 . ? 10.620  0.774   -0.883  1.00 9.39  ? 26   DM1 D O10   1 
HETATM 528 C  C11   . DM1 J 3 . ? 11.230  2.661   -2.301  1.00 10.04 ? 26   DM1 D C11   1 
HETATM 529 C  C12   . DM1 J 3 . ? 10.076  2.867   -3.309  1.00 9.25  ? 26   DM1 D C12   1 
HETATM 530 O  O12   . DM1 J 3 . ? 9.482   1.572   -3.466  1.00 9.28  ? 26   DM1 D O12   1 
HETATM 531 C  C13   . DM1 J 3 . ? 10.659  3.344   -4.669  1.00 9.97  ? 26   DM1 D C13   1 
HETATM 532 O  O13   . DM1 J 3 . ? 10.576  4.465   -5.012  1.00 13.11 ? 26   DM1 D O13   1 
HETATM 533 C  C14   . DM1 J 3 . ? 11.281  2.263   -5.574  1.00 13.05 ? 26   DM1 D C14   1 
HETATM 534 C  C15   . DM1 J 3 . ? 9.092   3.855   -2.764  1.00 9.74  ? 26   DM1 D C15   1 
HETATM 535 C  C16   . DM1 J 3 . ? 8.731   3.580   -1.323  1.00 8.89  ? 26   DM1 D C16   1 
HETATM 536 C  C17   . DM1 J 3 . ? 7.546   4.151   -0.760  1.00 8.38  ? 26   DM1 D C17   1 
HETATM 537 O  O17   . DM1 J 3 . ? 6.729   4.825   -1.636  1.00 9.13  ? 26   DM1 D O17   1 
HETATM 538 C  C18   . DM1 J 3 . ? 7.137   3.874   0.525   1.00 8.40  ? 26   DM1 D C18   1 
HETATM 539 C  C19   . DM1 J 3 . ? 5.844   4.402   1.007   1.00 8.07  ? 26   DM1 D C19   1 
HETATM 540 O  O19   . DM1 J 3 . ? 5.077   5.005   0.240   1.00 8.46  ? 26   DM1 D O19   1 
HETATM 541 C  C20   . DM1 J 3 . ? 5.441   4.149   2.392   1.00 7.73  ? 26   DM1 D C20   1 
HETATM 542 C  C21   . DM1 J 3 . ? 6.170   2.211   6.736   1.00 10.06 ? 26   DM1 D C21   1 
HETATM 543 C  "C1'" . DM1 J 3 . ? 11.680  0.108   -0.188  1.00 10.57 ? 26   DM1 D "C1'" 1 
HETATM 544 C  "C2'" . DM1 J 3 . ? 11.242  -1.275  0.172   1.00 11.02 ? 26   DM1 D "C2'" 1 
HETATM 545 C  "C3'" . DM1 J 3 . ? 11.067  -2.160  -1.118  1.00 11.60 ? 26   DM1 D "C3'" 1 
HETATM 546 N  "N3'" . DM1 J 3 . ? 10.837  -3.579  -0.667  1.00 12.51 ? 26   DM1 D "N3'" 1 
HETATM 547 C  "C4'" . DM1 J 3 . ? 12.351  -2.095  -1.998  1.00 11.32 ? 26   DM1 D "C4'" 1 
HETATM 548 O  "O4'" . DM1 J 3 . ? 13.403  -2.698  -1.162  1.00 12.41 ? 26   DM1 D "O4'" 1 
HETATM 549 C  "C5'" . DM1 J 3 . ? 12.660  -0.586  -2.280  1.00 11.72 ? 26   DM1 D "C5'" 1 
HETATM 550 O  "O5'" . DM1 J 3 . ? 12.843  0.117   -1.008  1.00 11.09 ? 26   DM1 D "O5'" 1 
HETATM 551 C  "C6'" . DM1 J 3 . ? 14.062  -0.465  -2.994  1.00 16.93 ? 26   DM1 D "C6'" 1 
HETATM 552 O  O     . HOH K 4 . ? 5.916   6.429   -4.227  1.00 18.94 ? 1112 HOH A O     1 
HETATM 553 O  O     . HOH K 4 . ? 4.174   -0.793  -8.306  1.00 18.18 ? 1113 HOH A O     1 
HETATM 554 O  O     . HOH K 4 . ? 1.639   6.256   -7.585  1.00 16.88 ? 1114 HOH A O     1 
HETATM 555 O  O     . HOH K 4 . ? 11.882  -5.595  -2.505  1.00 21.73 ? 1116 HOH A O     1 
HETATM 556 O  O     . HOH K 4 . ? 3.339   -7.131  3.696   1.00 19.87 ? 1118 HOH A O     1 
HETATM 557 O  O     . HOH K 4 . ? 2.871   2.753   -8.926  1.00 20.13 ? 1119 HOH A O     1 
HETATM 558 O  O     . HOH K 4 . ? 5.814   -6.622  -6.018  1.00 29.01 ? 1130 HOH A O     1 
HETATM 559 O  O     . HOH K 4 . ? 12.786  -8.156  -5.548  1.00 30.79 ? 1135 HOH A O     1 
HETATM 560 O  O     . HOH K 4 . ? 7.418   6.037   -11.872 1.00 35.62 ? 1136 HOH A O     1 
HETATM 561 O  O     . HOH K 4 . ? 12.352  -7.927  -1.806  1.00 21.31 ? 1139 HOH A O     1 
HETATM 562 O  O     . HOH K 4 . ? 7.920   -7.200  1.934   1.00 30.35 ? 1141 HOH A O     1 
HETATM 563 O  O     . HOH K 4 . ? -2.621  -9.099  4.384   1.00 31.59 ? 1146 HOH A O     1 
HETATM 564 O  O     . HOH K 4 . ? 0.641   8.909   -8.407  1.00 34.31 ? 1151 HOH A O     1 
HETATM 565 O  O     . HOH K 4 . ? 9.673   -4.046  -9.247  1.00 38.44 ? 1154 HOH A O     1 
HETATM 566 O  O     . HOH K 4 . ? 6.520   -1.832  -11.398 1.00 34.26 ? 1157 HOH A O     1 
HETATM 567 O  O     . HOH K 4 . ? 7.279   -8.633  -6.283  1.00 61.33 ? 1161 HOH A O     1 
HETATM 568 O  O     . HOH K 4 . ? 9.061   -11.380 3.299   1.00 49.85 ? 1162 HOH A O     1 
HETATM 569 O  O     . HOH K 4 . ? 1.853   6.020   -11.210 1.00 43.70 ? 1169 HOH A O     1 
HETATM 570 O  O     . HOH K 4 . ? 14.535  -8.189  -3.151  1.00 38.32 ? 1172 HOH A O     1 
HETATM 571 O  O     . HOH K 4 . ? 7.703   -11.071 5.112   1.00 43.72 ? 1174 HOH A O     1 
HETATM 572 O  O     . HOH K 4 . ? -2.923  9.870   -11.964 1.00 46.85 ? 1178 HOH A O     1 
HETATM 573 O  O     . HOH K 4 . ? -1.553  9.962   -7.597  1.00 39.78 ? 1186 HOH A O     1 
HETATM 574 O  O     . HOH K 4 . ? 10.763  15.800  -7.150  1.00 50.86 ? 1190 HOH A O     1 
HETATM 575 O  O     . HOH K 4 . ? -4.963  -9.349  3.510   1.00 54.32 ? 1197 HOH A O     1 
HETATM 576 O  O     . HOH K 4 . ? 6.992   -13.768 2.297   1.00 43.21 ? 1201 HOH A O     1 
HETATM 577 O  O     . HOH K 4 . ? 3.669   -12.009 -2.540  1.00 39.92 ? 1203 HOH A O     1 
HETATM 578 O  O     . HOH K 4 . ? 9.653   -13.772 6.176   1.00 50.28 ? 1210 HOH A O     1 
HETATM 579 O  O     . HOH K 4 . ? 5.062   9.504   -10.608 1.00 58.76 ? 1211 HOH A O     1 
HETATM 580 O  O     . HOH K 4 . ? -6.886  -17.202 1.374   1.00 51.37 ? 1212 HOH A O     1 
HETATM 581 O  O     . HOH K 4 . ? -6.607  -12.664 3.751   1.00 46.64 ? 1214 HOH A O     1 
HETATM 582 O  O     . HOH K 4 . ? -0.858  8.596   -10.961 1.00 49.03 ? 1221 HOH A O     1 
HETATM 583 O  O     . HOH K 4 . ? -2.350  -8.418  -3.723  1.00 50.00 ? 1234 HOH A O     1 
HETATM 584 O  O     . HOH K 4 . ? -1.876  -10.340 -0.920  1.00 50.00 ? 1236 HOH A O     1 
HETATM 585 O  O     . HOH K 4 . ? -3.935  12.400  -12.095 1.00 50.00 ? 1243 HOH A O     1 
HETATM 586 O  O     . HOH K 4 . ? 6.947   -10.597 -4.923  1.00 50.00 ? 1245 HOH A O     1 
HETATM 587 O  O     . HOH K 4 . ? 6.075   -14.180 -0.352  1.00 50.00 ? 1253 HOH A O     1 
HETATM 588 O  O     . HOH K 4 . ? -4.364  -15.897 3.224   1.00 50.00 ? 1254 HOH A O     1 
HETATM 589 O  O     . HOH K 4 . ? -6.509  -19.339 2.699   1.00 50.00 ? 1255 HOH A O     1 
HETATM 590 O  O     . HOH K 4 . ? 11.150  17.590  -5.502  1.00 50.00 ? 1257 HOH A O     1 
HETATM 591 O  O     . HOH K 4 . ? 6.986   15.096  -9.196  1.00 50.00 ? 1259 HOH A O     1 
HETATM 592 O  O     . HOH L 4 . ? -5.984  3.580   -4.654  1.00 15.48 ? 1103 HOH B O     1 
HETATM 593 O  O     . HOH L 4 . ? -6.623  4.797   -1.580  1.00 13.78 ? 1107 HOH B O     1 
HETATM 594 O  O     . HOH L 4 . ? -5.242  2.108   -7.786  1.00 15.03 ? 1111 HOH B O     1 
HETATM 595 O  O     . HOH L 4 . ? 5.266   -3.930  -7.606  1.00 20.05 ? 1122 HOH B O     1 
HETATM 596 O  O     . HOH L 4 . ? -1.419  11.254  -3.789  1.00 24.82 ? 1124 HOH B O     1 
HETATM 597 O  O     . HOH L 4 . ? 4.509   1.107   -10.469 1.00 24.24 ? 1131 HOH B O     1 
HETATM 598 O  O     . HOH L 4 . ? 4.621   -9.458  -5.103  1.00 35.02 ? 1137 HOH B O     1 
HETATM 599 O  O     . HOH L 4 . ? 5.825   0.895   -12.567 1.00 27.87 ? 1145 HOH B O     1 
HETATM 600 O  O     . HOH L 4 . ? 5.110   -1.077  -13.879 1.00 37.78 ? 1147 HOH B O     1 
HETATM 601 O  O     . HOH L 4 . ? 8.179   0.476   -11.758 1.00 43.72 ? 1170 HOH B O     1 
HETATM 602 O  O     . HOH L 4 . ? 0.328   12.850  -5.448  1.00 31.64 ? 1177 HOH B O     1 
HETATM 603 O  O     . HOH L 4 . ? -4.561  11.491  -2.390  1.00 44.15 ? 1180 HOH B O     1 
HETATM 604 O  O     . HOH L 4 . ? 7.128   -5.061  -8.325  1.00 45.97 ? 1182 HOH B O     1 
HETATM 605 O  O     . HOH L 4 . ? -7.961  7.863   -9.107  1.00 37.60 ? 1184 HOH B O     1 
HETATM 606 O  O     . HOH L 4 . ? -10.068 5.992   -2.176  1.00 49.23 ? 1185 HOH B O     1 
HETATM 607 O  O     . HOH L 4 . ? -4.525  0.594   -11.914 1.00 18.51 ? 1187 HOH B O     1 
HETATM 608 O  O     . HOH L 4 . ? 2.079   12.082  -6.707  1.00 44.70 ? 1189 HOH B O     1 
HETATM 609 O  O     . HOH L 4 . ? -5.151  -10.099 -5.070  1.00 47.43 ? 1195 HOH B O     1 
HETATM 610 O  O     . HOH L 4 . ? -1.160  -4.427  -11.939 1.00 35.17 ? 1199 HOH B O     1 
HETATM 611 O  O     . HOH L 4 . ? -6.940  9.894   -7.410  1.00 49.11 ? 1204 HOH B O     1 
HETATM 612 O  O     . HOH L 4 . ? -5.979  -9.709  -7.188  1.00 57.16 ? 1207 HOH B O     1 
HETATM 613 O  O     . HOH L 4 . ? -3.029  -0.567  -14.246 1.00 54.11 ? 1209 HOH B O     1 
HETATM 614 O  O     . HOH L 4 . ? 2.926   -9.112  -7.630  1.00 57.70 ? 1217 HOH B O     1 
HETATM 615 O  O     . HOH L 4 . ? -0.178  -10.060 -12.514 1.00 54.63 ? 1219 HOH B O     1 
HETATM 616 O  O     . HOH L 4 . ? -14.118 8.929   1.116   1.00 48.77 ? 1223 HOH B O     1 
HETATM 617 O  O     . HOH L 4 . ? -0.771  -6.673  -11.763 1.00 48.20 ? 1224 HOH B O     1 
HETATM 618 O  O     . HOH L 4 . ? -7.911  12.688  0.762   1.00 56.53 ? 1225 HOH B O     1 
HETATM 619 O  O     . HOH L 4 . ? -12.036 9.428   -8.585  1.00 62.00 ? 1229 HOH B O     1 
HETATM 620 O  O     . HOH L 4 . ? -3.448  -7.154  -5.489  1.00 50.00 ? 1231 HOH B O     1 
HETATM 621 O  O     . HOH L 4 . ? -1.121  -8.508  -6.371  1.00 50.00 ? 1233 HOH B O     1 
HETATM 622 O  O     . HOH L 4 . ? -2.667  1.143   -15.938 1.00 50.00 ? 1235 HOH B O     1 
HETATM 623 O  O     . HOH L 4 . ? 3.162   -7.110  -16.394 1.00 50.00 ? 1248 HOH B O     1 
HETATM 624 O  O     . HOH L 4 . ? -8.568  14.106  3.174   1.00 50.00 ? 1250 HOH B O     1 
HETATM 625 O  O     . HOH L 4 . ? -8.651  13.705  -2.178  1.00 50.00 ? 1251 HOH B O     1 
HETATM 626 O  O     . HOH L 4 . ? -11.234 8.868   -6.413  1.00 50.00 ? 1258 HOH B O     1 
HETATM 627 O  O     . HOH L 4 . ? 8.338   -10.041 -14.336 1.00 50.00 ? 1262 HOH B O     1 
HETATM 628 O  O     . HOH L 4 . ? -12.004 8.016   -1.641  1.00 50.00 ? 1264 HOH B O     1 
HETATM 629 O  O     . HOH L 4 . ? -5.574  12.851  -3.959  1.00 50.00 ? 1265 HOH B O     1 
HETATM 630 O  O     . HOH L 4 . ? -11.634 10.314  -2.168  1.00 50.00 ? 1267 HOH B O     1 
HETATM 631 O  O     . HOH M 4 . ? 0.248   -4.643  18.598  1.00 16.14 ? 1106 HOH C O     1 
HETATM 632 O  O     . HOH M 4 . ? 0.405   -0.096  11.547  1.00 15.93 ? 1110 HOH C O     1 
HETATM 633 O  O     . HOH M 4 . ? -17.374 5.366   -12.143 1.00 15.77 ? 1115 HOH C O     1 
HETATM 634 O  O     . HOH M 4 . ? -7.058  2.833   14.381  1.00 22.02 ? 1121 HOH C O     1 
HETATM 635 O  O     . HOH M 4 . ? -3.955  0.172   -9.588  1.00 20.53 ? 1125 HOH C O     1 
HETATM 636 O  O     . HOH M 4 . ? 4.510   -2.408  11.078  1.00 23.64 ? 1126 HOH C O     1 
HETATM 637 O  O     . HOH M 4 . ? -1.789  9.437   19.880  1.00 17.34 ? 1127 HOH C O     1 
HETATM 638 O  O     . HOH M 4 . ? -1.980  -2.909  11.870  1.00 22.59 ? 1128 HOH C O     1 
HETATM 639 O  O     . HOH M 4 . ? -1.658  6.727   12.760  1.00 23.21 ? 1129 HOH C O     1 
HETATM 640 O  O     . HOH M 4 . ? -17.741 4.229   -9.891  1.00 27.10 ? 1132 HOH C O     1 
HETATM 641 O  O     . HOH M 4 . ? -9.052  -0.855  1.172   1.00 25.26 ? 1133 HOH C O     1 
HETATM 642 O  O     . HOH M 4 . ? 2.406   2.255   17.735  1.00 25.89 ? 1134 HOH C O     1 
HETATM 643 O  O     . HOH M 4 . ? -8.565  2.234   9.820   1.00 27.05 ? 1138 HOH C O     1 
HETATM 644 O  O     . HOH M 4 . ? -9.717  6.357   5.124   1.00 35.53 ? 1142 HOH C O     1 
HETATM 645 O  O     . HOH M 4 . ? -8.483  4.725   -4.834  1.00 37.84 ? 1143 HOH C O     1 
HETATM 646 O  O     . HOH M 4 . ? -3.567  -5.063  11.409  1.00 42.73 ? 1144 HOH C O     1 
HETATM 647 O  O     . HOH M 4 . ? -3.338  -2.436  -11.168 1.00 29.81 ? 1149 HOH C O     1 
HETATM 648 O  O     . HOH M 4 . ? -7.174  1.162   11.909  1.00 28.01 ? 1150 HOH C O     1 
HETATM 649 O  O     . HOH M 4 . ? -5.017  -2.257  10.133  1.00 40.09 ? 1152 HOH C O     1 
HETATM 650 O  O     . HOH M 4 . ? -10.263 1.213   6.109   1.00 34.89 ? 1155 HOH C O     1 
HETATM 651 O  O     . HOH M 4 . ? -14.667 3.447   -5.924  1.00 27.06 ? 1156 HOH C O     1 
HETATM 652 O  O     . HOH M 4 . ? 2.289   -2.220  11.622  1.00 40.35 ? 1159 HOH C O     1 
HETATM 653 O  O     . HOH M 4 . ? 4.610   0.820   18.927  1.00 35.60 ? 1160 HOH C O     1 
HETATM 654 O  O     . HOH M 4 . ? -8.115  0.014   9.103   1.00 44.89 ? 1164 HOH C O     1 
HETATM 655 O  O     . HOH M 4 . ? 5.591   -4.608  11.601  1.00 30.17 ? 1166 HOH C O     1 
HETATM 656 O  O     . HOH M 4 . ? -5.221  -2.255  13.343  1.00 52.47 ? 1167 HOH C O     1 
HETATM 657 O  O     . HOH M 4 . ? -10.538 4.375   6.659   1.00 36.53 ? 1173 HOH C O     1 
HETATM 658 O  O     . HOH M 4 . ? 8.208   -4.973  9.713   1.00 40.74 ? 1175 HOH C O     1 
HETATM 659 O  O     . HOH M 4 . ? -9.400  8.098   7.852   1.00 51.18 ? 1179 HOH C O     1 
HETATM 660 O  O     . HOH M 4 . ? -12.807 5.595   -1.163  1.00 37.55 ? 1183 HOH C O     1 
HETATM 661 O  O     . HOH M 4 . ? -6.716  1.057   -12.755 1.00 40.57 ? 1191 HOH C O     1 
HETATM 662 O  O     . HOH M 4 . ? 1.792   -4.134  20.968  1.00 19.66 ? 1194 HOH C O     1 
HETATM 663 O  O     . HOH M 4 . ? 6.943   1.324   20.607  1.00 35.55 ? 1196 HOH C O     1 
HETATM 664 O  O     . HOH M 4 . ? -13.819 -4.379  -9.890  1.00 41.67 ? 1198 HOH C O     1 
HETATM 665 O  O     . HOH M 4 . ? 4.246   -3.423  14.622  1.00 43.53 ? 1200 HOH C O     1 
HETATM 666 O  O     . HOH M 4 . ? -9.449  6.165   -9.489  1.00 52.63 ? 1202 HOH C O     1 
HETATM 667 O  O     . HOH M 4 . ? 9.626   -3.826  13.136  1.00 55.08 ? 1205 HOH C O     1 
HETATM 668 O  O     . HOH M 4 . ? -11.591 7.196   3.065   1.00 45.70 ? 1213 HOH C O     1 
HETATM 669 O  O     . HOH M 4 . ? -11.080 0.357   2.655   1.00 55.84 ? 1215 HOH C O     1 
HETATM 670 O  O     . HOH M 4 . ? -11.282 9.160   7.074   1.00 48.84 ? 1218 HOH C O     1 
HETATM 671 O  O     . HOH M 4 . ? 4.077   -7.130  13.700  1.00 47.63 ? 1222 HOH C O     1 
HETATM 672 O  O     . HOH M 4 . ? -6.342  -3.377  -10.221 1.00 61.44 ? 1227 HOH C O     1 
HETATM 673 O  O     . HOH M 4 . ? -12.276 3.523   4.871   1.00 50.18 ? 1228 HOH C O     1 
HETATM 674 O  O     . HOH M 4 . ? 2.658   -5.059  18.876  1.00 50.00 ? 1237 HOH C O     1 
HETATM 675 O  O     . HOH M 4 . ? -11.916 6.517   -9.210  1.00 50.00 ? 1239 HOH C O     1 
HETATM 676 O  O     . HOH M 4 . ? 11.039  -3.869  10.909  1.00 50.00 ? 1240 HOH C O     1 
HETATM 677 O  O     . HOH M 4 . ? -11.781 -7.304  -9.398  0.50 50.00 ? 1246 HOH C O     1 
HETATM 678 O  O     . HOH M 4 . ? -9.020  -0.504  5.167   1.00 50.00 ? 1263 HOH C O     1 
HETATM 679 O  O     . HOH M 4 . ? -3.407  -7.776  10.468  1.00 50.00 ? 1266 HOH C O     1 
HETATM 680 O  O     . HOH N 4 . ? 8.040   -3.787  -0.196  1.00 13.15 ? 1101 HOH D O     1 
HETATM 681 O  O     . HOH N 4 . ? -4.483  -1.228  5.492   1.00 15.35 ? 1102 HOH D O     1 
HETATM 682 O  O     . HOH N 4 . ? -0.919  -0.975  7.460   1.00 13.80 ? 1104 HOH D O     1 
HETATM 683 O  O     . HOH N 4 . ? 3.126   -0.123  8.018   1.00 13.30 ? 1105 HOH D O     1 
HETATM 684 O  O     . HOH N 4 . ? 0.712   0.818   8.840   1.00 13.32 ? 1108 HOH D O     1 
HETATM 685 O  O     . HOH N 4 . ? 5.719   -5.451  1.923   1.00 16.57 ? 1109 HOH D O     1 
HETATM 686 O  O     . HOH N 4 . ? 12.765  5.901   5.750   1.00 18.08 ? 1117 HOH D O     1 
HETATM 687 O  O     . HOH N 4 . ? -7.392  -1.222  3.388   1.00 20.08 ? 1120 HOH D O     1 
HETATM 688 O  O     . HOH N 4 . ? -3.566  -1.234  8.086   1.00 24.66 ? 1123 HOH D O     1 
HETATM 689 O  O     . HOH N 4 . ? 14.852  -1.404  0.855   1.00 26.46 ? 1140 HOH D O     1 
HETATM 690 O  O     . HOH N 4 . ? 0.802   -4.478  11.804  1.00 32.82 ? 1148 HOH D O     1 
HETATM 691 O  O     . HOH N 4 . ? 0.600   -7.550  4.978   1.00 32.08 ? 1153 HOH D O     1 
HETATM 692 O  O     . HOH N 4 . ? 9.362   -7.395  7.003   1.00 48.22 ? 1158 HOH D O     1 
HETATM 693 O  O     . HOH N 4 . ? 14.738  -4.737  1.111   1.00 29.35 ? 1163 HOH D O     1 
HETATM 694 O  O     . HOH N 4 . ? 4.970   -7.534  8.685   1.00 43.60 ? 1165 HOH D O     1 
HETATM 695 O  O     . HOH N 4 . ? 15.082  -5.524  4.467   1.00 55.46 ? 1168 HOH D O     1 
HETATM 696 O  O     . HOH N 4 . ? 11.156  -7.266  0.472   1.00 36.93 ? 1171 HOH D O     1 
HETATM 697 O  O     . HOH N 4 . ? -10.399 -2.358  -1.508  1.00 40.29 ? 1176 HOH D O     1 
HETATM 698 O  O     . HOH N 4 . ? 10.008  -7.487  4.609   1.00 46.98 ? 1181 HOH D O     1 
HETATM 699 O  O     . HOH N 4 . ? 6.924   -7.882  3.878   1.00 58.56 ? 1188 HOH D O     1 
HETATM 700 O  O     . HOH N 4 . ? -7.945  -4.404  13.260  1.00 51.53 ? 1192 HOH D O     1 
HETATM 701 O  O     . HOH N 4 . ? 10.164  -9.478  8.256   1.00 41.93 ? 1193 HOH D O     1 
HETATM 702 O  O     . HOH N 4 . ? 7.587   -10.812 8.508   1.00 38.27 ? 1206 HOH D O     1 
HETATM 703 O  O     . HOH N 4 . ? -7.776  -8.849  -2.673  1.00 50.78 ? 1208 HOH D O     1 
HETATM 704 O  O     . HOH N 4 . ? -8.245  -8.204  -5.204  1.00 46.18 ? 1216 HOH D O     1 
HETATM 705 O  O     . HOH N 4 . ? 5.216   -11.009 7.171   1.00 59.19 ? 1220 HOH D O     1 
HETATM 706 O  O     . HOH N 4 . ? 11.888  -4.037  6.796   1.00 42.22 ? 1226 HOH D O     1 
HETATM 707 O  O     . HOH N 4 . ? -6.077  -6.569  -3.260  1.00 50.00 ? 1230 HOH D O     1 
HETATM 708 O  O     . HOH N 4 . ? -5.498  -7.965  -0.844  1.00 50.00 ? 1232 HOH D O     1 
HETATM 709 O  O     . HOH N 4 . ? -6.820  -5.389  -6.718  1.00 50.00 ? 1238 HOH D O     1 
HETATM 710 O  O     . HOH N 4 . ? -10.050 -6.205  8.369   1.00 50.00 ? 1241 HOH D O     1 
HETATM 711 O  O     . HOH N 4 . ? -6.181  -4.222  10.414  1.00 50.00 ? 1242 HOH D O     1 
HETATM 712 O  O     . HOH N 4 . ? -11.129 -9.423  3.057   1.00 50.00 ? 1244 HOH D O     1 
HETATM 713 O  O     . HOH N 4 . ? -9.559  -7.144  -0.049  1.00 50.00 ? 1247 HOH D O     1 
HETATM 714 O  O     . HOH N 4 . ? -9.521  -5.551  -5.633  1.00 50.00 ? 1249 HOH D O     1 
HETATM 715 O  O     . HOH N 4 . ? -14.139 -8.212  5.677   1.00 50.00 ? 1252 HOH D O     1 
HETATM 716 O  O     . HOH N 4 . ? -9.861  -5.731  -2.770  1.00 50.00 ? 1256 HOH D O     1 
HETATM 717 O  O     . HOH N 4 . ? -7.818  -9.440  8.531   1.00 50.00 ? 1260 HOH D O     1 
HETATM 718 O  O     . HOH N 4 . ? 3.270   -8.776  6.550   1.00 50.00 ? 1261 HOH D O     1 
# 
loop_
_atom_site_anisotrop.id 
_atom_site_anisotrop.type_symbol 
_atom_site_anisotrop.pdbx_label_atom_id 
_atom_site_anisotrop.pdbx_label_alt_id 
_atom_site_anisotrop.pdbx_label_comp_id 
_atom_site_anisotrop.pdbx_label_asym_id 
_atom_site_anisotrop.pdbx_label_seq_id 
_atom_site_anisotrop.pdbx_PDB_ins_code 
_atom_site_anisotrop.U[1][1] 
_atom_site_anisotrop.U[2][2] 
_atom_site_anisotrop.U[3][3] 
_atom_site_anisotrop.U[1][2] 
_atom_site_anisotrop.U[1][3] 
_atom_site_anisotrop.U[2][3] 
_atom_site_anisotrop.pdbx_auth_seq_id 
_atom_site_anisotrop.pdbx_auth_comp_id 
_atom_site_anisotrop.pdbx_auth_asym_id 
_atom_site_anisotrop.pdbx_auth_atom_id 
1   O  "O5'" . DT  A 1 ? 0.2386 0.3147 0.2226 -0.0056 -0.0117 0.0307  1001 DT  A "O5'" 
2   C  "C5'" . DT  A 1 ? 0.2086 0.3549 0.2145 -0.0172 0.0192  -0.0746 1001 DT  A "C5'" 
3   C  "C4'" . DT  A 1 ? 0.2809 0.3014 0.2299 0.0446  0.0591  0.0021  1001 DT  A "C4'" 
4   O  "O4'" . DT  A 1 ? 0.3355 0.2872 0.2524 0.0440  0.0458  0.0255  1001 DT  A "O4'" 
5   C  "C3'" . DT  A 1 ? 0.2475 0.2538 0.2821 0.0069  0.0544  -0.0128 1001 DT  A "C3'" 
6   O  "O3'" . DT  A 1 ? 0.2444 0.2269 0.2619 -0.0027 0.0703  0.0195  1001 DT  A "O3'" 
7   C  "C2'" . DT  A 1 ? 0.2668 0.2496 0.2106 -0.0191 0.0698  0.0350  1001 DT  A "C2'" 
8   C  "C1'" . DT  A 1 ? 0.3281 0.2359 0.1923 0.0181  0.0421  -0.0022 1001 DT  A "C1'" 
9   N  N1    . DT  A 1 ? 0.4317 0.2457 0.2049 -0.0385 0.0382  0.0241  1001 DT  A N1    
10  C  C2    . DT  A 1 ? 0.4452 0.2788 0.2406 -0.0502 0.0659  0.0138  1001 DT  A C2    
11  O  O2    . DT  A 1 ? 0.3496 0.5413 0.2346 -0.0629 0.0222  -0.0793 1001 DT  A O2    
12  N  N3    . DT  A 1 ? 0.3607 0.2202 0.3285 0.0103  0.0342  0.0346  1001 DT  A N3    
13  C  C4    . DT  A 1 ? 0.3942 0.2108 0.4171 -0.0488 0.0796  -0.0339 1001 DT  A C4    
14  O  O4    . DT  A 1 ? 0.6665 0.3566 0.2973 -0.2598 0.0488  0.0047  1001 DT  A O4    
15  C  C5    . DT  A 1 ? 0.3247 0.2050 0.3875 -0.0213 0.0561  -0.0514 1001 DT  A C5    
16  C  C7    . DT  A 1 ? 0.4073 0.2097 0.2522 -0.0319 -0.0209 -0.0017 1001 DT  A C7    
17  C  C6    . DT  A 1 ? 0.3406 0.2044 0.2282 -0.0204 0.0083  0.0069  1001 DT  A C6    
18  P  P     . DG  A 2 ? 0.2057 0.2535 0.2145 -0.0096 0.0179  0.0331  1002 DG  A P     
19  O  OP1   . DG  A 2 ? 0.3506 0.3567 0.1928 -0.0309 -0.0052 0.0295  1002 DG  A OP1   
20  O  OP2   . DG  A 2 ? 0.2015 0.2892 0.3636 0.0150  0.0636  0.0717  1002 DG  A OP2   
21  O  "O5'" . DG  A 2 ? 0.2159 0.2345 0.2082 0.0206  0.0496  0.0227  1002 DG  A "O5'" 
22  C  "C5'" . DG  A 2 ? 0.2137 0.2284 0.2414 0.0174  0.0634  0.0251  1002 DG  A "C5'" 
23  C  "C4'" . DG  A 2 ? 0.1839 0.2268 0.1410 -0.0254 0.0418  0.0114  1002 DG  A "C4'" 
24  O  "O4'" . DG  A 2 ? 0.2104 0.2753 0.1782 -0.0873 0.0765  -0.0454 1002 DG  A "O4'" 
25  C  "C3'" . DG  A 2 ? 0.1701 0.2209 0.1225 0.0015  0.0168  0.0015  1002 DG  A "C3'" 
26  O  "O3'" . DG  A 2 ? 0.1882 0.2328 0.1229 0.0091  0.0326  -0.0050 1002 DG  A "O3'" 
27  C  "C2'" . DG  A 2 ? 0.1781 0.1831 0.1581 -0.0134 0.0404  0.0012  1002 DG  A "C2'" 
28  C  "C1'" . DG  A 2 ? 0.1500 0.2721 0.1123 0.0024  0.0270  0.0121  1002 DG  A "C1'" 
29  N  N9    . DG  A 2 ? 0.1515 0.2118 0.1042 0.0070  0.0235  0.0256  1002 DG  A N9    
30  C  C8    . DG  A 2 ? 0.1285 0.2135 0.1203 -0.0200 0.0212  0.0330  1002 DG  A C8    
31  N  N7    . DG  A 2 ? 0.1300 0.1860 0.1034 -0.0155 0.0167  0.0180  1002 DG  A N7    
32  C  C5    . DG  A 2 ? 0.1122 0.1405 0.1125 -0.0217 0.0166  0.0130  1002 DG  A C5    
33  C  C6    . DG  A 2 ? 0.1337 0.0861 0.0972 -0.0031 0.0157  -0.0163 1002 DG  A C6    
34  O  O6    . DG  A 2 ? 0.1287 0.1211 0.0992 0.0008  0.0162  -0.0055 1002 DG  A O6    
35  N  N1    . DG  A 2 ? 0.1242 0.0962 0.0884 -0.0062 0.0077  -0.0251 1002 DG  A N1    
36  C  C2    . DG  A 2 ? 0.1138 0.1181 0.0883 -0.0141 0.0128  -0.0167 1002 DG  A C2    
37  N  N2    . DG  A 2 ? 0.1222 0.1065 0.1155 -0.0152 0.0006  -0.0037 1002 DG  A N2    
38  N  N3    . DG  A 2 ? 0.1289 0.1328 0.0852 -0.0198 0.0058  -0.0200 1002 DG  A N3    
39  C  C4    . DG  A 2 ? 0.1440 0.1330 0.0966 -0.0058 0.0225  -0.0091 1002 DG  A C4    
40  P  P     . DG  A 3 ? 0.2133 0.2250 0.1332 0.0294  0.0173  -0.0336 1003 DG  A P     
41  O  OP1   . DG  A 3 ? 0.2897 0.2939 0.1937 0.0781  0.0874  -0.0152 1003 DG  A OP1   
42  O  OP2   . DG  A 3 ? 0.2582 0.2438 0.1701 0.0131  -0.0491 -0.0745 1003 DG  A OP2   
43  O  "O5'" . DG  A 3 ? 0.1498 0.1834 0.1444 0.0131  0.0074  -0.0078 1003 DG  A "O5'" 
44  C  "C5'" . DG  A 3 ? 0.1380 0.2094 0.1558 0.0209  0.0129  -0.0112 1003 DG  A "C5'" 
45  C  "C4'" . DG  A 3 ? 0.1273 0.2229 0.1453 0.0305  0.0110  -0.0167 1003 DG  A "C4'" 
46  O  "O4'" . DG  A 3 ? 0.1212 0.2106 0.1327 0.0043  0.0032  -0.0363 1003 DG  A "O4'" 
47  C  "C3'" . DG  A 3 ? 0.1698 0.1916 0.2219 0.0652  0.0425  -0.0116 1003 DG  A "C3'" 
48  O  "O3'" . DG  A 3 ? 0.1953 0.2995 0.2761 0.1018  0.0938  0.0915  1003 DG  A "O3'" 
49  C  "C2'" . DG  A 3 ? 0.1792 0.1600 0.1256 0.0225  0.0383  -0.0226 1003 DG  A "C2'" 
50  C  "C1'" . DG  A 3 ? 0.1403 0.1439 0.1469 0.0265  0.0090  -0.0298 1003 DG  A "C1'" 
51  N  N9    . DG  A 3 ? 0.1265 0.1379 0.1142 0.0139  0.0154  -0.0027 1003 DG  A N9    
52  C  C8    . DG  A 3 ? 0.1387 0.1389 0.1061 0.0139  0.0064  -0.0169 1003 DG  A C8    
53  N  N7    . DG  A 3 ? 0.1333 0.1262 0.1022 0.0055  -0.0008 -0.0170 1003 DG  A N7    
54  C  C5    . DG  A 3 ? 0.1172 0.0952 0.1109 -0.0093 0.0105  -0.0150 1003 DG  A C5    
55  C  C6    . DG  A 3 ? 0.1045 0.1112 0.1013 -0.0114 -0.0006 -0.0057 1003 DG  A C6    
56  O  O6    . DG  A 3 ? 0.1263 0.1000 0.1073 0.0095  -0.0013 -0.0089 1003 DG  A O6    
57  N  N1    . DG  A 3 ? 0.1360 0.0955 0.1016 -0.0034 -0.0092 -0.0014 1003 DG  A N1    
58  C  C2    . DG  A 3 ? 0.1251 0.1057 0.1030 -0.0035 -0.0036 -0.0074 1003 DG  A C2    
59  N  N2    . DG  A 3 ? 0.1516 0.1083 0.1057 0.0077  -0.0069 -0.0033 1003 DG  A N2    
60  N  N3    . DG  A 3 ? 0.1256 0.0964 0.1181 -0.0172 0.0030  -0.0013 1003 DG  A N3    
61  C  C4    . DG  A 3 ? 0.1075 0.1195 0.1057 -0.0155 -0.0012 -0.0162 1003 DG  A C4    
62  P  P     . DG  A 4 ? 0.3864 0.2833 0.4248 0.1338  0.1935  0.1822  1004 DG  A P     
63  O  OP1   . DG  A 4 ? 0.3394 0.2703 0.6079 0.0828  0.2836  -0.1291 1004 DG  A OP1   
64  O  OP2   . DG  A 4 ? 0.6174 0.1927 0.4007 0.1128  0.2649  0.0113  1004 DG  A OP2   
65  O  "O5'" . DG  A 4 ? 0.1786 0.3264 0.3060 0.0545  0.0343  0.0679  1004 DG  A "O5'" 
66  C  "C5'" . DG  A 4 ? 0.2063 0.3053 0.2875 0.0354  0.0588  0.0612  1004 DG  A "C5'" 
67  C  "C4'" . DG  A 4 ? 0.1833 0.1601 0.3060 0.0476  0.0250  0.0415  1004 DG  A "C4'" 
68  O  "O4'" . DG  A 4 ? 0.1686 0.1377 0.2435 0.0092  0.0151  0.0019  1004 DG  A "O4'" 
69  C  "C3'" . DG  A 4 ? 0.2479 0.1485 0.2591 0.0615  0.0358  -0.0070 1004 DG  A "C3'" 
70  O  "O3'" . DG  A 4 ? 0.3104 0.1569 0.3313 0.0430  0.0520  0.0504  1004 DG  A "O3'" 
71  C  "C2'" . DG  A 4 ? 0.2356 0.1458 0.3114 0.0362  -0.0115 -0.0866 1004 DG  A "C2'" 
72  C  "C1'" . DG  A 4 ? 0.1767 0.0940 0.2206 0.0037  0.0230  -0.0116 1004 DG  A "C1'" 
73  N  N9    . DG  A 4 ? 0.1703 0.1131 0.1801 0.0075  0.0115  -0.0173 1004 DG  A N9    
74  C  C8    . DG  A 4 ? 0.1567 0.1207 0.1856 -0.0044 0.0296  -0.0091 1004 DG  A C8    
75  N  N7    . DG  A 4 ? 0.1735 0.0995 0.1616 0.0000  0.0286  -0.0082 1004 DG  A N7    
76  C  C5    . DG  A 4 ? 0.1273 0.1317 0.1501 -0.0134 0.0018  -0.0057 1004 DG  A C5    
77  C  C6    . DG  A 4 ? 0.1080 0.1158 0.1320 -0.0310 -0.0110 -0.0097 1004 DG  A C6    
78  O  O6    . DG  A 4 ? 0.1272 0.1258 0.1318 -0.0135 -0.0022 0.0016  1004 DG  A O6    
79  N  N1    . DG  A 4 ? 0.1390 0.1211 0.1387 -0.0150 -0.0005 -0.0005 1004 DG  A N1    
80  C  C2    . DG  A 4 ? 0.1529 0.0955 0.1480 -0.0131 -0.0020 -0.0058 1004 DG  A C2    
81  N  N2    . DG  A 4 ? 0.1900 0.1257 0.1396 -0.0013 -0.0028 -0.0069 1004 DG  A N2    
82  N  N3    . DG  A 4 ? 0.1880 0.0849 0.1602 0.0054  0.0049  -0.0095 1004 DG  A N3    
83  C  C4    . DG  A 4 ? 0.1474 0.1167 0.1552 -0.0050 -0.0008 -0.0127 1004 DG  A C4    
84  P  P     . DG  A 5 ? 0.3694 0.1451 0.4642 0.0506  0.1415  0.0365  1005 DG  A P     
85  O  OP1   . DG  A 5 ? 0.4041 0.2419 0.7081 0.1563  0.1923  0.2009  1005 DG  A OP1   
86  O  OP2   . DG  A 5 ? 0.7239 0.1457 0.5054 -0.0172 0.1901  -0.0900 1005 DG  A OP2   
87  O  "O5'" . DG  A 5 ? 0.3201 0.1989 0.3938 0.0390  0.0885  0.0546  1005 DG  A "O5'" 
88  C  "C5'" . DG  A 5 ? 0.3212 0.2108 0.4103 0.0464  0.0733  0.0250  1005 DG  A "C5'" 
89  C  "C4'" . DG  A 5 ? 0.2991 0.2309 0.2965 0.0306  0.0050  0.0733  1005 DG  A "C4'" 
90  O  "O4'" . DG  A 5 ? 0.3057 0.2096 0.2532 0.0486  -0.0011 0.0120  1005 DG  A "O4'" 
91  C  "C3'" . DG  A 5 ? 0.3672 0.2135 0.2796 0.0166  0.0125  0.0957  1005 DG  A "C3'" 
92  O  "O3'" . DG  A 5 ? 0.5131 0.2554 0.3789 0.0318  0.0764  0.1995  1005 DG  A "O3'" 
93  C  "C2'" . DG  A 5 ? 0.4119 0.1661 0.3222 0.0052  -0.0377 0.0760  1005 DG  A "C2'" 
94  C  "C1'" . DG  A 5 ? 0.2888 0.2190 0.2901 0.0131  0.0124  0.0602  1005 DG  A "C1'" 
95  N  N9    . DG  A 5 ? 0.2419 0.1568 0.2716 -0.0014 0.0181  0.0298  1005 DG  A N9    
96  C  C8    . DG  A 5 ? 0.1915 0.1964 0.2631 -0.0088 -0.0022 0.0273  1005 DG  A C8    
97  N  N7    . DG  A 5 ? 0.1842 0.1844 0.2463 -0.0090 0.0098  0.0150  1005 DG  A N7    
98  C  C5    . DG  A 5 ? 0.2152 0.1641 0.2267 -0.0065 0.0161  0.0114  1005 DG  A C5    
99  C  C6    . DG  A 5 ? 0.1634 0.1421 0.1868 -0.0451 0.0017  -0.0142 1005 DG  A C6    
100 O  O6    . DG  A 5 ? 0.1461 0.1515 0.1756 -0.0375 -0.0014 -0.0187 1005 DG  A O6    
101 N  N1    . DG  A 5 ? 0.1881 0.1442 0.1788 -0.0479 0.0063  -0.0038 1005 DG  A N1    
102 C  C2    . DG  A 5 ? 0.1996 0.1379 0.2267 -0.0440 0.0225  0.0363  1005 DG  A C2    
103 N  N2    . DG  A 5 ? 0.1941 0.1750 0.1819 -0.0430 0.0010  0.0285  1005 DG  A N2    
104 N  N3    . DG  A 5 ? 0.1903 0.1741 0.2645 -0.0388 0.0195  0.0524  1005 DG  A N3    
105 C  C4    . DG  A 5 ? 0.2114 0.1355 0.2670 -0.0396 0.0302  0.0371  1005 DG  A C4    
110 O  "O3'" . DT  B 1 ? 0.8605 0.4352 0.4927 0.2277  0.1123  -0.0794 1007 DT  B "O3'" 
111 P  P     . DG  B 2 ? 0.2575 0.4353 0.2201 0.0962  -0.0467 -0.0280 1008 DG  B P     
112 O  OP1   . DG  B 2 ? 0.4912 0.5876 0.2218 0.1701  -0.0472 0.1048  1008 DG  B OP1   
113 O  OP2   . DG  B 2 ? 0.1823 0.6568 0.2085 0.1122  -0.0418 0.0446  1008 DG  B OP2   
114 O  "O5'" . DG  B 2 ? 0.1939 0.5777 0.2395 0.0687  -0.0010 -0.1596 1008 DG  B "O5'" 
115 C  "C5'" . DG  B 2 ? 0.1753 0.3804 0.2005 0.0009  0.0033  -0.0528 1008 DG  B "C5'" 
116 C  "C4'" . DG  B 2 ? 0.1724 0.2641 0.1289 0.0424  -0.0192 -0.0219 1008 DG  B "C4'" 
117 O  "O4'" . DG  B 2 ? 0.1760 0.1948 0.1629 0.0464  -0.0318 -0.0227 1008 DG  B "O4'" 
118 C  "C3'" . DG  B 2 ? 0.1690 0.2229 0.1324 0.0584  -0.0375 -0.0074 1008 DG  B "C3'" 
119 O  "O3'" . DG  B 2 ? 0.1989 0.2547 0.1305 0.0709  -0.0516 -0.0215 1008 DG  B "O3'" 
120 C  "C2'" . DG  B 2 ? 0.1672 0.2788 0.1174 0.0396  -0.0170 0.0108  1008 DG  B "C2'" 
121 C  "C1'" . DG  B 2 ? 0.1700 0.1830 0.1484 0.0331  -0.0229 0.0070  1008 DG  B "C1'" 
122 N  N9    . DG  B 2 ? 0.1451 0.1544 0.1170 0.0156  -0.0212 -0.0199 1008 DG  B N9    
123 C  C8    . DG  B 2 ? 0.1378 0.1873 0.1168 0.0234  -0.0223 -0.0165 1008 DG  B C8    
124 N  N7    . DG  B 2 ? 0.1242 0.1563 0.1176 0.0070  -0.0072 -0.0176 1008 DG  B N7    
125 C  C5    . DG  B 2 ? 0.1237 0.1311 0.0946 0.0006  -0.0148 -0.0281 1008 DG  B C5    
126 C  C6    . DG  B 2 ? 0.1370 0.0986 0.0942 -0.0050 0.0019  -0.0108 1008 DG  B C6    
127 O  O6    . DG  B 2 ? 0.1011 0.1250 0.1013 -0.0086 0.0019  -0.0008 1008 DG  B O6    
128 N  N1    . DG  B 2 ? 0.1216 0.1149 0.0930 -0.0132 0.0015  -0.0118 1008 DG  B N1    
129 C  C2    . DG  B 2 ? 0.1223 0.1218 0.0942 -0.0175 -0.0034 -0.0113 1008 DG  B C2    
130 N  N2    . DG  B 2 ? 0.1373 0.1580 0.0893 -0.0199 -0.0010 -0.0012 1008 DG  B N2    
131 N  N3    . DG  B 2 ? 0.1473 0.1567 0.1008 0.0081  -0.0141 -0.0079 1008 DG  B N3    
132 C  C4    . DG  B 2 ? 0.1364 0.1406 0.1006 0.0093  -0.0214 -0.0229 1008 DG  B C4    
133 P  P     . DG  B 3 ? 0.1911 0.2378 0.1396 0.0298  -0.0350 -0.0132 1009 DG  B P     
134 O  OP1   . DG  B 3 ? 0.2160 0.3237 0.1406 0.0197  -0.0729 -0.0061 1009 DG  B OP1   
135 O  OP2   . DG  B 3 ? 0.1606 0.3044 0.1608 -0.0162 -0.0333 0.0044  1009 DG  B OP2   
136 O  "O5'" . DG  B 3 ? 0.1901 0.2233 0.1334 0.0251  -0.0036 0.0155  1009 DG  B "O5'" 
137 C  "C5'" . DG  B 3 ? 0.2223 0.1814 0.1676 0.0365  0.0024  0.0350  1009 DG  B "C5'" 
138 C  "C4'" . DG  B 3 ? 0.1729 0.2069 0.1241 0.0138  -0.0257 0.0058  1009 DG  B "C4'" 
139 O  "O4'" . DG  B 3 ? 0.1709 0.1805 0.1350 -0.0043 -0.0208 0.0205  1009 DG  B "O4'" 
140 C  "C3'" . DG  B 3 ? 0.1875 0.2011 0.1163 -0.0064 -0.0098 0.0148  1009 DG  B "C3'" 
141 O  "O3'" . DG  B 3 ? 0.2205 0.2313 0.1216 -0.0082 0.0003  0.0077  1009 DG  B "O3'" 
142 C  "C2'" . DG  B 3 ? 0.1761 0.2094 0.1021 -0.0017 -0.0385 0.0100  1009 DG  B "C2'" 
143 C  "C1'" . DG  B 3 ? 0.1637 0.1856 0.0989 -0.0295 -0.0058 0.0101  1009 DG  B "C1'" 
144 N  N9    . DG  B 3 ? 0.1217 0.1775 0.0924 0.0022  -0.0073 -0.0043 1009 DG  B N9    
145 C  C8    . DG  B 3 ? 0.1359 0.1626 0.1084 0.0137  0.0035  -0.0016 1009 DG  B C8    
146 N  N7    . DG  B 3 ? 0.1042 0.1638 0.1000 -0.0091 -0.0009 -0.0091 1009 DG  B N7    
147 C  C5    . DG  B 3 ? 0.1116 0.1216 0.1014 -0.0158 0.0023  -0.0029 1009 DG  B C5    
148 C  C6    . DG  B 3 ? 0.1254 0.1362 0.0978 -0.0004 0.0035  -0.0058 1009 DG  B C6    
149 O  O6    . DG  B 3 ? 0.1280 0.1379 0.0916 -0.0213 0.0014  -0.0161 1009 DG  B O6    
150 N  N1    . DG  B 3 ? 0.1255 0.1508 0.0807 0.0069  -0.0130 -0.0213 1009 DG  B N1    
151 C  C2    . DG  B 3 ? 0.1103 0.1421 0.1036 -0.0119 0.0049  0.0092  1009 DG  B C2    
152 N  N2    . DG  B 3 ? 0.1141 0.1752 0.1272 0.0051  0.0049  -0.0013 1009 DG  B N2    
153 N  N3    . DG  B 3 ? 0.1148 0.1766 0.0833 -0.0068 -0.0049 -0.0072 1009 DG  B N3    
154 C  C4    . DG  B 3 ? 0.1045 0.1567 0.0951 -0.0120 -0.0044 -0.0077 1009 DG  B C4    
155 P  P     . DG  B 4 ? 0.2699 0.2827 0.1334 0.0231  -0.0315 -0.0289 1010 DG  B P     
156 O  OP1   . DG  B 4 ? 0.4312 0.3447 0.1070 0.0419  -0.0418 0.0012  1010 DG  B OP1   
157 O  OP2   . DG  B 4 ? 0.2642 0.3099 0.2378 0.0106  -0.0932 -0.0892 1010 DG  B OP2   
158 O  "O5'" . DG  B 4 ? 0.2451 0.2342 0.1539 -0.0110 -0.0034 -0.0089 1010 DG  B "O5'" 
159 C  "C5'" . DG  B 4 ? 0.2423 0.2842 0.1282 0.0348  0.0642  0.0235  1010 DG  B "C5'" 
160 C  "C4'" . DG  B 4 ? 0.2671 0.2530 0.1308 0.0267  0.0432  -0.0041 1010 DG  B "C4'" 
161 O  "O4'" . DG  B 4 ? 0.2081 0.2182 0.1208 -0.0093 -0.0017 -0.0219 1010 DG  B "O4'" 
162 C  "C3'" . DG  B 4 ? 0.3052 0.2896 0.1084 0.0497  -0.0046 -0.0379 1010 DG  B "C3'" 
163 O  "O3'" . DG  B 4 ? 0.4027 0.3249 0.1824 0.1153  0.0281  -0.0598 1010 DG  B "O3'" 
164 C  "C2'" . DG  B 4 ? 0.3551 0.2440 0.1310 -0.0456 -0.0102 -0.0688 1010 DG  B "C2'" 
165 C  "C1'" . DG  B 4 ? 0.2435 0.2078 0.1103 0.0106  0.0104  -0.0295 1010 DG  B "C1'" 
166 N  N9    . DG  B 4 ? 0.1854 0.1821 0.1165 -0.0013 -0.0024 -0.0263 1010 DG  B N9    
167 C  C8    . DG  B 4 ? 0.1815 0.1692 0.1176 -0.0075 -0.0136 -0.0313 1010 DG  B C8    
168 N  N7    . DG  B 4 ? 0.1427 0.1403 0.1255 -0.0149 -0.0137 -0.0327 1010 DG  B N7    
169 C  C5    . DG  B 4 ? 0.1447 0.1262 0.1140 -0.0072 -0.0089 -0.0406 1010 DG  B C5    
170 C  C6    . DG  B 4 ? 0.1188 0.1344 0.1099 -0.0249 -0.0068 -0.0372 1010 DG  B C6    
171 O  O6    . DG  B 4 ? 0.1217 0.1431 0.1210 -0.0057 -0.0026 -0.0292 1010 DG  B O6    
172 N  N1    . DG  B 4 ? 0.1495 0.1269 0.1059 0.0063  -0.0001 -0.0404 1010 DG  B N1    
173 C  C2    . DG  B 4 ? 0.1295 0.1705 0.1117 -0.0117 0.0011  -0.0350 1010 DG  B C2    
174 N  N2    . DG  B 4 ? 0.1383 0.1535 0.1373 -0.0028 0.0113  -0.0411 1010 DG  B N2    
175 N  N3    . DG  B 4 ? 0.1537 0.2134 0.1141 0.0114  0.0105  -0.0375 1010 DG  B N3    
176 C  C4    . DG  B 4 ? 0.1588 0.1599 0.1098 -0.0032 -0.0037 -0.0435 1010 DG  B C4    
177 P  P     . DG  B 5 ? 0.3633 0.3420 0.1857 0.0952  -0.0114 -0.0733 1011 DG  B P     
178 O  OP1   . DG  B 5 ? 0.5529 0.3481 0.1624 0.0274  0.0629  -0.0995 1011 DG  B OP1   
179 O  OP2   . DG  B 5 ? 0.3457 0.6344 0.3035 0.1674  -0.0881 -0.2723 1011 DG  B OP2   
180 O  "O5'" . DG  B 5 ? 0.3324 0.2903 0.2447 0.0090  -0.0266 -0.0343 1011 DG  B "O5'" 
181 C  "C5'" . DG  B 5 ? 0.2898 0.3100 0.2489 0.0687  0.0193  -0.0368 1011 DG  B "C5'" 
182 C  "C4'" . DG  B 5 ? 0.2653 0.3363 0.2598 0.0945  0.0769  -0.0117 1011 DG  B "C4'" 
183 O  "O4'" . DG  B 5 ? 0.1989 0.3539 0.2496 0.0517  0.0414  -0.0397 1011 DG  B "O4'" 
184 C  "C3'" . DG  B 5 ? 0.3959 0.3061 0.2728 0.0822  0.1370  -0.0292 1011 DG  B "C3'" 
185 O  "O3'" . DG  B 5 ? 0.5143 0.4113 0.3888 0.2236  0.1714  -0.1270 1011 DG  B "O3'" 
186 C  "C2'" . DG  B 5 ? 0.3476 0.3381 0.2705 0.0353  0.0899  -0.1100 1011 DG  B "C2'" 
187 C  "C1'" . DG  B 5 ? 0.2988 0.3136 0.2447 0.0464  0.0783  -0.0527 1011 DG  B "C1'" 
188 N  N9    . DG  B 5 ? 0.2263 0.2807 0.2014 0.0258  0.0313  -0.0523 1011 DG  B N9    
189 C  C8    . DG  B 5 ? 0.2093 0.2199 0.1815 -0.0243 0.0144  -0.0242 1011 DG  B C8    
190 N  N7    . DG  B 5 ? 0.1769 0.2461 0.1677 0.0104  -0.0231 -0.0387 1011 DG  B N7    
191 C  C5    . DG  B 5 ? 0.1642 0.2112 0.1736 0.0063  -0.0080 -0.0416 1011 DG  B C5    
192 C  C6    . DG  B 5 ? 0.1228 0.1554 0.1963 -0.0217 0.0084  -0.0060 1011 DG  B C6    
193 O  O6    . DG  B 5 ? 0.1515 0.1681 0.1745 0.0031  -0.0075 -0.0291 1011 DG  B O6    
194 N  N1    . DG  B 5 ? 0.1491 0.1689 0.2052 0.0052  -0.0081 -0.0180 1011 DG  B N1    
195 C  C2    . DG  B 5 ? 0.1794 0.1706 0.2277 0.0192  -0.0069 -0.0391 1011 DG  B C2    
196 N  N2    . DG  B 5 ? 0.1774 0.1410 0.2627 0.0211  -0.0312 -0.0520 1011 DG  B N2    
197 N  N3    . DG  B 5 ? 0.1928 0.1745 0.2394 0.0158  0.0088  -0.0550 1011 DG  B N3    
198 C  C4    . DG  B 5 ? 0.2046 0.1855 0.1957 0.0198  0.0018  -0.0639 1011 DG  B C4    
203 O  "O5'" . DT  C 1 ? 0.1872 0.2782 0.1519 -0.0001 0.0365  -0.0062 1013 DT  C "O5'" 
204 C  "C5'" . DT  C 1 ? 0.1562 0.2915 0.1454 0.0017  0.0462  0.0527  1013 DT  C "C5'" 
205 C  "C4'" . DT  C 1 ? 0.1665 0.2796 0.1226 -0.0013 0.0073  0.0053  1013 DT  C "C4'" 
206 O  "O4'" . DT  C 1 ? 0.1759 0.3185 0.0967 -0.0316 0.0198  0.0014  1013 DT  C "O4'" 
207 C  "C3'" . DT  C 1 ? 0.1939 0.2736 0.1033 0.0036  -0.0130 0.0073  1013 DT  C "C3'" 
208 O  "O3'" . DT  C 1 ? 0.2009 0.2856 0.1051 -0.0047 0.0098  -0.0028 1013 DT  C "O3'" 
209 C  "C2'" . DT  C 1 ? 0.1491 0.3235 0.0966 -0.0384 0.0188  -0.0085 1013 DT  C "C2'" 
210 C  "C1'" . DT  C 1 ? 0.1404 0.2788 0.1154 -0.0153 0.0240  0.0006  1013 DT  C "C1'" 
211 N  N1    . DT  C 1 ? 0.1190 0.2722 0.1069 -0.0259 0.0417  0.0039  1013 DT  C N1    
212 C  C2    . DT  C 1 ? 0.1354 0.2968 0.1167 0.0043  0.0317  -0.0123 1013 DT  C C2    
213 O  O2    . DT  C 1 ? 0.2329 0.3585 0.1222 0.0845  0.0235  -0.0349 1013 DT  C O2    
214 N  N3    . DT  C 1 ? 0.1274 0.2635 0.1262 -0.0146 0.0316  0.0034  1013 DT  C N3    
215 C  C4    . DT  C 1 ? 0.0921 0.2716 0.0926 -0.0244 0.0491  0.0054  1013 DT  C C4    
216 O  O4    . DT  C 1 ? 0.1488 0.3075 0.1129 -0.0004 0.0268  -0.0173 1013 DT  C O4    
217 C  C5    . DT  C 1 ? 0.1579 0.2309 0.1203 -0.0289 0.0096  0.0134  1013 DT  C C5    
218 C  C7    . DT  C 1 ? 0.1938 0.2897 0.1307 0.0301  0.0182  0.0050  1013 DT  C C7    
219 C  C6    . DT  C 1 ? 0.1229 0.2588 0.1097 -0.0353 0.0231  0.0045  1013 DT  C C6    
220 P  P     . DG  C 2 ? 0.2297 0.2372 0.1377 -0.0486 0.0166  0.0125  1014 DG  C P     
221 O  OP1   . DG  C 2 ? 0.3052 0.3077 0.2201 -0.1179 0.0772  0.0350  1014 DG  C OP1   
222 O  OP2   . DG  C 2 ? 0.2547 0.2249 0.2022 -0.0178 -0.0188 -0.0248 1014 DG  C OP2   
223 O  "O5'" . DG  C 2 ? 0.1367 0.2677 0.1058 -0.0600 0.0070  0.0030  1014 DG  C "O5'" 
224 C  "C5'" . DG  C 2 ? 0.1310 0.2313 0.1038 -0.0277 0.0211  -0.0084 1014 DG  C "C5'" 
225 C  "C4'" . DG  C 2 ? 0.1432 0.1749 0.1033 -0.0385 0.0272  -0.0301 1014 DG  C "C4'" 
226 O  "O4'" . DG  C 2 ? 0.1477 0.1749 0.1042 -0.0458 0.0305  -0.0312 1014 DG  C "O4'" 
227 C  "C3'" . DG  C 2 ? 0.1361 0.2320 0.0993 -0.0628 0.0097  -0.0108 1014 DG  C "C3'" 
228 O  "O3'" . DG  C 2 ? 0.1464 0.3140 0.1258 -0.0274 0.0138  -0.0043 1014 DG  C "O3'" 
229 C  "C2'" . DG  C 2 ? 0.1758 0.1815 0.0913 -0.0599 0.0231  -0.0157 1014 DG  C "C2'" 
230 C  "C1'" . DG  C 2 ? 0.1133 0.1711 0.1175 -0.0330 0.0287  -0.0147 1014 DG  C "C1'" 
231 N  N9    . DG  C 2 ? 0.1272 0.1431 0.1091 -0.0150 0.0246  -0.0230 1014 DG  C N9    
232 C  C8    . DG  C 2 ? 0.1249 0.1508 0.0990 -0.0195 0.0224  -0.0178 1014 DG  C C8    
233 N  N7    . DG  C 2 ? 0.1095 0.1744 0.1098 -0.0145 0.0192  0.0125  1014 DG  C N7    
234 C  C5    . DG  C 2 ? 0.1149 0.1230 0.1102 -0.0108 0.0169  -0.0039 1014 DG  C C5    
235 C  C6    . DG  C 2 ? 0.0865 0.1483 0.1043 -0.0316 0.0058  -0.0031 1014 DG  C C6    
236 O  O6    . DG  C 2 ? 0.1066 0.1118 0.1058 -0.0212 0.0106  -0.0026 1014 DG  C O6    
237 N  N1    . DG  C 2 ? 0.0985 0.1156 0.1084 -0.0213 0.0027  -0.0255 1014 DG  C N1    
238 C  C2    . DG  C 2 ? 0.1047 0.1236 0.1161 -0.0252 0.0163  -0.0248 1014 DG  C C2    
239 N  N2    . DG  C 2 ? 0.1154 0.1521 0.1460 0.0027  0.0224  -0.0019 1014 DG  C N2    
240 N  N3    . DG  C 2 ? 0.1048 0.1283 0.1260 -0.0195 0.0260  -0.0109 1014 DG  C N3    
241 C  C4    . DG  C 2 ? 0.1071 0.1505 0.1150 -0.0212 0.0213  -0.0125 1014 DG  C C4    
242 P  P     . DG  C 3 ? 0.1572 0.3024 0.1841 -0.0722 -0.0218 0.0486  1015 DG  C P     
243 O  OP1   . DG  C 3 ? 0.1538 0.5027 0.2566 -0.0621 0.0020  0.0076  1015 DG  C OP1   
244 O  OP2   . DG  C 3 ? 0.1917 0.2583 0.4408 -0.1235 -0.1080 0.0978  1015 DG  C OP2   
245 O  "O5'" . DG  C 3 ? 0.2063 0.2311 0.1513 -0.0392 -0.0324 -0.0013 1015 DG  C "O5'" 
246 C  "C5'" . DG  C 3 ? 0.1945 0.2344 0.1388 -0.0056 -0.0133 -0.0090 1015 DG  C "C5'" 
247 C  "C4'" . DG  C 3 ? 0.1129 0.2175 0.1327 0.0171  -0.0019 -0.0384 1015 DG  C "C4'" 
248 O  "O4'" . DG  C 3 ? 0.1195 0.1816 0.1421 -0.0058 0.0115  -0.0382 1015 DG  C "O4'" 
249 C  "C3'" . DG  C 3 ? 0.1194 0.2183 0.1532 -0.0018 0.0053  -0.0294 1015 DG  C "C3'" 
250 O  "O3'" . DG  C 3 ? 0.1137 0.2773 0.1545 0.0117  -0.0070 -0.0247 1015 DG  C "O3'" 
251 C  "C2'" . DG  C 3 ? 0.1100 0.2165 0.1492 -0.0269 0.0185  -0.0387 1015 DG  C "C2'" 
252 C  "C1'" . DG  C 3 ? 0.1164 0.1555 0.1411 -0.0079 0.0079  -0.0272 1015 DG  C "C1'" 
253 N  N9    . DG  C 3 ? 0.1112 0.1550 0.1129 -0.0070 0.0070  -0.0168 1015 DG  C N9    
254 C  C8    . DG  C 3 ? 0.0988 0.1634 0.1113 -0.0314 0.0035  -0.0050 1015 DG  C C8    
255 N  N7    . DG  C 3 ? 0.1111 0.1659 0.1099 -0.0089 -0.0050 -0.0042 1015 DG  C N7    
256 C  C5    . DG  C 3 ? 0.0960 0.1403 0.0911 -0.0138 -0.0136 -0.0235 1015 DG  C C5    
257 C  C6    . DG  C 3 ? 0.0956 0.1349 0.1078 -0.0190 -0.0079 -0.0066 1015 DG  C C6    
258 O  O6    . DG  C 3 ? 0.1034 0.1219 0.0951 -0.0146 0.0034  -0.0128 1015 DG  C O6    
259 N  N1    . DG  C 3 ? 0.0977 0.1383 0.0933 -0.0258 -0.0121 -0.0197 1015 DG  C N1    
260 C  C2    . DG  C 3 ? 0.1064 0.1590 0.1014 -0.0194 -0.0163 -0.0101 1015 DG  C C2    
261 N  N2    . DG  C 3 ? 0.1083 0.1493 0.0987 -0.0182 -0.0132 -0.0164 1015 DG  C N2    
262 N  N3    . DG  C 3 ? 0.1011 0.1668 0.1014 -0.0026 -0.0180 -0.0127 1015 DG  C N3    
263 C  C4    . DG  C 3 ? 0.1182 0.1251 0.0982 -0.0030 -0.0028 -0.0242 1015 DG  C C4    
264 P  P     . DG  C 4 ? 0.1188 0.3241 0.1631 -0.0023 0.0010  -0.0215 1016 DG  C P     
265 O  OP1   . DG  C 4 ? 0.1380 0.3746 0.2289 0.0115  -0.0421 0.0211  1016 DG  C OP1   
266 O  OP2   . DG  C 4 ? 0.1399 0.3193 0.2104 -0.0444 0.0077  -0.0522 1016 DG  C OP2   
267 O  "O5'" . DG  C 4 ? 0.1131 0.4009 0.1815 -0.0078 -0.0223 -0.0780 1016 DG  C "O5'" 
268 C  "C5'" . DG  C 4 ? 0.1461 0.3462 0.1866 -0.0203 -0.0253 -0.0430 1016 DG  C "C5'" 
269 C  "C4'" . DG  C 4 ? 0.1261 0.3594 0.1737 0.0204  -0.0209 -0.0641 1016 DG  C "C4'" 
270 O  "O4'" . DG  C 4 ? 0.1266 0.2703 0.1892 0.0330  -0.0259 -0.0642 1016 DG  C "O4'" 
271 C  "C3'" . DG  C 4 ? 0.1379 0.4439 0.2398 0.0337  -0.0428 -0.1363 1016 DG  C "C3'" 
272 O  "O3'" . DG  C 4 ? 0.1606 0.5201 0.2390 0.0606  -0.0878 -0.1373 1016 DG  C "O3'" 
273 C  "C2'" . DG  C 4 ? 0.1319 0.3761 0.2848 -0.0024 -0.0525 -0.1391 1016 DG  C "C2'" 
274 C  "C1'" . DG  C 4 ? 0.1311 0.2917 0.1872 0.0295  -0.0618 -0.0832 1016 DG  C "C1'" 
275 N  N9    . DG  C 4 ? 0.1180 0.2100 0.1627 -0.0030 -0.0219 -0.0384 1016 DG  C N9    
276 C  C8    . DG  C 4 ? 0.1148 0.1987 0.1510 -0.0272 -0.0144 -0.0535 1016 DG  C C8    
277 N  N7    . DG  C 4 ? 0.1132 0.2028 0.1311 -0.0295 -0.0168 -0.0351 1016 DG  C N7    
278 C  C5    . DG  C 4 ? 0.1084 0.1633 0.1232 -0.0322 -0.0213 -0.0268 1016 DG  C C5    
279 C  C6    . DG  C 4 ? 0.1143 0.1479 0.1270 -0.0297 -0.0187 -0.0069 1016 DG  C C6    
280 O  O6    . DG  C 4 ? 0.1310 0.1589 0.1122 -0.0071 -0.0051 -0.0159 1016 DG  C O6    
281 N  N1    . DG  C 4 ? 0.1179 0.1615 0.1101 -0.0189 -0.0217 -0.0277 1016 DG  C N1    
282 C  C2    . DG  C 4 ? 0.1080 0.1664 0.1300 -0.0340 -0.0287 -0.0104 1016 DG  C C2    
283 N  N2    . DG  C 4 ? 0.1552 0.1517 0.1247 -0.0245 -0.0276 -0.0072 1016 DG  C N2    
284 N  N3    . DG  C 4 ? 0.1141 0.2046 0.1407 -0.0155 -0.0358 -0.0134 1016 DG  C N3    
285 C  C4    . DG  C 4 ? 0.1053 0.2086 0.1372 -0.0197 -0.0305 -0.0292 1016 DG  C C4    
286 P  P     . DG  C 5 ? 0.1505 0.6675 0.2491 0.0398  -0.0561 -0.1964 1017 DG  C P     
287 O  OP1   . DG  C 5 ? 0.2964 1.0090 0.2941 0.2780  -0.1805 -0.2494 1017 DG  C OP1   
288 O  OP2   . DG  C 5 ? 0.2022 0.9016 0.2828 -0.2570 0.0651  -0.2649 1017 DG  C OP2   
289 O  "O5'" . DG  C 5 ? 0.1183 0.5137 0.2278 -0.0279 -0.0211 -0.1090 1017 DG  C "O5'" 
290 C  "C5'" . DG  C 5 ? 0.1598 0.3157 0.2623 0.0385  -0.0642 -0.0873 1017 DG  C "C5'" 
291 C  "C4'" . DG  C 5 ? 0.1799 0.2445 0.1420 0.0075  -0.0451 -0.0110 1017 DG  C "C4'" 
292 O  "O4'" . DG  C 5 ? 0.1157 0.2586 0.1665 -0.0158 -0.0484 -0.0221 1017 DG  C "O4'" 
293 C  "C3'" . DG  C 5 ? 0.1064 0.2869 0.1117 -0.0128 -0.0112 -0.0054 1017 DG  C "C3'" 
294 O  "O3'" . DG  C 5 ? 0.1208 0.3188 0.1102 -0.0120 -0.0071 -0.0132 1017 DG  C "O3'" 
295 C  "C2'" . DG  C 5 ? 0.1421 0.2619 0.1488 -0.0464 -0.0547 -0.0031 1017 DG  C "C2'" 
296 C  "C1'" . DG  C 5 ? 0.1310 0.2347 0.1388 -0.0241 -0.0256 0.0063  1017 DG  C "C1'" 
297 N  N9    . DG  C 5 ? 0.1089 0.2491 0.1189 -0.0193 -0.0168 -0.0266 1017 DG  C N9    
298 C  C8    . DG  C 5 ? 0.1274 0.2447 0.1261 -0.0054 -0.0062 -0.0055 1017 DG  C C8    
299 N  N7    . DG  C 5 ? 0.1164 0.2093 0.1256 -0.0177 -0.0177 -0.0309 1017 DG  C N7    
300 C  C5    . DG  C 5 ? 0.1291 0.1954 0.1290 -0.0116 -0.0065 -0.0141 1017 DG  C C5    
301 C  C6    . DG  C 5 ? 0.1216 0.1711 0.1406 -0.0248 0.0027  0.0158  1017 DG  C C6    
302 O  O6    . DG  C 5 ? 0.1584 0.1583 0.1368 -0.0170 -0.0062 0.0073  1017 DG  C O6    
303 N  N1    . DG  C 5 ? 0.1415 0.1806 0.1286 -0.0124 0.0005  -0.0287 1017 DG  C N1    
304 C  C2    . DG  C 5 ? 0.1318 0.2185 0.1108 -0.0140 -0.0097 -0.0477 1017 DG  C C2    
305 N  N2    . DG  C 5 ? 0.1593 0.2749 0.1299 -0.0018 0.0136  -0.0599 1017 DG  C N2    
306 N  N3    . DG  C 5 ? 0.1221 0.2128 0.1193 -0.0320 -0.0153 -0.0501 1017 DG  C N3    
307 C  C4    . DG  C 5 ? 0.1357 0.1997 0.1169 0.0039  -0.0184 -0.0431 1017 DG  C C4    
308 P  P     . DT  C 6 ? 0.1474 0.2789 0.1172 0.0071  -0.0264 -0.0093 1018 DT  C P     
309 O  OP1   . DT  C 6 ? 0.1614 0.2655 0.1476 0.0074  -0.0309 -0.0224 1018 DT  C OP1   
310 O  OP2   . DT  C 6 ? 0.2089 0.3198 0.1067 0.0171  -0.0054 -0.0190 1018 DT  C OP2   
311 O  "O5'" . DT  C 6 ? 0.1475 0.2654 0.1581 -0.0045 -0.0114 0.0072  1018 DT  C "O5'" 
312 C  "C5'" . DT  C 6 ? 0.1752 0.2708 0.1404 -0.0091 -0.0295 0.0187  1018 DT  C "C5'" 
313 C  "C4'" . DT  C 6 ? 0.1845 0.2603 0.1705 -0.0059 -0.0173 0.0302  1018 DT  C "C4'" 
314 O  "O4'" . DT  C 6 ? 0.1536 0.3217 0.1435 -0.0118 0.0077  0.0113  1018 DT  C "O4'" 
315 C  "C3'" . DT  C 6 ? 0.2460 0.2547 0.1513 0.0378  -0.0126 -0.0011 1018 DT  C "C3'" 
316 O  "O3'" . DT  C 6 ? 0.3084 0.3676 0.2221 0.0316  -0.0647 -0.0639 1018 DT  C "O3'" 
317 C  "C2'" . DT  C 6 ? 0.2344 0.3290 0.1450 0.0401  0.0074  0.0016  1018 DT  C "C2'" 
318 C  "C1'" . DT  C 6 ? 0.1783 0.2710 0.1504 -0.0024 0.0274  -0.0169 1018 DT  C "C1'" 
319 N  N1    . DT  C 6 ? 0.1641 0.2659 0.1948 -0.0076 0.0115  0.0280  1018 DT  C N1    
320 C  C2    . DT  C 6 ? 0.2291 0.2386 0.2547 0.0231  -0.0840 -0.0203 1018 DT  C C2    
321 O  O2    . DT  C 6 ? 0.2499 0.2490 0.4076 0.0409  -0.0129 0.0413  1018 DT  C O2    
322 N  N3    . DT  C 6 ? 0.1857 0.2624 0.2182 0.0137  -0.0078 -0.0444 1018 DT  C N3    
323 C  C4    . DT  C 6 ? 0.1482 0.2353 0.1568 -0.0377 0.0190  0.0541  1018 DT  C C4    
324 O  O4    . DT  C 6 ? 0.1834 0.2629 0.1679 -0.0587 0.0322  0.0289  1018 DT  C O4    
325 C  C5    . DT  C 6 ? 0.1703 0.2635 0.1068 -0.0183 0.0118  0.0382  1018 DT  C C5    
326 C  C7    . DT  C 6 ? 0.1974 0.2727 0.1759 0.0104  -0.0340 -0.0151 1018 DT  C C7    
327 C  C6    . DT  C 6 ? 0.1319 0.2692 0.1622 -0.0078 0.0202  0.0025  1018 DT  C C6    
328 C  "C4'" . DT  D 1 ? 0.4522 0.2522 0.4250 0.1358  -0.0969 -0.1089 1019 DT  D "C4'" 
329 O  "O4'" . DT  D 1 ? 0.2488 0.3595 0.3335 0.0672  -0.0464 -0.0088 1019 DT  D "O4'" 
330 C  "C3'" . DT  D 1 ? 0.3005 0.4121 0.3532 0.0792  0.0049  -0.0429 1019 DT  D "C3'" 
331 O  "O3'" . DT  D 1 ? 0.2937 0.4024 0.2655 0.0961  0.0250  -0.0194 1019 DT  D "O3'" 
332 C  "C2'" . DT  D 1 ? 0.3347 0.4065 0.2517 0.0827  0.0632  0.0561  1019 DT  D "C2'" 
333 C  "C1'" . DT  D 1 ? 0.2682 0.2788 0.2313 0.0322  -0.0004 0.0608  1019 DT  D "C1'" 
334 N  N1    . DT  D 1 ? 0.2595 0.2826 0.3176 0.0072  0.0424  0.0420  1019 DT  D N1    
335 C  C2    . DT  D 1 ? 0.2172 0.2905 0.2740 0.0213  -0.0287 0.0189  1019 DT  D C2    
336 O  O2    . DT  D 1 ? 0.1892 0.2595 0.3530 0.0446  -0.0035 -0.0540 1019 DT  D O2    
337 N  N3    . DT  D 1 ? 0.1974 0.3375 0.2519 -0.0211 -0.0533 -0.0420 1019 DT  D N3    
338 C  C4    . DT  D 1 ? 0.1825 0.3847 0.2939 -0.0427 -0.0751 -0.0287 1019 DT  D C4    
339 O  O4    . DT  D 1 ? 0.2088 0.3210 0.3171 -0.0328 -0.0157 0.0585  1019 DT  D O4    
340 C  C5    . DT  D 1 ? 0.2363 0.3093 0.3488 -0.0087 -0.0050 0.0761  1019 DT  D C5    
341 C  C7    . DT  D 1 ? 0.2576 0.3163 0.3292 -0.0082 0.0038  0.1200  1019 DT  D C7    
342 C  C6    . DT  D 1 ? 0.2857 0.3324 0.2906 -0.0291 0.0256  0.0555  1019 DT  D C6    
343 P  P     . DG  D 2 ? 0.3291 0.2360 0.2089 0.1063  0.0442  0.0531  1020 DG  D P     
344 O  OP1   . DG  D 2 ? 0.4320 0.2552 0.2733 0.0965  0.1049  0.0962  1020 DG  D OP1   
345 O  OP2   . DG  D 2 ? 0.1972 0.2570 0.2247 0.0506  0.0177  0.0434  1020 DG  D OP2   
346 O  "O5'" . DG  D 2 ? 0.2473 0.1971 0.2405 0.0402  0.0658  0.0381  1020 DG  D "O5'" 
347 C  "C5'" . DG  D 2 ? 0.2930 0.1725 0.1777 0.0147  0.0922  -0.0026 1020 DG  D "C5'" 
348 C  "C4'" . DG  D 2 ? 0.1666 0.1320 0.1770 0.0049  0.0012  0.0016  1020 DG  D "C4'" 
349 O  "O4'" . DG  D 2 ? 0.1491 0.1464 0.1689 0.0212  -0.0092 0.0085  1020 DG  D "O4'" 
350 C  "C3'" . DG  D 2 ? 0.1845 0.1612 0.1501 0.0236  0.0282  0.0263  1020 DG  D "C3'" 
351 O  "O3'" . DG  D 2 ? 0.1937 0.1683 0.1896 0.0263  -0.0066 0.0585  1020 DG  D "O3'" 
352 C  "C2'" . DG  D 2 ? 0.2044 0.1686 0.1122 0.0395  0.0096  0.0310  1020 DG  D "C2'" 
353 C  "C1'" . DG  D 2 ? 0.1573 0.1625 0.1180 0.0263  -0.0087 -0.0020 1020 DG  D "C1'" 
354 N  N9    . DG  D 2 ? 0.1446 0.1454 0.1138 0.0115  0.0007  0.0118  1020 DG  D N9    
355 C  C8    . DG  D 2 ? 0.1434 0.0995 0.1110 0.0040  0.0074  -0.0069 1020 DG  D C8    
356 N  N7    . DG  D 2 ? 0.1269 0.1087 0.1113 -0.0033 0.0131  0.0063  1020 DG  D N7    
357 C  C5    . DG  D 2 ? 0.1229 0.1080 0.1028 -0.0123 0.0017  -0.0024 1020 DG  D C5    
358 C  C6    . DG  D 2 ? 0.1267 0.0963 0.0875 -0.0069 0.0023  -0.0192 1020 DG  D C6    
359 O  O6    . DG  D 2 ? 0.1178 0.1010 0.0993 -0.0115 0.0118  0.0026  1020 DG  D O6    
360 N  N1    . DG  D 2 ? 0.1255 0.1142 0.0917 -0.0274 0.0109  0.0045  1020 DG  D N1    
361 C  C2    . DG  D 2 ? 0.1175 0.1141 0.1048 -0.0217 0.0088  0.0126  1020 DG  D C2    
362 N  N2    . DG  D 2 ? 0.1406 0.1171 0.0939 -0.0303 0.0189  0.0096  1020 DG  D N2    
363 N  N3    . DG  D 2 ? 0.1219 0.1455 0.1058 -0.0193 0.0022  0.0147  1020 DG  D N3    
364 C  C4    . DG  D 2 ? 0.1276 0.1108 0.1070 -0.0095 0.0075  0.0077  1020 DG  D C4    
365 P  P     . DG  D 3 ? 0.2386 0.1548 0.2064 0.0064  0.0115  0.0445  1021 DG  D P     
366 O  OP1   . DG  D 3 ? 0.2748 0.1681 0.3071 0.0107  -0.0066 0.0855  1021 DG  D OP1   
367 O  OP2   . DG  D 3 ? 0.2814 0.1966 0.2423 -0.0020 0.0230  -0.0272 1021 DG  D OP2   
368 O  "O5'" . DG  D 3 ? 0.2074 0.1821 0.1630 -0.0099 -0.0113 0.0225  1021 DG  D "O5'" 
369 C  "C5'" . DG  D 3 ? 0.2237 0.2232 0.1360 -0.0121 -0.0075 0.0402  1021 DG  D "C5'" 
370 C  "C4'" . DG  D 3 ? 0.2183 0.1927 0.1229 -0.0320 -0.0033 0.0456  1021 DG  D "C4'" 
371 O  "O4'" . DG  D 3 ? 0.2380 0.1676 0.1234 -0.0271 -0.0267 0.0130  1021 DG  D "O4'" 
372 C  "C3'" . DG  D 3 ? 0.2481 0.2064 0.1633 -0.0445 -0.0068 0.0643  1021 DG  D "C3'" 
373 O  "O3'" . DG  D 3 ? 0.2184 0.3215 0.1740 -0.0700 -0.0198 0.1035  1021 DG  D "O3'" 
374 C  "C2'" . DG  D 3 ? 0.2585 0.1790 0.1544 -0.0629 -0.0165 0.0388  1021 DG  D "C2'" 
375 C  "C1'" . DG  D 3 ? 0.2104 0.1833 0.1116 -0.0356 0.0047  0.0358  1021 DG  D "C1'" 
376 N  N9    . DG  D 3 ? 0.1676 0.1486 0.1040 0.0040  0.0050  0.0124  1021 DG  D N9    
377 C  C8    . DG  D 3 ? 0.1510 0.1651 0.1156 0.0019  0.0057  0.0263  1021 DG  D C8    
378 N  N7    . DG  D 3 ? 0.1378 0.1350 0.1128 0.0010  0.0060  0.0149  1021 DG  D N7    
379 C  C5    . DG  D 3 ? 0.1265 0.1122 0.0975 -0.0190 0.0119  0.0030  1021 DG  D C5    
380 C  C6    . DG  D 3 ? 0.0998 0.1049 0.1135 -0.0330 0.0124  0.0061  1021 DG  D C6    
381 O  O6    . DG  D 3 ? 0.1249 0.1195 0.0970 -0.0163 0.0146  0.0081  1021 DG  D O6    
382 N  N1    . DG  D 3 ? 0.1088 0.1193 0.0978 -0.0276 0.0140  -0.0055 1021 DG  D N1    
383 C  C2    . DG  D 3 ? 0.1160 0.1378 0.0916 -0.0289 0.0081  -0.0061 1021 DG  D C2    
384 N  N2    . DG  D 3 ? 0.1229 0.1429 0.0956 -0.0172 0.0148  -0.0083 1021 DG  D N2    
385 N  N3    . DG  D 3 ? 0.1289 0.1303 0.0993 -0.0272 0.0099  0.0004  1021 DG  D N3    
386 C  C4    . DG  D 3 ? 0.1556 0.1111 0.0978 -0.0075 0.0146  -0.0027 1021 DG  D C4    
387 P  P     . DG  D 4 ? 0.2649 0.3014 0.2598 -0.0701 0.0173  0.1106  1022 DG  D P     
388 O  OP1   . DG  D 4 ? 0.3133 0.3158 0.2968 -0.0129 0.0356  0.1838  1022 DG  D OP1   
389 O  OP2   . DG  D 4 ? 0.3079 0.3257 0.3857 -0.0482 0.0117  0.0325  1022 DG  D OP2   
390 O  "O5'" . DG  D 4 ? 0.2401 0.2636 0.2627 -0.1031 -0.0118 0.0776  1022 DG  D "O5'" 
391 C  "C5'" . DG  D 4 ? 0.2218 0.3025 0.1852 -0.1038 0.0274  0.0732  1022 DG  D "C5'" 
392 C  "C4'" . DG  D 4 ? 0.2443 0.2630 0.1766 -0.0864 0.0219  0.0406  1022 DG  D "C4'" 
393 O  "O4'" . DG  D 4 ? 0.2150 0.2371 0.1505 -0.0743 0.0327  0.0075  1022 DG  D "O4'" 
394 C  "C3'" . DG  D 4 ? 0.2290 0.2497 0.1909 -0.0699 0.0051  0.0630  1022 DG  D "C3'" 
395 O  "O3'" . DG  D 4 ? 0.2403 0.2826 0.3209 -0.0995 0.0595  0.0366  1022 DG  D "O3'" 
396 C  "C2'" . DG  D 4 ? 0.2640 0.1957 0.1916 -0.0791 -0.0056 0.0571  1022 DG  D "C2'" 
397 C  "C1'" . DG  D 4 ? 0.1788 0.1756 0.1753 -0.0618 0.0131  0.0295  1022 DG  D "C1'" 
398 N  N9    . DG  D 4 ? 0.1751 0.1308 0.1479 -0.0546 -0.0026 -0.0051 1022 DG  D N9    
399 C  C8    . DG  D 4 ? 0.1621 0.1668 0.1589 -0.0462 -0.0096 0.0204  1022 DG  D C8    
400 N  N7    . DG  D 4 ? 0.1533 0.1249 0.1544 -0.0245 -0.0108 -0.0004 1022 DG  D N7    
401 C  C5    . DG  D 4 ? 0.1389 0.1200 0.1363 -0.0273 -0.0016 -0.0132 1022 DG  D C5    
402 C  C6    . DG  D 4 ? 0.1259 0.1315 0.1223 -0.0306 -0.0080 -0.0232 1022 DG  D C6    
403 O  O6    . DG  D 4 ? 0.1367 0.1266 0.1246 -0.0129 0.0061  -0.0222 1022 DG  D O6    
404 N  N1    . DG  D 4 ? 0.1137 0.1147 0.1382 -0.0339 -0.0020 -0.0279 1022 DG  D N1    
405 C  C2    . DG  D 4 ? 0.1322 0.1395 0.1374 -0.0460 0.0117  -0.0173 1022 DG  D C2    
406 N  N2    . DG  D 4 ? 0.1141 0.1756 0.1500 -0.0408 0.0181  -0.0212 1022 DG  D N2    
407 N  N3    . DG  D 4 ? 0.1388 0.1497 0.1441 -0.0442 0.0134  -0.0190 1022 DG  D N3    
408 C  C4    . DG  D 4 ? 0.1348 0.1628 0.1294 -0.0484 -0.0046 -0.0134 1022 DG  D C4    
409 P  P     . DG  D 5 ? 0.2541 0.3278 0.2344 -0.1156 0.0392  0.0596  1023 DG  D P     
410 O  OP1   . DG  D 5 ? 0.2609 0.4732 0.2063 -0.1443 0.0382  0.0657  1023 DG  D OP1   
411 O  OP2   . DG  D 5 ? 0.2292 0.3038 0.4061 -0.1229 -0.0183 0.0306  1023 DG  D OP2   
412 O  "O5'" . DG  D 5 ? 0.3588 0.3148 0.1643 -0.0518 0.0392  -0.0144 1023 DG  D "O5'" 
413 C  "C5'" . DG  D 5 ? 0.2218 0.3955 0.2073 -0.0003 0.0571  -0.0195 1023 DG  D "C5'" 
414 C  "C4'" . DG  D 5 ? 0.2177 0.4435 0.2078 -0.0423 0.0490  -0.0020 1023 DG  D "C4'" 
415 O  "O4'" . DG  D 5 ? 0.2083 0.3220 0.2207 -0.0407 0.0516  0.0030  1023 DG  D "O4'" 
416 C  "C3'" . DG  D 5 ? 0.2493 0.4962 0.2003 -0.1154 0.0663  0.0388  1023 DG  D "C3'" 
417 O  "O3'" . DG  D 5 ? 0.1492 0.7530 0.4601 -0.1248 0.0735  0.0035  1023 DG  D "O3'" 
418 C  "C2'" . DG  D 5 ? 0.2828 0.3518 0.2337 -0.1067 0.0624  0.0411  1023 DG  D "C2'" 
419 C  "C1'" . DG  D 5 ? 0.1870 0.3692 0.1802 -0.1053 0.0215  0.0343  1023 DG  D "C1'" 
420 N  N9    . DG  D 5 ? 0.1884 0.3195 0.1409 -0.0743 -0.0035 0.0097  1023 DG  D N9    
421 C  C8    . DG  D 5 ? 0.1988 0.2253 0.1534 -0.0990 -0.0119 0.0064  1023 DG  D C8    
422 N  N7    . DG  D 5 ? 0.2189 0.1709 0.1383 -0.0605 0.0017  -0.0153 1023 DG  D N7    
423 C  C5    . DG  D 5 ? 0.1823 0.1415 0.1430 -0.0677 -0.0033 -0.0198 1023 DG  D C5    
424 C  C6    . DG  D 5 ? 0.1962 0.1406 0.1416 -0.0120 0.0176  -0.0196 1023 DG  D C6    
425 O  O6    . DG  D 5 ? 0.1730 0.1331 0.1569 -0.0224 -0.0072 -0.0157 1023 DG  D O6    
426 N  N1    . DG  D 5 ? 0.1430 0.2257 0.1387 -0.0537 -0.0047 0.0024  1023 DG  D N1    
427 C  C2    . DG  D 5 ? 0.1345 0.2115 0.1437 -0.0688 -0.0070 -0.0213 1023 DG  D C2    
428 N  N2    . DG  D 5 ? 0.1477 0.2565 0.1495 -0.0469 -0.0071 -0.0094 1023 DG  D N2    
429 N  N3    . DG  D 5 ? 0.1531 0.2550 0.1334 -0.0766 -0.0086 -0.0218 1023 DG  D N3    
430 C  C4    . DG  D 5 ? 0.1476 0.2679 0.1435 -0.0992 -0.0124 -0.0034 1023 DG  D C4    
435 NA NA    . NA  E . ? 0.0768 0.0670 0.0785 -0.0285 -0.0025 -0.0127 28   NA  A NA    
436 NA NA    . NA  F . ? 0.0381 0.0494 0.0211 -0.0057 0.0081  -0.0033 30   NA  A NA    
437 C  C1    . DM1 G . ? 0.1129 0.1306 0.1122 -0.0108 0.0126  0.0008  25   DM1 B C1    
438 C  C2    . DM1 G . ? 0.1385 0.1201 0.1134 0.0038  0.0194  -0.0090 25   DM1 B C2    
439 C  C3    . DM1 G . ? 0.1337 0.1468 0.1055 -0.0148 0.0067  -0.0018 25   DM1 B C3    
440 C  C4    . DM1 G . ? 0.1413 0.1280 0.1013 -0.0054 -0.0023 -0.0027 25   DM1 B C4    
441 O  O4    . DM1 G . ? 0.1555 0.1466 0.1071 0.0081  0.0130  0.0110  25   DM1 B O4    
442 C  C5    . DM1 G . ? 0.1211 0.1039 0.0952 -0.0100 -0.0092 -0.0141 25   DM1 B C5    
443 C  C6    . DM1 G . ? 0.1140 0.1578 0.1125 0.0069  -0.0151 0.0022  25   DM1 B C6    
444 O  O6    . DM1 G . ? 0.1433 0.1647 0.1169 0.0165  -0.0337 -0.0084 25   DM1 B O6    
445 C  C7    . DM1 G . ? 0.1279 0.1342 0.1226 0.0050  0.0007  -0.0046 25   DM1 B C7    
446 C  C8    . DM1 G . ? 0.1081 0.1167 0.1488 -0.0096 -0.0053 -0.0119 25   DM1 B C8    
447 O  O8    . DM1 G . ? 0.1462 0.1577 0.1619 0.0235  -0.0334 -0.0229 25   DM1 B O8    
448 C  C9    . DM1 G . ? 0.1047 0.1674 0.1400 -0.0056 -0.0071 -0.0224 25   DM1 B C9    
449 C  C10   . DM1 G . ? 0.1160 0.1874 0.1620 0.0100  0.0006  -0.0532 25   DM1 B C10   
450 O  O10   . DM1 G . ? 0.1143 0.1921 0.1537 0.0135  -0.0110 -0.0350 25   DM1 B O10   
451 C  C11   . DM1 G . ? 0.1232 0.2278 0.1639 0.0111  0.0073  -0.0686 25   DM1 B C11   
452 C  C12   . DM1 G . ? 0.1164 0.2032 0.1484 -0.0353 0.0214  -0.0530 25   DM1 B C12   
453 O  O12   . DM1 G . ? 0.1605 0.2455 0.1535 -0.0945 0.0351  -0.0527 25   DM1 B O12   
454 C  C13   . DM1 G . ? 0.1838 0.2888 0.1509 -0.0342 0.0562  -0.0649 25   DM1 B C13   
455 O  O13   . DM1 G . ? 0.3474 0.2048 0.1471 -0.0681 0.0170  -0.0244 25   DM1 B O13   
456 C  C14   . DM1 G . ? 0.2085 0.3879 0.3868 -0.0585 0.1690  -0.0413 25   DM1 B C14   
457 C  C15   . DM1 G . ? 0.1194 0.1648 0.1316 -0.0185 0.0174  -0.0197 25   DM1 B C15   
458 C  C16   . DM1 G . ? 0.1000 0.1596 0.1284 -0.0179 0.0005  -0.0189 25   DM1 B C16   
459 C  C17   . DM1 G . ? 0.1023 0.1254 0.1192 -0.0170 0.0070  -0.0042 25   DM1 B C17   
460 O  O17   . DM1 G . ? 0.1285 0.1110 0.1160 -0.0199 -0.0084 -0.0127 25   DM1 B O17   
461 C  C18   . DM1 G . ? 0.1219 0.1216 0.0996 0.0005  -0.0027 -0.0195 25   DM1 B C18   
462 C  C19   . DM1 G . ? 0.1133 0.1208 0.1043 -0.0127 0.0071  0.0026  25   DM1 B C19   
463 O  O19   . DM1 G . ? 0.1101 0.1400 0.0995 -0.0094 -0.0005 0.0047  25   DM1 B O19   
464 C  C20   . DM1 G . ? 0.1029 0.1069 0.0992 -0.0138 -0.0015 -0.0011 25   DM1 B C20   
465 C  C21   . DM1 G . ? 0.2566 0.1731 0.0967 0.0117  0.0032  0.0050  25   DM1 B C21   
466 C  "C1'" . DM1 G . ? 0.1302 0.1971 0.1735 0.0417  -0.0084 -0.0432 25   DM1 B "C1'" 
467 C  "C2'" . DM1 G . ? 0.1401 0.2114 0.1426 0.0228  -0.0160 -0.0151 25   DM1 B "C2'" 
468 C  "C3'" . DM1 G . ? 0.1334 0.2417 0.1400 0.0039  0.0071  -0.0533 25   DM1 B "C3'" 
469 N  "N3'" . DM1 G . ? 0.1451 0.2337 0.1533 0.0131  -0.0166 -0.0555 25   DM1 B "N3'" 
470 C  "C4'" . DM1 G . ? 0.1228 0.2507 0.1696 0.0352  -0.0044 -0.0638 25   DM1 B "C4'" 
471 O  "O4'" . DM1 G . ? 0.1374 0.3667 0.2091 0.0529  0.0067  0.0027  25   DM1 B "O4'" 
472 C  "C5'" . DM1 G . ? 0.1609 0.2273 0.1838 0.0116  0.0135  -0.0687 25   DM1 B "C5'" 
473 O  "O5'" . DM1 G . ? 0.1284 0.2308 0.1957 0.0342  0.0137  -0.0515 25   DM1 B "O5'" 
474 C  "C6'" . DM1 G . ? 0.1594 0.5274 0.3275 -0.0620 0.0933  -0.2729 25   DM1 B "C6'" 
475 C  C1    . DM1 H . ? 0.1583 0.1024 0.0959 -0.0482 0.0173  -0.0065 27   DM1 C C1    
476 C  C2    . DM1 H . ? 0.1525 0.1288 0.1024 -0.0380 0.0069  -0.0203 27   DM1 C C2    
477 C  C3    . DM1 H . ? 0.1556 0.1221 0.0999 -0.0385 0.0006  -0.0134 27   DM1 C C3    
478 C  C4    . DM1 H . ? 0.1294 0.1288 0.0983 -0.0406 0.0048  -0.0218 27   DM1 C C4    
479 O  O4    . DM1 H . ? 0.1401 0.1584 0.1213 -0.0069 0.0195  -0.0245 27   DM1 C O4    
480 C  C5    . DM1 H . ? 0.1389 0.1081 0.0933 -0.0374 0.0245  -0.0038 27   DM1 C C5    
481 C  C6    . DM1 H . ? 0.1411 0.1185 0.0804 -0.0378 0.0232  -0.0175 27   DM1 C C6    
482 O  O6    . DM1 H . ? 0.1380 0.2038 0.0761 -0.0313 0.0297  -0.0020 27   DM1 C O6    
483 C  C7    . DM1 H . ? 0.1461 0.1258 0.0918 -0.0371 0.0172  0.0010  27   DM1 C C7    
484 C  C8    . DM1 H . ? 0.1611 0.1316 0.1139 -0.0300 0.0255  0.0195  27   DM1 C C8    
485 O  O8    . DM1 H . ? 0.1632 0.1651 0.1115 -0.0378 0.0319  0.0315  27   DM1 C O8    
486 C  C9    . DM1 H . ? 0.1437 0.1664 0.1148 -0.0467 -0.0029 0.0283  27   DM1 C C9    
487 C  C10   . DM1 H . ? 0.2240 0.1475 0.1265 -0.0381 -0.0088 0.0372  27   DM1 C C10   
488 O  O10   . DM1 H . ? 0.2553 0.1839 0.1422 -0.0762 -0.0139 0.0495  27   DM1 C O10   
489 C  C11   . DM1 H . ? 0.2307 0.1989 0.1326 -0.0313 -0.0200 0.0644  27   DM1 C C11   
490 C  C12   . DM1 H . ? 0.2417 0.1757 0.2043 -0.0049 -0.0033 0.0614  27   DM1 C C12   
491 O  O12   . DM1 H . ? 0.3191 0.1378 0.2785 0.0094  -0.0588 0.0651  27   DM1 C O12   
492 C  C13   . DM1 H . ? 0.2768 0.2714 0.1676 0.0353  -0.0387 0.0295  27   DM1 C C13   
493 O  O13   . DM1 H . ? 0.3026 0.3160 0.2457 0.0459  -0.1058 -0.0666 27   DM1 C O13   
494 C  C14   . DM1 H . ? 0.3477 0.3320 0.2381 0.1387  0.0470  0.0977  27   DM1 C C14   
495 C  C15   . DM1 H . ? 0.1933 0.1509 0.1496 0.0132  0.0017  0.0068  27   DM1 C C15   
496 C  C16   . DM1 H . ? 0.1503 0.1300 0.1298 -0.0312 -0.0045 0.0000  27   DM1 C C16   
497 C  C17   . DM1 H . ? 0.1472 0.1051 0.1258 -0.0406 0.0146  -0.0016 27   DM1 C C17   
498 O  O17   . DM1 H . ? 0.1434 0.1711 0.1465 -0.0196 0.0139  -0.0250 27   DM1 C O17   
499 C  C18   . DM1 H . ? 0.1418 0.1242 0.1262 -0.0339 0.0295  0.0175  27   DM1 C C18   
500 C  C19   . DM1 H . ? 0.1515 0.1087 0.1029 -0.0320 0.0293  -0.0064 27   DM1 C C19   
501 O  O19   . DM1 H . ? 0.1434 0.1228 0.1062 -0.0238 0.0184  -0.0076 27   DM1 C O19   
502 C  C20   . DM1 H . ? 0.1365 0.1337 0.0935 -0.0378 0.0259  -0.0073 27   DM1 C C20   
503 C  C21   . DM1 H . ? 0.1679 0.1679 0.1878 0.0129  0.0244  0.0215  27   DM1 C C21   
504 C  "C1'" . DM1 H . ? 0.2148 0.1521 0.1481 -0.0390 -0.0225 0.0457  27   DM1 C "C1'" 
505 C  "C2'" . DM1 H . ? 0.1888 0.1907 0.1623 -0.0182 -0.0226 0.0283  27   DM1 C "C2'" 
506 C  "C3'" . DM1 H . ? 0.2553 0.1719 0.1697 -0.0512 -0.0246 -0.0095 27   DM1 C "C3'" 
507 N  "N3'" . DM1 H . ? 0.3021 0.2453 0.2520 -0.1196 -0.0495 0.0254  27   DM1 C "N3'" 
508 C  "C4'" . DM1 H . ? 0.2364 0.1436 0.1896 -0.0225 -0.0095 0.0087  27   DM1 C "C4'" 
509 O  "O4'" . DM1 H . ? 0.2675 0.1608 0.1860 -0.0603 0.0013  0.0281  27   DM1 C "O4'" 
510 C  "C5'" . DM1 H . ? 0.2431 0.1356 0.1567 -0.0298 -0.0218 0.0500  27   DM1 C "C5'" 
511 O  "O5'" . DM1 H . ? 0.1831 0.1425 0.1445 -0.0321 -0.0090 0.0330  27   DM1 C "O5'" 
512 C  "C6'" . DM1 H . ? 0.2477 0.2315 0.1946 -0.0222 -0.0514 0.0854  27   DM1 C "C6'" 
513 NA NA    . NA  I . ? 0.0304 0.0512 0.0234 -0.0151 0.0012  -0.0082 29   NA  C NA    
514 C  C1    . DM1 J . ? 0.1009 0.0910 0.1020 -0.0123 0.0124  -0.0029 26   DM1 D C1    
515 C  C2    . DM1 J . ? 0.1215 0.0996 0.0978 -0.0047 0.0228  -0.0046 26   DM1 D C2    
516 C  C3    . DM1 J . ? 0.1046 0.1211 0.0877 -0.0139 0.0091  -0.0166 26   DM1 D C3    
517 C  C4    . DM1 J . ? 0.1071 0.1224 0.0961 -0.0113 0.0103  -0.0135 26   DM1 D C4    
518 O  O4    . DM1 J . ? 0.1190 0.1425 0.0876 -0.0064 0.0096  0.0003  26   DM1 D O4    
519 C  C5    . DM1 J . ? 0.0959 0.0947 0.0926 -0.0175 0.0091  -0.0051 26   DM1 D C5    
520 C  C6    . DM1 J . ? 0.1100 0.0990 0.0902 -0.0026 0.0072  -0.0058 26   DM1 D C6    
521 O  O6    . DM1 J . ? 0.1128 0.1614 0.0935 0.0180  0.0096  -0.0005 26   DM1 D O6    
522 C  C7    . DM1 J . ? 0.1108 0.1112 0.0918 0.0109  0.0153  -0.0066 26   DM1 D C7    
523 C  C8    . DM1 J . ? 0.1032 0.1321 0.1043 0.0093  0.0168  -0.0002 26   DM1 D C8    
524 O  O8    . DM1 J . ? 0.1180 0.1462 0.1364 0.0308  0.0148  0.0061  26   DM1 D O8    
525 C  C9    . DM1 J . ? 0.1158 0.1006 0.1018 -0.0155 0.0197  -0.0240 26   DM1 D C9    
526 C  C10   . DM1 J . ? 0.1347 0.1094 0.1156 -0.0037 0.0412  -0.0166 26   DM1 D C10   
527 O  O10   . DM1 J . ? 0.1175 0.1173 0.1222 0.0019  0.0236  -0.0050 26   DM1 D O10   
528 C  C11   . DM1 J . ? 0.1299 0.1429 0.1084 -0.0145 0.0336  -0.0171 26   DM1 D C11   
529 C  C12   . DM1 J . ? 0.1132 0.1155 0.1228 -0.0158 0.0330  0.0005  26   DM1 D C12   
530 O  O12   . DM1 J . ? 0.1209 0.1185 0.1133 -0.0102 0.0329  -0.0188 26   DM1 D O12   
531 C  C13   . DM1 J . ? 0.1320 0.1352 0.1114 -0.0282 0.0278  -0.0185 26   DM1 D C13   
532 O  O13   . DM1 J . ? 0.2171 0.1481 0.1331 -0.0037 0.0718  0.0155  26   DM1 D O13   
533 C  C14   . DM1 J . ? 0.1795 0.1631 0.1535 -0.0210 0.0654  -0.0357 26   DM1 D C14   
534 C  C15   . DM1 J . ? 0.1480 0.1054 0.1167 -0.0137 0.0408  0.0020  26   DM1 D C15   
535 C  C16   . DM1 J . ? 0.1136 0.1259 0.0984 -0.0187 0.0172  -0.0103 26   DM1 D C16   
536 C  C17   . DM1 J . ? 0.1289 0.0948 0.0946 -0.0094 0.0184  -0.0048 26   DM1 D C17   
537 O  O17   . DM1 J . ? 0.1447 0.1004 0.1019 -0.0047 0.0162  0.0061  26   DM1 D O17   
538 C  C18   . DM1 J . ? 0.1071 0.1180 0.0942 -0.0004 0.0126  -0.0029 26   DM1 D C18   
539 C  C19   . DM1 J . ? 0.1163 0.0860 0.1045 -0.0006 0.0223  0.0029  26   DM1 D C19   
540 O  O19   . DM1 J . ? 0.1104 0.1232 0.0880 -0.0029 0.0103  -0.0099 26   DM1 D O19   
541 C  C20   . DM1 J . ? 0.1066 0.0922 0.0949 -0.0084 0.0165  -0.0073 26   DM1 D C20   
542 C  C21   . DM1 J . ? 0.1447 0.1626 0.0751 -0.0255 0.0194  -0.0187 26   DM1 D C21   
543 C  "C1'" . DM1 J . ? 0.1292 0.1443 0.1281 0.0180  0.0330  0.0105  26   DM1 D "C1'" 
544 C  "C2'" . DM1 J . ? 0.1537 0.1480 0.1170 0.0126  0.0213  0.0154  26   DM1 D "C2'" 
545 C  "C3'" . DM1 J . ? 0.1495 0.1449 0.1464 0.0240  0.0404  -0.0092 26   DM1 D "C3'" 
546 N  "N3'" . DM1 J . ? 0.1583 0.1372 0.1797 0.0244  0.0374  0.0100  26   DM1 D "N3'" 
547 C  "C4'" . DM1 J . ? 0.1286 0.1647 0.1369 0.0158  0.0225  -0.0039 26   DM1 D "C4'" 
548 O  "O4'" . DM1 J . ? 0.1387 0.1841 0.1488 0.0319  0.0197  0.0022  26   DM1 D "O4'" 
549 C  "C5'" . DM1 J . ? 0.1483 0.1622 0.1349 0.0229  0.0323  -0.0116 26   DM1 D "C5'" 
550 O  "O5'" . DM1 J . ? 0.1193 0.1619 0.1401 0.0015  0.0206  -0.0081 26   DM1 D "O5'" 
551 C  "C6'" . DM1 J . ? 0.2246 0.1791 0.2397 0.0104  0.1357  -0.0010 26   DM1 D "C6'" 
# 
